data_2XDM
#
_entry.id   2XDM
#
_cell.length_a   103.308
_cell.length_b   91.568
_cell.length_c   106.871
_cell.angle_alpha   90.00
_cell.angle_beta   94.37
_cell.angle_gamma   90.00
#
_symmetry.space_group_name_H-M   'P 1 21 1'
#
loop_
_entity.id
_entity.type
_entity.pdbx_description
1 polymer 'D-ALANYL-D-ALANINE CARBOXYPEPTIDASE'
2 non-polymer 'SULFATE ION'
3 non-polymer 'COBALT (II) ION'
4 non-polymer '(D-ALPHA-AMINOPIMELYLAMINO)-D-1-ETHYLBORONIC ACID'
5 non-polymer '2-(N-MORPHOLINO)-ETHANESULFONIC ACID'
6 water water
#
_entity_poly.entity_id   1
_entity_poly.type   'polypeptide(L)'
_entity_poly.pdbx_seq_one_letter_code
;RLTELREDIDAILEDPALEGAVSGVVVVDTATGEELYSRDGGEQLLPASNMKLFTAAAALEVLGADHSFGTEVAAESAPG
RRGEVQDLYLVGRGDPTLSAEDLDAMAAEVAASGVRTVRGDLYADDTWFDSERLVDDWWPEDEPYAYSAQISALTVAHGE
RFDTGVTEVSVTPAAEGEPADVDLGAAEGYAELDNRAVTGAAGSANTLVIDRPVGTNTIAVTGSLPADAAPVTALRTVDE
PAALAGHLFEEALESNGVTVKGDVGLGGVPADWQDAEVLADHTSAELSEILVPFMKFSNNGHAEMLVKSIGQETAGAGTW
DAGLVGVEEALSGLGVDTAGLVLNDGSGLSRGNLVTADTVVDLLGQAGSAPWAQTWSASLPVAGESDPFVGGTLANRMRG
TAAEGVVEAKTGTMSGVSALSGYVPGPEGELAFSIVNNGHSGPAPLAVQDAIAVRLAEYAGHQAPE
;
_entity_poly.pdbx_strand_id   A,B,C,D
#
loop_
_chem_comp.id
_chem_comp.type
_chem_comp.name
_chem_comp.formula
BO8 non-polymer '(D-ALPHA-AMINOPIMELYLAMINO)-D-1-ETHYLBORONIC ACID' 'C9 H20 B N2 O6 -1'
CO non-polymer 'COBALT (II) ION' 'Co 2'
MES non-polymer '2-(N-MORPHOLINO)-ETHANESULFONIC ACID' 'C6 H13 N O4 S'
SO4 non-polymer 'SULFATE ION' 'O4 S -2'
#
# COMPACT_ATOMS: atom_id res chain seq x y z
N ARG A 1 -33.06 -77.90 -40.44
CA ARG A 1 -33.52 -76.60 -39.87
C ARG A 1 -32.47 -75.49 -39.98
N LEU A 2 -31.21 -75.87 -39.85
CA LEU A 2 -30.08 -74.93 -39.87
C LEU A 2 -29.86 -74.32 -41.26
N THR A 3 -29.96 -75.15 -42.29
CA THR A 3 -29.78 -74.75 -43.68
C THR A 3 -30.75 -73.62 -44.09
N GLU A 4 -31.98 -73.72 -43.60
CA GLU A 4 -33.05 -72.76 -43.90
C GLU A 4 -32.91 -71.46 -43.10
N LEU A 5 -32.37 -71.56 -41.89
CA LEU A 5 -32.10 -70.41 -41.02
C LEU A 5 -31.04 -69.51 -41.64
N ARG A 6 -30.09 -70.14 -42.33
CA ARG A 6 -29.04 -69.42 -43.04
C ARG A 6 -29.62 -68.66 -44.23
N GLU A 7 -30.49 -69.33 -45.00
CA GLU A 7 -31.23 -68.69 -46.09
C GLU A 7 -32.05 -67.49 -45.61
N ASP A 8 -32.68 -67.65 -44.45
CA ASP A 8 -33.57 -66.62 -43.91
C ASP A 8 -32.82 -65.38 -43.45
N ILE A 9 -31.67 -65.57 -42.81
CA ILE A 9 -30.85 -64.44 -42.36
C ILE A 9 -30.14 -63.78 -43.55
N ASP A 10 -29.74 -64.58 -44.54
CA ASP A 10 -29.22 -64.09 -45.82
C ASP A 10 -30.20 -63.10 -46.45
N ALA A 11 -31.47 -63.49 -46.55
CA ALA A 11 -32.52 -62.66 -47.15
C ALA A 11 -32.78 -61.40 -46.34
N ILE A 12 -32.79 -61.54 -45.01
CA ILE A 12 -33.02 -60.42 -44.09
C ILE A 12 -31.94 -59.36 -44.28
N LEU A 13 -30.69 -59.82 -44.41
CA LEU A 13 -29.55 -58.93 -44.54
C LEU A 13 -29.46 -58.31 -45.94
N GLU A 14 -30.27 -58.81 -46.87
CA GLU A 14 -30.35 -58.25 -48.21
C GLU A 14 -31.23 -56.98 -48.29
N ASP A 15 -31.66 -56.49 -47.13
CA ASP A 15 -32.52 -55.30 -47.05
C ASP A 15 -31.85 -54.04 -47.59
N PRO A 16 -32.59 -53.24 -48.38
CA PRO A 16 -32.20 -51.89 -48.86
C PRO A 16 -31.69 -50.91 -47.79
N ALA A 17 -32.10 -51.10 -46.53
CA ALA A 17 -31.66 -50.24 -45.42
C ALA A 17 -30.17 -50.45 -45.07
N LEU A 18 -29.63 -51.59 -45.47
CA LEU A 18 -28.21 -51.90 -45.26
C LEU A 18 -27.32 -51.60 -46.48
N GLU A 19 -27.79 -50.74 -47.39
CA GLU A 19 -27.01 -50.32 -48.56
C GLU A 19 -25.73 -49.55 -48.20
N GLY A 20 -24.59 -50.07 -48.65
CA GLY A 20 -23.28 -49.49 -48.36
C GLY A 20 -22.78 -49.74 -46.94
N ALA A 21 -23.45 -50.64 -46.23
CA ALA A 21 -23.12 -50.96 -44.85
C ALA A 21 -22.32 -52.24 -44.76
N VAL A 22 -21.41 -52.29 -43.81
CA VAL A 22 -20.79 -53.55 -43.38
C VAL A 22 -21.53 -54.02 -42.13
N SER A 23 -21.92 -55.29 -42.12
CA SER A 23 -22.68 -55.86 -41.02
C SER A 23 -22.01 -57.14 -40.51
N GLY A 24 -21.51 -57.09 -39.28
CA GLY A 24 -20.97 -58.29 -38.64
C GLY A 24 -22.10 -59.04 -37.97
N VAL A 25 -22.39 -60.24 -38.46
CA VAL A 25 -23.44 -61.09 -37.87
C VAL A 25 -22.92 -62.49 -37.52
N VAL A 26 -23.01 -62.83 -36.24
CA VAL A 26 -22.51 -64.09 -35.71
C VAL A 26 -23.57 -64.70 -34.77
N VAL A 27 -23.80 -65.99 -34.92
CA VAL A 27 -24.79 -66.69 -34.11
C VAL A 27 -24.22 -68.04 -33.66
N VAL A 28 -24.28 -68.29 -32.36
CA VAL A 28 -23.69 -69.50 -31.80
C VAL A 28 -24.65 -70.19 -30.82
N ASP A 29 -24.76 -71.51 -30.95
CA ASP A 29 -25.43 -72.35 -29.93
C ASP A 29 -24.47 -72.43 -28.76
N THR A 30 -24.91 -71.94 -27.61
CA THR A 30 -23.99 -71.73 -26.49
C THR A 30 -23.74 -73.00 -25.68
N ALA A 31 -24.56 -74.02 -25.91
CA ALA A 31 -24.37 -75.32 -25.30
C ALA A 31 -23.31 -76.12 -26.06
N THR A 32 -23.52 -76.31 -27.36
CA THR A 32 -22.61 -77.14 -28.17
C THR A 32 -21.34 -76.37 -28.56
N GLY A 33 -21.51 -75.07 -28.80
CA GLY A 33 -20.41 -74.23 -29.29
C GLY A 33 -20.52 -74.07 -30.80
N GLU A 34 -21.54 -74.70 -31.37
CA GLU A 34 -21.78 -74.69 -32.80
C GLU A 34 -22.04 -73.28 -33.31
N GLU A 35 -21.29 -72.90 -34.33
CA GLU A 35 -21.54 -71.67 -35.06
C GLU A 35 -22.68 -71.89 -36.04
N LEU A 36 -23.82 -71.25 -35.78
CA LEU A 36 -25.01 -71.42 -36.62
C LEU A 36 -25.03 -70.47 -37.80
N TYR A 37 -24.41 -69.30 -37.64
CA TYR A 37 -24.34 -68.28 -38.69
C TYR A 37 -23.14 -67.36 -38.44
N SER A 38 -22.44 -67.02 -39.52
CA SER A 38 -21.30 -66.11 -39.45
C SER A 38 -21.15 -65.35 -40.76
N ARG A 39 -21.02 -64.04 -40.65
CA ARG A 39 -20.80 -63.16 -41.79
C ARG A 39 -20.01 -61.95 -41.30
N ASP A 40 -18.83 -61.73 -41.89
CA ASP A 40 -17.92 -60.67 -41.45
C ASP A 40 -17.72 -60.71 -39.93
N GLY A 41 -17.60 -61.91 -39.39
CA GLY A 41 -17.48 -62.16 -37.96
C GLY A 41 -16.23 -61.59 -37.32
N GLY A 42 -15.18 -61.47 -38.12
CA GLY A 42 -13.89 -60.95 -37.67
C GLY A 42 -13.61 -59.53 -38.18
N GLU A 43 -14.61 -58.91 -38.79
CA GLU A 43 -14.51 -57.52 -39.24
C GLU A 43 -14.60 -56.54 -38.06
N GLN A 44 -13.74 -55.52 -38.07
CA GLN A 44 -13.67 -54.53 -37.02
C GLN A 44 -14.65 -53.39 -37.28
N LEU A 45 -15.58 -53.19 -36.34
CA LEU A 45 -16.65 -52.22 -36.51
C LEU A 45 -16.86 -51.44 -35.22
N LEU A 46 -17.36 -50.20 -35.35
CA LEU A 46 -17.80 -49.38 -34.21
C LEU A 46 -19.00 -50.07 -33.57
N PRO A 47 -18.98 -50.22 -32.24
CA PRO A 47 -20.04 -50.94 -31.54
C PRO A 47 -21.13 -50.05 -30.94
N ALA A 48 -20.90 -48.73 -30.95
CA ALA A 48 -21.71 -47.77 -30.19
C ALA A 48 -21.85 -48.30 -28.76
N SER A 49 -23.07 -48.36 -28.23
CA SER A 49 -23.26 -48.81 -26.83
C SER A 49 -23.16 -50.32 -26.54
N ASN A 50 -22.97 -51.14 -27.58
CA ASN A 50 -22.59 -52.54 -27.36
C ASN A 50 -21.26 -52.65 -26.59
N MET A 51 -20.51 -51.55 -26.59
CA MET A 51 -19.27 -51.42 -25.85
C MET A 51 -19.48 -51.57 -24.33
N LYS A 52 -20.64 -51.18 -23.84
CA LYS A 52 -21.04 -51.38 -22.43
C LYS A 52 -21.04 -52.84 -22.00
N LEU A 53 -21.23 -53.78 -22.94
CA LEU A 53 -21.12 -55.23 -22.66
C LEU A 53 -19.75 -55.60 -22.09
N PHE A 54 -18.70 -55.06 -22.68
CA PHE A 54 -17.34 -55.34 -22.27
C PHE A 54 -17.02 -54.71 -20.93
N THR A 55 -17.47 -53.46 -20.77
CA THR A 55 -17.39 -52.69 -19.53
C THR A 55 -18.10 -53.34 -18.34
N ALA A 56 -19.36 -53.72 -18.52
CA ALA A 56 -20.16 -54.39 -17.47
C ALA A 56 -19.50 -55.68 -16.96
N ALA A 57 -19.01 -56.50 -17.89
CA ALA A 57 -18.35 -57.76 -17.57
C ALA A 57 -17.08 -57.52 -16.78
N ALA A 58 -16.30 -56.52 -17.19
CA ALA A 58 -15.05 -56.19 -16.52
C ALA A 58 -15.27 -55.58 -15.14
N ALA A 59 -16.33 -54.80 -14.97
CA ALA A 59 -16.64 -54.22 -13.65
C ALA A 59 -17.05 -55.30 -12.67
N LEU A 60 -17.81 -56.29 -13.15
CA LEU A 60 -18.18 -57.40 -12.29
C LEU A 60 -16.96 -58.26 -11.93
N GLU A 61 -16.01 -58.41 -12.86
CA GLU A 61 -14.77 -59.15 -12.55
C GLU A 61 -13.84 -58.40 -11.61
N VAL A 62 -13.64 -57.11 -11.86
CA VAL A 62 -12.71 -56.32 -11.09
C VAL A 62 -13.32 -55.88 -9.74
N LEU A 63 -14.52 -55.30 -9.78
CA LEU A 63 -15.14 -54.70 -8.58
C LEU A 63 -16.00 -55.75 -7.84
N GLY A 64 -16.63 -56.65 -8.60
CA GLY A 64 -17.47 -57.67 -8.00
C GLY A 64 -18.91 -57.18 -7.90
N ALA A 65 -19.83 -58.13 -7.90
CA ALA A 65 -21.27 -57.87 -7.77
C ALA A 65 -21.64 -57.29 -6.41
N ASP A 66 -20.73 -57.40 -5.43
CA ASP A 66 -20.97 -56.94 -4.06
C ASP A 66 -20.51 -55.49 -3.83
N HIS A 67 -19.85 -54.93 -4.83
CA HIS A 67 -19.13 -53.70 -4.68
C HIS A 67 -20.11 -52.53 -4.54
N SER A 68 -19.89 -51.70 -3.55
CA SER A 68 -20.65 -50.44 -3.49
C SER A 68 -19.71 -49.24 -3.46
N PHE A 69 -20.29 -48.04 -3.51
CA PHE A 69 -19.51 -46.80 -3.61
C PHE A 69 -19.86 -45.81 -2.50
N GLY A 70 -18.89 -45.03 -2.04
CA GLY A 70 -19.10 -44.14 -0.91
C GLY A 70 -18.95 -42.67 -1.22
N THR A 71 -19.70 -41.86 -0.47
CA THR A 71 -19.54 -40.41 -0.42
C THR A 71 -19.47 -40.08 1.06
N GLU A 72 -18.60 -39.15 1.43
CA GLU A 72 -18.49 -38.75 2.83
C GLU A 72 -18.21 -37.27 3.00
N VAL A 73 -18.47 -36.76 4.21
CA VAL A 73 -18.26 -35.34 4.54
C VAL A 73 -17.21 -35.26 5.64
N ALA A 74 -16.23 -34.35 5.49
CA ALA A 74 -15.04 -34.35 6.32
C ALA A 74 -14.54 -32.97 6.78
N ALA A 75 -14.41 -32.83 8.10
CA ALA A 75 -13.80 -31.64 8.72
C ALA A 75 -12.49 -32.05 9.36
N GLU A 76 -11.63 -31.05 9.63
CA GLU A 76 -10.31 -31.32 10.21
C GLU A 76 -10.42 -31.93 11.61
N SER A 77 -11.44 -31.51 12.36
CA SER A 77 -11.77 -32.08 13.66
C SER A 77 -13.27 -31.91 13.90
N ALA A 78 -13.81 -32.67 14.86
CA ALA A 78 -15.23 -32.63 15.22
C ALA A 78 -15.69 -31.24 15.69
N PRO A 79 -17.02 -30.97 15.63
CA PRO A 79 -17.51 -29.65 15.98
C PRO A 79 -17.43 -29.42 17.49
N GLY A 80 -17.33 -28.16 17.89
CA GLY A 80 -17.11 -27.81 19.30
C GLY A 80 -18.33 -27.93 20.19
N ARG A 81 -18.23 -27.35 21.38
CA ARG A 81 -19.41 -27.06 22.18
C ARG A 81 -20.19 -25.96 21.46
N ARG A 82 -19.44 -25.11 20.76
CA ARG A 82 -19.98 -24.03 19.92
C ARG A 82 -20.59 -24.60 18.62
N GLY A 83 -20.21 -25.83 18.29
CA GLY A 83 -20.71 -26.50 17.10
C GLY A 83 -20.12 -25.94 15.81
N GLU A 84 -18.85 -25.58 15.86
CA GLU A 84 -18.19 -24.93 14.73
C GLU A 84 -17.04 -25.76 14.15
N VAL A 85 -17.07 -25.89 12.82
CA VAL A 85 -15.94 -26.39 12.04
C VAL A 85 -15.45 -25.24 11.17
N GLN A 86 -14.26 -25.38 10.58
CA GLN A 86 -13.76 -24.40 9.64
C GLN A 86 -14.17 -24.74 8.20
N ASP A 87 -13.28 -25.42 7.49
CA ASP A 87 -13.60 -25.90 6.17
C ASP A 87 -14.29 -27.23 6.31
N LEU A 88 -15.21 -27.50 5.38
CA LEU A 88 -15.87 -28.79 5.27
C LEU A 88 -15.59 -29.32 3.86
N TYR A 89 -15.47 -30.64 3.74
CA TYR A 89 -15.24 -31.29 2.46
C TYR A 89 -16.32 -32.32 2.18
N LEU A 90 -17.01 -32.16 1.05
CA LEU A 90 -17.81 -33.26 0.46
C LEU A 90 -16.91 -34.08 -0.44
N VAL A 91 -16.71 -35.36 -0.11
CA VAL A 91 -15.79 -36.23 -0.83
C VAL A 91 -16.51 -37.37 -1.53
N GLY A 92 -16.43 -37.43 -2.85
CA GLY A 92 -17.07 -38.50 -3.58
C GLY A 92 -16.09 -39.55 -4.09
N ARG A 93 -16.49 -40.83 -4.03
CA ARG A 93 -15.64 -41.90 -4.55
C ARG A 93 -16.34 -42.76 -5.61
N GLY A 94 -16.82 -42.10 -6.67
CA GLY A 94 -17.27 -42.77 -7.86
C GLY A 94 -18.69 -43.30 -7.83
N ASP A 95 -19.50 -42.84 -6.87
CA ASP A 95 -20.89 -43.25 -6.80
C ASP A 95 -21.71 -42.72 -8.00
N PRO A 96 -22.17 -43.64 -8.89
CA PRO A 96 -22.89 -43.20 -10.09
C PRO A 96 -24.40 -42.99 -9.85
N THR A 97 -24.84 -43.13 -8.61
CA THR A 97 -26.27 -43.11 -8.25
C THR A 97 -26.56 -42.21 -7.03
N LEU A 98 -25.73 -41.20 -6.82
CA LEU A 98 -25.86 -40.29 -5.68
C LEU A 98 -26.91 -39.21 -5.96
N SER A 99 -27.98 -39.19 -5.17
CA SER A 99 -29.12 -38.29 -5.38
C SER A 99 -29.06 -36.99 -4.58
N ALA A 100 -29.92 -36.04 -4.92
CA ALA A 100 -30.12 -34.85 -4.10
C ALA A 100 -30.63 -35.18 -2.70
N GLU A 101 -31.43 -36.24 -2.59
CA GLU A 101 -31.95 -36.66 -1.29
C GLU A 101 -30.84 -37.25 -0.42
N ASP A 102 -29.94 -38.01 -1.07
CA ASP A 102 -28.72 -38.52 -0.44
C ASP A 102 -27.85 -37.39 0.15
N LEU A 103 -27.76 -36.26 -0.55
CA LEU A 103 -27.05 -35.08 -0.05
C LEU A 103 -27.79 -34.45 1.11
N ASP A 104 -29.11 -34.45 1.06
CA ASP A 104 -29.90 -33.96 2.16
C ASP A 104 -29.70 -34.79 3.43
N ALA A 105 -29.69 -36.12 3.28
CA ALA A 105 -29.53 -37.01 4.43
C ALA A 105 -28.15 -36.86 5.07
N MET A 106 -27.12 -36.57 4.28
CA MET A 106 -25.78 -36.33 4.82
C MET A 106 -25.71 -35.00 5.54
N ALA A 107 -26.44 -34.02 5.01
CA ALA A 107 -26.61 -32.72 5.63
C ALA A 107 -27.28 -32.86 6.99
N ALA A 108 -28.22 -33.81 7.09
CA ALA A 108 -28.90 -34.05 8.35
C ALA A 108 -27.95 -34.67 9.37
N GLU A 109 -27.00 -35.46 8.87
CA GLU A 109 -25.99 -36.11 9.72
C GLU A 109 -24.96 -35.11 10.20
N VAL A 110 -24.59 -34.16 9.34
CA VAL A 110 -23.69 -33.10 9.75
C VAL A 110 -24.30 -32.33 10.92
N ALA A 111 -25.58 -31.99 10.80
CA ALA A 111 -26.33 -31.34 11.88
C ALA A 111 -26.45 -32.18 13.14
N ALA A 112 -26.78 -33.48 12.97
CA ALA A 112 -26.99 -34.38 14.10
C ALA A 112 -25.67 -34.70 14.82
N SER A 113 -24.56 -34.37 14.17
CA SER A 113 -23.25 -34.61 14.74
C SER A 113 -22.76 -33.36 15.48
N GLY A 114 -23.57 -32.30 15.46
CA GLY A 114 -23.30 -31.14 16.30
C GLY A 114 -22.74 -29.89 15.63
N VAL A 115 -22.66 -29.88 14.30
CA VAL A 115 -22.30 -28.67 13.55
C VAL A 115 -23.51 -27.76 13.43
N ARG A 116 -23.29 -26.45 13.59
CA ARG A 116 -24.32 -25.46 13.36
C ARG A 116 -23.78 -24.41 12.40
N THR A 117 -22.45 -24.30 12.34
CA THR A 117 -21.78 -23.32 11.51
C THR A 117 -20.53 -23.89 10.83
N VAL A 118 -20.49 -23.77 9.51
CA VAL A 118 -19.25 -23.91 8.77
C VAL A 118 -18.70 -22.50 8.62
N ARG A 119 -17.65 -22.20 9.37
CA ARG A 119 -17.06 -20.85 9.38
C ARG A 119 -16.21 -20.58 8.16
N GLY A 120 -15.60 -21.62 7.61
CA GLY A 120 -14.74 -21.50 6.45
C GLY A 120 -15.51 -21.83 5.20
N ASP A 121 -14.84 -22.48 4.26
CA ASP A 121 -15.38 -22.80 2.94
C ASP A 121 -15.86 -24.26 2.83
N LEU A 122 -16.80 -24.50 1.91
CA LEU A 122 -17.21 -25.85 1.52
C LEU A 122 -16.54 -26.27 0.23
N TYR A 123 -15.82 -27.39 0.26
CA TYR A 123 -15.17 -27.90 -0.93
C TYR A 123 -15.78 -29.19 -1.38
N ALA A 124 -15.87 -29.33 -2.70
CA ALA A 124 -16.28 -30.56 -3.33
C ALA A 124 -15.03 -31.25 -3.81
N ASP A 125 -14.78 -32.42 -3.25
CA ASP A 125 -13.60 -33.24 -3.54
C ASP A 125 -13.96 -34.42 -4.45
N ASP A 126 -13.47 -34.34 -5.69
CA ASP A 126 -13.68 -35.39 -6.68
C ASP A 126 -12.36 -35.96 -7.17
N THR A 127 -11.35 -35.84 -6.31
CA THR A 127 -9.97 -36.16 -6.63
C THR A 127 -9.67 -37.69 -6.72
N TRP A 128 -10.64 -38.50 -6.30
CA TRP A 128 -10.60 -39.98 -6.45
C TRP A 128 -10.46 -40.44 -7.92
N PHE A 129 -11.01 -39.65 -8.84
CA PHE A 129 -10.79 -39.83 -10.28
C PHE A 129 -10.02 -38.58 -10.68
N ASP A 130 -9.35 -38.64 -11.84
CA ASP A 130 -8.77 -37.45 -12.49
C ASP A 130 -9.83 -36.42 -12.94
N SER A 131 -9.38 -35.26 -13.38
CA SER A 131 -10.30 -34.25 -13.84
C SER A 131 -10.39 -34.18 -15.37
N GLU A 132 -10.11 -35.28 -16.04
CA GLU A 132 -10.38 -35.35 -17.49
C GLU A 132 -11.86 -35.64 -17.64
N ARG A 133 -12.63 -34.60 -17.95
CA ARG A 133 -14.10 -34.65 -17.93
C ARG A 133 -14.67 -35.41 -19.12
N LEU A 134 -14.03 -35.27 -20.28
CA LEU A 134 -14.53 -35.91 -21.50
C LEU A 134 -13.40 -36.62 -22.23
N VAL A 135 -13.76 -37.64 -23.01
CA VAL A 135 -12.82 -38.41 -23.84
C VAL A 135 -12.36 -37.53 -25.00
N ASP A 136 -11.13 -37.78 -25.46
CA ASP A 136 -10.51 -37.04 -26.57
C ASP A 136 -11.47 -36.79 -27.75
N ASP A 137 -11.99 -37.86 -28.33
CA ASP A 137 -12.65 -37.74 -29.64
C ASP A 137 -14.18 -37.60 -29.60
N TRP A 138 -14.73 -37.35 -28.42
CA TRP A 138 -16.15 -37.04 -28.28
C TRP A 138 -16.42 -35.66 -28.89
N TRP A 139 -17.63 -35.48 -29.42
CA TRP A 139 -17.99 -34.31 -30.20
C TRP A 139 -18.50 -33.16 -29.32
N PRO A 140 -17.80 -32.01 -29.35
CA PRO A 140 -18.18 -30.81 -28.60
C PRO A 140 -19.65 -30.45 -28.74
N GLU A 141 -20.22 -30.66 -29.93
CA GLU A 141 -21.62 -30.33 -30.18
C GLU A 141 -22.62 -31.18 -29.37
N ASP A 142 -22.20 -32.38 -28.98
CA ASP A 142 -23.00 -33.29 -28.13
C ASP A 142 -22.99 -32.90 -26.63
N GLU A 143 -22.09 -31.98 -26.25
CA GLU A 143 -21.83 -31.72 -24.82
C GLU A 143 -23.00 -31.24 -23.93
N PRO A 144 -23.99 -30.52 -24.48
CA PRO A 144 -25.16 -30.20 -23.63
C PRO A 144 -26.08 -31.38 -23.27
N TYR A 145 -25.90 -32.52 -23.91
CA TYR A 145 -26.84 -33.62 -23.76
C TYR A 145 -26.43 -34.63 -22.69
N ALA A 146 -27.41 -35.14 -21.95
CA ALA A 146 -27.17 -36.03 -20.81
C ALA A 146 -26.21 -37.20 -21.10
N TYR A 147 -26.29 -37.79 -22.29
CA TYR A 147 -25.40 -38.91 -22.62
C TYR A 147 -23.93 -38.46 -22.76
N SER A 148 -23.70 -37.16 -22.87
CA SER A 148 -22.34 -36.63 -22.96
C SER A 148 -21.93 -35.86 -21.69
N ALA A 149 -22.56 -36.16 -20.56
CA ALA A 149 -22.20 -35.51 -19.30
C ALA A 149 -20.71 -35.70 -18.98
N GLN A 150 -20.11 -34.63 -18.43
CA GLN A 150 -18.77 -34.66 -17.86
C GLN A 150 -18.61 -35.72 -16.76
N ILE A 151 -17.42 -36.29 -16.71
CA ILE A 151 -17.16 -37.42 -15.84
C ILE A 151 -16.40 -36.96 -14.60
N SER A 152 -16.94 -37.33 -13.45
CA SER A 152 -16.35 -36.93 -12.16
C SER A 152 -16.52 -38.06 -11.14
N ALA A 153 -15.67 -38.01 -10.10
CA ALA A 153 -15.85 -38.84 -8.92
C ALA A 153 -17.01 -38.35 -8.07
N LEU A 154 -17.31 -37.05 -8.13
CA LEU A 154 -18.42 -36.49 -7.34
C LEU A 154 -19.45 -35.88 -8.26
N THR A 155 -20.52 -36.62 -8.46
CA THR A 155 -21.56 -36.19 -9.37
C THR A 155 -22.92 -36.51 -8.79
N VAL A 156 -23.88 -35.62 -9.01
CA VAL A 156 -25.25 -35.81 -8.56
C VAL A 156 -26.05 -36.50 -9.68
N ALA A 157 -26.60 -37.68 -9.37
CA ALA A 157 -27.48 -38.43 -10.28
C ALA A 157 -28.95 -37.96 -10.21
N HIS A 158 -29.50 -37.59 -11.36
CA HIS A 158 -30.91 -37.18 -11.43
C HIS A 158 -31.89 -38.35 -11.71
N GLY A 159 -32.99 -38.37 -10.98
CA GLY A 159 -34.06 -39.35 -11.16
C GLY A 159 -33.70 -40.79 -10.83
N GLU A 160 -34.67 -41.68 -11.11
CA GLU A 160 -34.56 -43.11 -10.81
C GLU A 160 -33.75 -43.87 -11.86
N ARG A 161 -33.46 -43.21 -12.97
CA ARG A 161 -32.54 -43.71 -14.00
C ARG A 161 -31.09 -43.39 -13.66
N PHE A 162 -30.90 -42.39 -12.79
CA PHE A 162 -29.59 -41.99 -12.26
C PHE A 162 -28.71 -41.36 -13.33
N ASP A 163 -29.30 -40.39 -14.02
CA ASP A 163 -28.60 -39.60 -15.04
C ASP A 163 -27.71 -38.58 -14.38
N THR A 164 -26.40 -38.79 -14.50
CA THR A 164 -25.41 -38.01 -13.75
C THR A 164 -25.03 -36.69 -14.41
N GLY A 165 -24.60 -35.73 -13.58
CA GLY A 165 -23.98 -34.50 -14.06
C GLY A 165 -24.86 -33.57 -14.86
N VAL A 166 -26.16 -33.64 -14.60
CA VAL A 166 -27.12 -32.86 -15.37
C VAL A 166 -28.10 -32.13 -14.46
N THR A 167 -28.88 -31.26 -15.07
CA THR A 167 -29.94 -30.57 -14.40
C THR A 167 -31.17 -30.70 -15.29
N GLU A 168 -32.35 -30.69 -14.69
CA GLU A 168 -33.58 -30.71 -15.47
C GLU A 168 -34.07 -29.27 -15.69
N VAL A 169 -34.05 -28.84 -16.95
CA VAL A 169 -34.52 -27.51 -17.35
C VAL A 169 -36.01 -27.57 -17.73
N SER A 170 -36.85 -26.75 -17.10
CA SER A 170 -38.27 -26.67 -17.46
C SER A 170 -38.66 -25.31 -18.02
N VAL A 171 -39.23 -25.32 -19.22
CA VAL A 171 -39.71 -24.09 -19.84
C VAL A 171 -41.22 -24.10 -19.91
N THR A 172 -41.83 -23.05 -19.35
CA THR A 172 -43.27 -22.89 -19.24
C THR A 172 -43.69 -21.66 -20.05
N PRO A 173 -44.79 -21.76 -20.81
CA PRO A 173 -45.27 -20.55 -21.49
C PRO A 173 -45.97 -19.60 -20.52
N ALA A 174 -46.03 -18.32 -20.89
CA ALA A 174 -46.73 -17.32 -20.12
C ALA A 174 -47.85 -16.69 -20.99
N ALA A 175 -48.11 -15.39 -20.83
CA ALA A 175 -49.02 -14.72 -21.75
C ALA A 175 -48.29 -14.54 -23.08
N GLU A 176 -49.02 -14.59 -24.19
CA GLU A 176 -48.44 -14.35 -25.49
C GLU A 176 -47.69 -13.02 -25.43
N GLY A 177 -46.43 -13.03 -25.85
CA GLY A 177 -45.64 -11.79 -25.88
C GLY A 177 -44.69 -11.63 -24.70
N GLU A 178 -44.92 -12.42 -23.65
CA GLU A 178 -44.09 -12.39 -22.45
C GLU A 178 -42.97 -13.43 -22.54
N PRO A 179 -41.84 -13.17 -21.88
CA PRO A 179 -40.79 -14.19 -21.94
C PRO A 179 -41.32 -15.48 -21.38
N ALA A 180 -40.87 -16.60 -21.92
CA ALA A 180 -41.15 -17.88 -21.33
C ALA A 180 -40.45 -17.93 -19.99
N ASP A 181 -41.00 -18.70 -19.06
CA ASP A 181 -40.36 -18.93 -17.79
C ASP A 181 -39.44 -20.14 -17.89
N VAL A 182 -38.17 -19.95 -17.55
CA VAL A 182 -37.17 -20.99 -17.50
C VAL A 182 -36.81 -21.30 -16.05
N ASP A 183 -36.90 -22.59 -15.72
CA ASP A 183 -36.59 -23.16 -14.40
C ASP A 183 -35.36 -24.03 -14.60
N LEU A 184 -34.25 -23.68 -13.96
CA LEU A 184 -32.98 -24.37 -14.20
C LEU A 184 -32.81 -25.68 -13.42
N GLY A 185 -33.81 -26.03 -12.61
CA GLY A 185 -33.73 -27.19 -11.74
C GLY A 185 -32.60 -27.04 -10.74
N ALA A 186 -31.95 -28.16 -10.43
CA ALA A 186 -30.84 -28.23 -9.49
C ALA A 186 -29.74 -27.19 -9.71
N ALA A 187 -29.53 -26.81 -10.97
CA ALA A 187 -28.49 -25.83 -11.33
C ALA A 187 -28.89 -24.39 -11.12
N GLU A 188 -30.08 -24.15 -10.58
CA GLU A 188 -30.48 -22.81 -10.14
C GLU A 188 -29.41 -22.23 -9.21
N GLY A 189 -28.91 -21.03 -9.56
CA GLY A 189 -27.88 -20.37 -8.77
C GLY A 189 -26.53 -21.01 -8.89
N TYR A 190 -26.37 -21.88 -9.89
CA TYR A 190 -25.10 -22.51 -10.19
C TYR A 190 -24.74 -22.26 -11.64
N ALA A 191 -25.59 -22.74 -12.54
CA ALA A 191 -25.48 -22.46 -13.96
C ALA A 191 -26.07 -21.06 -14.19
N GLU A 192 -25.58 -20.38 -15.20
CA GLU A 192 -26.14 -19.10 -15.56
C GLU A 192 -27.27 -19.27 -16.55
N LEU A 193 -28.19 -18.31 -16.50
CA LEU A 193 -29.32 -18.30 -17.40
C LEU A 193 -29.21 -17.19 -18.44
N ASP A 194 -29.38 -17.57 -19.70
CA ASP A 194 -29.57 -16.65 -20.79
C ASP A 194 -30.91 -16.98 -21.49
N ASN A 195 -31.96 -16.30 -21.03
CA ASN A 195 -33.30 -16.53 -21.54
C ASN A 195 -33.70 -15.47 -22.56
N ARG A 196 -33.68 -15.89 -23.84
CA ARG A 196 -34.09 -15.05 -24.97
C ARG A 196 -35.45 -15.52 -25.48
N ALA A 197 -35.95 -16.59 -24.89
CA ALA A 197 -37.19 -17.25 -25.30
C ALA A 197 -38.46 -16.43 -25.01
N VAL A 198 -39.34 -16.37 -26.02
CA VAL A 198 -40.63 -15.66 -25.94
C VAL A 198 -41.78 -16.67 -25.84
N THR A 199 -42.95 -16.18 -25.43
CA THR A 199 -44.17 -16.99 -25.48
C THR A 199 -44.88 -16.61 -26.76
N GLY A 200 -45.14 -17.59 -27.61
CA GLY A 200 -45.82 -17.32 -28.86
C GLY A 200 -47.32 -17.32 -28.70
N ALA A 201 -48.01 -16.86 -29.74
CA ALA A 201 -49.46 -16.95 -29.82
C ALA A 201 -49.91 -18.40 -29.62
N ALA A 202 -51.12 -18.57 -29.09
CA ALA A 202 -51.74 -19.89 -29.01
C ALA A 202 -51.81 -20.50 -30.41
N GLY A 203 -51.49 -21.78 -30.50
CA GLY A 203 -51.48 -22.50 -31.78
C GLY A 203 -50.37 -22.14 -32.76
N SER A 204 -49.42 -21.29 -32.33
CA SER A 204 -48.26 -20.99 -33.17
C SER A 204 -47.27 -22.15 -33.16
N ALA A 205 -46.22 -22.06 -33.98
CA ALA A 205 -45.21 -23.12 -34.05
C ALA A 205 -44.19 -23.04 -32.92
N ASN A 206 -43.88 -24.20 -32.35
CA ASN A 206 -42.90 -24.31 -31.26
C ASN A 206 -41.49 -24.44 -31.82
N THR A 207 -40.64 -23.48 -31.47
CA THR A 207 -39.28 -23.37 -32.01
C THR A 207 -38.23 -23.27 -30.90
N LEU A 208 -38.62 -23.69 -29.71
CA LEU A 208 -37.82 -23.56 -28.51
C LEU A 208 -36.56 -24.43 -28.56
N VAL A 209 -35.44 -23.83 -28.17
CA VAL A 209 -34.12 -24.49 -28.16
C VAL A 209 -33.51 -24.24 -26.79
N ILE A 210 -33.05 -25.31 -26.14
CA ILE A 210 -32.28 -25.20 -24.90
C ILE A 210 -30.87 -25.71 -25.18
N ASP A 211 -29.90 -24.82 -25.00
CA ASP A 211 -28.51 -25.10 -25.31
C ASP A 211 -27.66 -24.83 -24.07
N ARG A 212 -26.49 -25.48 -24.03
CA ARG A 212 -25.37 -24.99 -23.23
C ARG A 212 -24.23 -24.74 -24.20
N PRO A 213 -23.93 -23.47 -24.52
CA PRO A 213 -22.89 -23.23 -25.53
C PRO A 213 -21.54 -23.76 -25.04
N VAL A 214 -20.72 -24.23 -25.98
CA VAL A 214 -19.51 -24.99 -25.65
C VAL A 214 -18.54 -24.17 -24.79
N GLY A 215 -17.94 -24.79 -23.77
CA GLY A 215 -17.00 -24.10 -22.88
C GLY A 215 -17.59 -23.01 -21.97
N THR A 216 -18.89 -23.11 -21.71
CA THR A 216 -19.58 -22.21 -20.78
C THR A 216 -20.40 -23.08 -19.83
N ASN A 217 -20.82 -22.46 -18.72
CA ASN A 217 -21.78 -23.05 -17.81
C ASN A 217 -23.06 -22.21 -17.83
N THR A 218 -23.54 -21.92 -19.03
CA THR A 218 -24.71 -21.09 -19.28
C THR A 218 -25.78 -21.89 -20.03
N ILE A 219 -27.02 -21.85 -19.53
CA ILE A 219 -28.14 -22.44 -20.26
C ILE A 219 -28.78 -21.34 -21.11
N ALA A 220 -28.61 -21.46 -22.43
CA ALA A 220 -29.14 -20.49 -23.36
C ALA A 220 -30.42 -21.00 -24.02
N VAL A 221 -31.52 -20.28 -23.80
CA VAL A 221 -32.83 -20.71 -24.26
C VAL A 221 -33.30 -19.71 -25.30
N THR A 222 -33.44 -20.18 -26.53
CA THR A 222 -33.92 -19.32 -27.62
C THR A 222 -35.24 -19.84 -28.15
N GLY A 223 -35.89 -19.05 -29.01
CA GLY A 223 -37.11 -19.47 -29.70
C GLY A 223 -38.43 -19.07 -29.07
N SER A 224 -39.50 -19.64 -29.62
CA SER A 224 -40.88 -19.40 -29.17
C SER A 224 -41.48 -20.68 -28.57
N LEU A 225 -42.20 -20.51 -27.46
CA LEU A 225 -43.08 -21.54 -26.92
C LEU A 225 -44.53 -21.05 -26.98
N PRO A 226 -45.39 -21.74 -27.75
CA PRO A 226 -46.82 -21.36 -27.89
C PRO A 226 -47.49 -21.25 -26.54
N ALA A 227 -48.41 -20.29 -26.38
CA ALA A 227 -49.08 -20.06 -25.08
C ALA A 227 -49.89 -21.25 -24.61
N ASP A 228 -50.37 -22.07 -25.55
CA ASP A 228 -51.21 -23.22 -25.22
C ASP A 228 -50.41 -24.49 -25.05
N ALA A 229 -49.10 -24.39 -25.26
CA ALA A 229 -48.22 -25.55 -25.22
C ALA A 229 -48.01 -26.08 -23.82
N ALA A 230 -47.72 -27.37 -23.75
CA ALA A 230 -47.31 -28.03 -22.54
C ALA A 230 -45.88 -27.58 -22.21
N PRO A 231 -45.55 -27.51 -20.92
CA PRO A 231 -44.15 -27.24 -20.53
C PRO A 231 -43.15 -28.17 -21.19
N VAL A 232 -42.02 -27.60 -21.59
CA VAL A 232 -40.89 -28.36 -22.11
C VAL A 232 -39.88 -28.70 -21.00
N THR A 233 -39.66 -30.00 -20.74
CA THR A 233 -38.60 -30.40 -19.81
C THR A 233 -37.46 -31.13 -20.53
N ALA A 234 -36.23 -30.75 -20.22
CA ALA A 234 -35.07 -31.26 -20.89
C ALA A 234 -33.94 -31.43 -19.92
N LEU A 235 -33.25 -32.57 -20.00
CA LEU A 235 -32.03 -32.77 -19.23
C LEU A 235 -30.87 -32.15 -19.98
N ARG A 236 -30.22 -31.17 -19.34
CA ARG A 236 -29.03 -30.54 -19.87
C ARG A 236 -27.87 -30.71 -18.89
N THR A 237 -26.65 -30.87 -19.41
CA THR A 237 -25.48 -31.06 -18.55
C THR A 237 -24.97 -29.74 -17.99
N VAL A 238 -24.23 -29.83 -16.89
CA VAL A 238 -23.50 -28.70 -16.34
C VAL A 238 -21.99 -28.88 -16.47
N ASP A 239 -21.27 -27.75 -16.45
CA ASP A 239 -19.83 -27.75 -16.29
C ASP A 239 -19.54 -28.09 -14.83
N GLU A 240 -18.55 -28.96 -14.64
CA GLU A 240 -18.05 -29.28 -13.29
C GLU A 240 -19.14 -29.86 -12.38
N PRO A 241 -19.56 -31.11 -12.64
CA PRO A 241 -20.56 -31.82 -11.85
C PRO A 241 -20.31 -31.74 -10.35
N ALA A 242 -19.04 -31.79 -9.92
CA ALA A 242 -18.69 -31.73 -8.50
C ALA A 242 -19.04 -30.40 -7.85
N ALA A 243 -18.85 -29.31 -8.62
CA ALA A 243 -19.19 -27.96 -8.19
C ALA A 243 -20.70 -27.78 -7.97
N LEU A 244 -21.52 -28.38 -8.84
CA LEU A 244 -22.98 -28.43 -8.63
C LEU A 244 -23.33 -29.28 -7.39
N ALA A 245 -22.69 -30.44 -7.25
CA ALA A 245 -22.81 -31.25 -6.05
C ALA A 245 -22.51 -30.43 -4.78
N GLY A 246 -21.40 -29.69 -4.79
CA GLY A 246 -21.02 -28.78 -3.70
C GLY A 246 -22.07 -27.74 -3.45
N HIS A 247 -22.60 -27.19 -4.54
CA HIS A 247 -23.67 -26.21 -4.50
C HIS A 247 -24.94 -26.77 -3.84
N LEU A 248 -25.38 -27.94 -4.28
CA LEU A 248 -26.58 -28.57 -3.75
C LEU A 248 -26.39 -29.01 -2.31
N PHE A 249 -25.16 -29.40 -1.95
CA PHE A 249 -24.84 -29.74 -0.57
C PHE A 249 -24.92 -28.51 0.36
N GLU A 250 -24.46 -27.36 -0.14
CA GLU A 250 -24.56 -26.09 0.57
C GLU A 250 -26.02 -25.79 0.98
N GLU A 251 -26.93 -25.92 0.02
CA GLU A 251 -28.36 -25.75 0.24
C GLU A 251 -28.92 -26.82 1.14
N ALA A 252 -28.48 -28.05 0.94
CA ALA A 252 -28.87 -29.17 1.80
C ALA A 252 -28.51 -28.86 3.25
N LEU A 253 -27.27 -28.38 3.46
CA LEU A 253 -26.77 -28.03 4.79
C LEU A 253 -27.63 -26.94 5.43
N GLU A 254 -27.85 -25.86 4.67
CA GLU A 254 -28.60 -24.69 5.09
C GLU A 254 -30.05 -25.05 5.40
N SER A 255 -30.63 -25.90 4.56
CA SER A 255 -31.94 -26.48 4.77
C SER A 255 -32.01 -27.29 6.07
N ASN A 256 -30.90 -27.91 6.46
CA ASN A 256 -30.83 -28.63 7.75
C ASN A 256 -30.30 -27.78 8.92
N GLY A 257 -30.33 -26.45 8.76
CA GLY A 257 -29.97 -25.52 9.82
C GLY A 257 -28.49 -25.45 10.12
N VAL A 258 -27.67 -25.65 9.09
CA VAL A 258 -26.23 -25.47 9.18
C VAL A 258 -25.79 -24.31 8.30
N THR A 259 -25.31 -23.26 8.93
CA THR A 259 -24.89 -22.04 8.27
C THR A 259 -23.50 -22.18 7.66
N VAL A 260 -23.39 -22.03 6.34
CA VAL A 260 -22.09 -22.05 5.67
C VAL A 260 -21.69 -20.61 5.38
N LYS A 261 -20.60 -20.15 5.99
CA LYS A 261 -20.24 -18.73 5.93
C LYS A 261 -19.27 -18.33 4.81
N GLY A 262 -18.56 -19.30 4.26
CA GLY A 262 -17.58 -19.00 3.22
C GLY A 262 -18.07 -19.42 1.86
N ASP A 263 -17.13 -19.77 0.98
CA ASP A 263 -17.43 -20.07 -0.41
C ASP A 263 -17.57 -21.54 -0.69
N VAL A 264 -18.05 -21.83 -1.90
CA VAL A 264 -18.19 -23.18 -2.41
C VAL A 264 -17.29 -23.32 -3.64
N GLY A 265 -16.48 -24.38 -3.67
CA GLY A 265 -15.64 -24.65 -4.83
C GLY A 265 -15.05 -26.04 -4.80
N LEU A 266 -14.17 -26.31 -5.77
CA LEU A 266 -13.44 -27.56 -5.84
C LEU A 266 -12.19 -27.50 -4.97
N GLY A 267 -11.82 -28.63 -4.40
CA GLY A 267 -10.67 -28.75 -3.54
C GLY A 267 -10.64 -30.14 -2.96
N GLY A 268 -9.45 -30.71 -2.86
CA GLY A 268 -9.27 -32.01 -2.21
C GLY A 268 -8.89 -31.85 -0.76
N VAL A 269 -9.26 -32.83 0.06
CA VAL A 269 -8.84 -32.87 1.46
C VAL A 269 -7.31 -32.69 1.55
N PRO A 270 -6.86 -31.67 2.31
CA PRO A 270 -5.47 -31.25 2.41
C PRO A 270 -4.35 -32.29 2.67
N ALA A 271 -4.65 -33.43 3.30
CA ALA A 271 -3.58 -34.45 3.56
C ALA A 271 -2.59 -33.98 4.65
N ASP A 272 -2.44 -32.66 4.72
CA ASP A 272 -2.05 -31.94 5.92
C ASP A 272 -2.89 -32.41 7.11
N TRP A 273 -4.13 -32.83 6.81
CA TRP A 273 -5.08 -33.27 7.81
C TRP A 273 -4.67 -34.61 8.42
N GLN A 274 -4.20 -34.52 9.66
CA GLN A 274 -3.69 -35.66 10.39
C GLN A 274 -4.71 -36.80 10.41
N ASP A 275 -5.88 -36.55 11.00
CA ASP A 275 -6.98 -37.50 10.95
C ASP A 275 -8.31 -36.80 10.81
N ALA A 276 -8.77 -36.71 9.57
CA ALA A 276 -9.99 -36.01 9.24
C ALA A 276 -11.18 -36.69 9.91
N GLU A 277 -12.01 -35.88 10.54
CA GLU A 277 -13.24 -36.29 11.16
C GLU A 277 -14.37 -36.44 10.14
N VAL A 278 -14.88 -37.66 9.99
CA VAL A 278 -15.98 -37.92 9.07
C VAL A 278 -17.32 -37.66 9.77
N LEU A 279 -18.02 -36.65 9.26
CA LEU A 279 -19.19 -36.10 9.93
C LEU A 279 -20.48 -36.66 9.34
N ALA A 280 -20.34 -37.21 8.14
CA ALA A 280 -21.44 -37.88 7.43
C ALA A 280 -20.86 -38.78 6.35
N ASP A 281 -21.57 -39.85 6.05
CA ASP A 281 -21.22 -40.72 4.93
C ASP A 281 -22.48 -41.32 4.31
N HIS A 282 -22.31 -41.86 3.10
CA HIS A 282 -23.36 -42.54 2.38
C HIS A 282 -22.75 -43.65 1.53
N THR A 283 -23.46 -44.77 1.45
CA THR A 283 -23.04 -45.92 0.67
C THR A 283 -24.10 -46.17 -0.39
N SER A 284 -23.66 -46.29 -1.65
CA SER A 284 -24.56 -46.69 -2.73
C SER A 284 -25.07 -48.11 -2.50
N ALA A 285 -26.03 -48.53 -3.33
CA ALA A 285 -26.38 -49.94 -3.45
C ALA A 285 -25.23 -50.64 -4.16
N GLU A 286 -25.31 -51.97 -4.27
CA GLU A 286 -24.20 -52.72 -4.81
C GLU A 286 -24.25 -52.74 -6.33
N LEU A 287 -23.10 -53.04 -6.94
CA LEU A 287 -22.94 -52.99 -8.39
C LEU A 287 -24.01 -53.76 -9.15
N SER A 288 -24.36 -54.98 -8.69
CA SER A 288 -25.43 -55.80 -9.30
C SER A 288 -26.78 -55.08 -9.46
N GLU A 289 -27.15 -54.31 -8.44
CA GLU A 289 -28.35 -53.47 -8.51
C GLU A 289 -28.11 -52.27 -9.44
N ILE A 290 -26.94 -51.64 -9.33
CA ILE A 290 -26.61 -50.48 -10.16
C ILE A 290 -26.57 -50.83 -11.66
N LEU A 291 -26.26 -52.08 -11.96
CA LEU A 291 -26.15 -52.55 -13.35
C LEU A 291 -27.45 -52.44 -14.12
N VAL A 292 -28.55 -52.43 -13.39
CA VAL A 292 -29.87 -52.42 -14.02
C VAL A 292 -30.12 -51.08 -14.73
N PRO A 293 -30.19 -49.94 -14.00
CA PRO A 293 -30.36 -48.67 -14.72
C PRO A 293 -29.26 -48.41 -15.74
N PHE A 294 -28.02 -48.78 -15.39
CA PHE A 294 -26.90 -48.67 -16.29
C PHE A 294 -27.13 -49.34 -17.66
N MET A 295 -27.44 -50.64 -17.65
CA MET A 295 -27.55 -51.40 -18.89
C MET A 295 -28.90 -51.29 -19.58
N LYS A 296 -30.00 -51.29 -18.81
CA LYS A 296 -31.34 -51.17 -19.37
C LYS A 296 -31.53 -49.92 -20.21
N PHE A 297 -30.97 -48.80 -19.75
CA PHE A 297 -31.13 -47.51 -20.43
C PHE A 297 -29.84 -47.04 -21.08
N SER A 298 -28.77 -47.82 -20.90
CA SER A 298 -27.52 -47.58 -21.61
C SER A 298 -26.88 -46.26 -21.12
N ASN A 299 -26.66 -46.16 -19.81
CA ASN A 299 -26.12 -44.94 -19.20
C ASN A 299 -24.64 -44.71 -19.50
N ASN A 300 -24.32 -43.67 -20.27
CA ASN A 300 -22.95 -43.36 -20.66
C ASN A 300 -22.06 -43.00 -19.47
N GLY A 301 -22.57 -42.10 -18.62
CA GLY A 301 -21.85 -41.67 -17.43
C GLY A 301 -21.50 -42.78 -16.45
N HIS A 302 -22.44 -43.69 -16.19
CA HIS A 302 -22.13 -44.88 -15.38
C HIS A 302 -20.97 -45.64 -15.94
N ALA A 303 -21.01 -45.90 -17.25
CA ALA A 303 -19.95 -46.69 -17.90
C ALA A 303 -18.57 -46.08 -17.70
N GLU A 304 -18.44 -44.78 -17.90
CA GLU A 304 -17.16 -44.11 -17.78
C GLU A 304 -16.71 -43.96 -16.32
N MET A 305 -17.65 -43.79 -15.42
CA MET A 305 -17.36 -43.90 -14.00
C MET A 305 -16.87 -45.30 -13.59
N LEU A 306 -17.45 -46.35 -14.18
CA LEU A 306 -17.02 -47.73 -13.87
C LEU A 306 -15.61 -48.03 -14.36
N VAL A 307 -15.27 -47.55 -15.55
CA VAL A 307 -13.88 -47.57 -16.07
C VAL A 307 -12.90 -46.87 -15.10
N LYS A 308 -13.21 -45.67 -14.67
CA LYS A 308 -12.29 -45.01 -13.73
C LYS A 308 -12.22 -45.72 -12.36
N SER A 309 -13.35 -46.23 -11.89
CA SER A 309 -13.41 -47.12 -10.72
C SER A 309 -12.61 -48.41 -10.86
N ILE A 310 -12.53 -48.96 -12.07
CA ILE A 310 -11.70 -50.14 -12.38
C ILE A 310 -10.22 -49.76 -12.31
N GLY A 311 -9.89 -48.58 -12.87
CA GLY A 311 -8.56 -48.01 -12.80
C GLY A 311 -8.10 -47.82 -11.37
N GLN A 312 -8.98 -47.30 -10.52
CA GLN A 312 -8.67 -47.18 -9.10
C GLN A 312 -8.44 -48.55 -8.44
N GLU A 313 -9.24 -49.53 -8.79
CA GLU A 313 -9.13 -50.83 -8.14
C GLU A 313 -7.86 -51.61 -8.59
N THR A 314 -7.61 -51.65 -9.90
CA THR A 314 -6.46 -52.39 -10.43
C THR A 314 -5.11 -51.67 -10.25
N ALA A 315 -5.15 -50.35 -10.10
CA ALA A 315 -3.98 -49.49 -10.26
C ALA A 315 -3.92 -48.28 -9.32
N GLY A 316 -4.99 -48.01 -8.58
CA GLY A 316 -5.04 -46.80 -7.76
C GLY A 316 -5.05 -45.53 -8.59
N ALA A 317 -5.63 -45.61 -9.79
CA ALA A 317 -5.62 -44.50 -10.76
C ALA A 317 -6.98 -44.32 -11.42
N GLY A 318 -7.72 -43.28 -11.03
CA GLY A 318 -9.07 -43.04 -11.56
C GLY A 318 -9.00 -42.32 -12.88
N THR A 319 -8.72 -43.10 -13.92
CA THR A 319 -8.14 -42.61 -15.15
C THR A 319 -8.62 -43.51 -16.29
N TRP A 320 -8.82 -42.92 -17.47
CA TRP A 320 -9.25 -43.70 -18.63
C TRP A 320 -8.18 -44.67 -19.12
N ASP A 321 -6.92 -44.20 -19.08
CA ASP A 321 -5.75 -45.01 -19.47
C ASP A 321 -5.66 -46.26 -18.60
N ALA A 322 -5.75 -46.05 -17.29
CA ALA A 322 -5.63 -47.14 -16.31
C ALA A 322 -6.83 -48.06 -16.38
N GLY A 323 -8.03 -47.47 -16.38
CA GLY A 323 -9.26 -48.24 -16.35
C GLY A 323 -9.54 -49.04 -17.60
N LEU A 324 -9.08 -48.54 -18.74
CA LEU A 324 -9.31 -49.21 -20.01
C LEU A 324 -8.42 -50.45 -20.17
N VAL A 325 -7.18 -50.35 -19.71
CA VAL A 325 -6.28 -51.50 -19.62
C VAL A 325 -6.90 -52.56 -18.70
N GLY A 326 -7.41 -52.10 -17.56
CA GLY A 326 -8.10 -52.95 -16.60
C GLY A 326 -9.28 -53.72 -17.19
N VAL A 327 -10.06 -53.03 -18.02
CA VAL A 327 -11.11 -53.69 -18.83
C VAL A 327 -10.52 -54.82 -19.68
N GLU A 328 -9.52 -54.49 -20.49
CA GLU A 328 -8.87 -55.46 -21.37
C GLU A 328 -8.36 -56.68 -20.58
N GLU A 329 -7.59 -56.44 -19.52
CA GLU A 329 -7.02 -57.51 -18.70
C GLU A 329 -8.08 -58.39 -18.05
N ALA A 330 -9.16 -57.77 -17.58
CA ALA A 330 -10.26 -58.51 -16.97
C ALA A 330 -10.94 -59.44 -17.98
N LEU A 331 -11.14 -58.93 -19.19
CA LEU A 331 -11.72 -59.70 -20.28
C LEU A 331 -10.81 -60.86 -20.68
N SER A 332 -9.50 -60.59 -20.76
CA SER A 332 -8.51 -61.63 -21.01
C SER A 332 -8.55 -62.71 -19.94
N GLY A 333 -8.57 -62.28 -18.68
CA GLY A 333 -8.63 -63.20 -17.54
C GLY A 333 -9.91 -64.02 -17.55
N LEU A 334 -10.93 -63.44 -18.19
CA LEU A 334 -12.23 -64.10 -18.36
C LEU A 334 -12.20 -65.18 -19.45
N GLY A 335 -11.16 -65.14 -20.29
CA GLY A 335 -10.98 -66.09 -21.39
C GLY A 335 -11.33 -65.54 -22.76
N VAL A 336 -11.50 -64.22 -22.85
CA VAL A 336 -11.92 -63.57 -24.09
C VAL A 336 -10.69 -63.18 -24.91
N ASP A 337 -10.78 -63.42 -26.21
CA ASP A 337 -9.73 -63.08 -27.15
C ASP A 337 -9.90 -61.63 -27.58
N THR A 338 -9.02 -60.78 -27.07
CA THR A 338 -9.16 -59.33 -27.20
C THR A 338 -8.41 -58.74 -28.41
N ALA A 339 -7.92 -59.60 -29.31
CA ALA A 339 -7.15 -59.16 -30.47
C ALA A 339 -7.88 -58.12 -31.32
N GLY A 340 -9.15 -58.38 -31.61
CA GLY A 340 -9.94 -57.51 -32.46
C GLY A 340 -10.49 -56.27 -31.78
N LEU A 341 -10.35 -56.18 -30.46
CA LEU A 341 -10.86 -55.04 -29.65
C LEU A 341 -9.96 -53.82 -29.63
N VAL A 342 -10.55 -52.64 -29.81
CA VAL A 342 -9.89 -51.37 -29.52
C VAL A 342 -10.75 -50.58 -28.51
N LEU A 343 -10.23 -50.41 -27.30
CA LEU A 343 -10.96 -49.75 -26.21
C LEU A 343 -10.58 -48.30 -26.11
N ASN A 344 -11.51 -47.38 -26.38
CA ASN A 344 -11.23 -45.95 -26.23
C ASN A 344 -12.09 -45.31 -25.13
N ASP A 345 -13.19 -45.99 -24.78
CA ASP A 345 -14.00 -45.61 -23.65
C ASP A 345 -14.84 -46.77 -23.18
N GLY A 346 -15.61 -46.53 -22.11
CA GLY A 346 -16.46 -47.56 -21.52
C GLY A 346 -17.90 -47.54 -22.03
N SER A 347 -18.34 -46.38 -22.53
CA SER A 347 -19.75 -46.19 -22.92
C SER A 347 -20.08 -46.61 -24.35
N GLY A 348 -19.12 -46.38 -25.25
CA GLY A 348 -19.32 -46.60 -26.66
C GLY A 348 -19.67 -45.31 -27.39
N LEU A 349 -19.69 -44.20 -26.68
CA LEU A 349 -19.87 -42.91 -27.32
C LEU A 349 -18.74 -42.66 -28.33
N SER A 350 -17.54 -43.11 -27.99
CA SER A 350 -16.36 -42.81 -28.79
C SER A 350 -16.37 -43.56 -30.11
N ARG A 351 -16.08 -42.82 -31.17
CA ARG A 351 -15.93 -43.40 -32.50
C ARG A 351 -14.51 -43.96 -32.69
N GLY A 352 -13.78 -44.06 -31.59
CA GLY A 352 -12.45 -44.63 -31.57
C GLY A 352 -12.47 -46.08 -31.12
N ASN A 353 -13.65 -46.60 -30.78
CA ASN A 353 -13.82 -47.98 -30.33
C ASN A 353 -14.00 -48.92 -31.51
N LEU A 354 -13.37 -50.10 -31.46
CA LEU A 354 -13.66 -51.16 -32.43
C LEU A 354 -13.96 -52.45 -31.72
N VAL A 355 -15.00 -53.15 -32.17
CA VAL A 355 -15.21 -54.56 -31.77
C VAL A 355 -15.26 -55.39 -33.03
N THR A 356 -15.36 -56.69 -32.86
CA THR A 356 -15.80 -57.56 -33.95
C THR A 356 -16.95 -58.39 -33.38
N ALA A 357 -17.90 -58.77 -34.24
CA ALA A 357 -19.03 -59.58 -33.83
C ALA A 357 -18.64 -60.94 -33.25
N ASP A 358 -17.49 -61.47 -33.64
CA ASP A 358 -16.93 -62.71 -33.08
C ASP A 358 -16.51 -62.48 -31.62
N THR A 359 -15.85 -61.36 -31.38
CA THR A 359 -15.45 -60.97 -30.03
C THR A 359 -16.65 -60.82 -29.10
N VAL A 360 -17.71 -60.17 -29.59
CA VAL A 360 -18.90 -59.94 -28.77
C VAL A 360 -19.49 -61.25 -28.29
N VAL A 361 -19.72 -62.16 -29.23
CA VAL A 361 -20.25 -63.50 -28.95
C VAL A 361 -19.32 -64.28 -28.00
N ASP A 362 -18.02 -64.23 -28.26
CA ASP A 362 -17.02 -64.81 -27.35
C ASP A 362 -17.31 -64.41 -25.90
N LEU A 363 -17.37 -63.10 -25.66
CA LEU A 363 -17.71 -62.52 -24.37
C LEU A 363 -19.06 -63.01 -23.83
N LEU A 364 -20.05 -63.10 -24.72
CA LEU A 364 -21.41 -63.49 -24.31
C LEU A 364 -21.41 -64.91 -23.79
N GLY A 365 -20.64 -65.77 -24.45
CA GLY A 365 -20.41 -67.13 -23.98
C GLY A 365 -19.66 -67.19 -22.65
N GLN A 366 -18.57 -66.43 -22.55
CA GLN A 366 -17.75 -66.40 -21.33
C GLN A 366 -18.48 -65.81 -20.14
N ALA A 367 -19.33 -64.83 -20.40
CA ALA A 367 -20.13 -64.21 -19.36
C ALA A 367 -21.21 -65.15 -18.83
N GLY A 368 -21.69 -66.05 -19.68
CA GLY A 368 -22.76 -66.99 -19.32
C GLY A 368 -22.40 -68.03 -18.27
N SER A 369 -21.11 -68.32 -18.11
CA SER A 369 -20.69 -69.29 -17.09
C SER A 369 -19.79 -68.65 -16.01
N ALA A 370 -19.65 -67.33 -16.08
CA ALA A 370 -19.05 -66.57 -14.99
C ALA A 370 -19.91 -66.74 -13.75
N PRO A 371 -19.30 -66.63 -12.55
CA PRO A 371 -20.09 -66.70 -11.31
C PRO A 371 -21.23 -65.64 -11.25
N TRP A 372 -21.04 -64.52 -11.95
CA TRP A 372 -21.99 -63.39 -11.87
C TRP A 372 -23.02 -63.39 -13.00
N ALA A 373 -23.07 -64.49 -13.76
CA ALA A 373 -23.90 -64.66 -14.96
C ALA A 373 -25.35 -64.19 -14.83
N GLN A 374 -25.91 -64.29 -13.64
CA GLN A 374 -27.33 -63.94 -13.42
C GLN A 374 -27.54 -62.44 -13.20
N THR A 375 -26.64 -61.80 -12.45
CA THR A 375 -26.69 -60.35 -12.29
C THR A 375 -26.43 -59.62 -13.64
N TRP A 376 -25.42 -60.09 -14.36
CA TRP A 376 -25.14 -59.69 -15.73
C TRP A 376 -26.37 -59.81 -16.64
N SER A 377 -26.99 -60.98 -16.63
CA SER A 377 -28.14 -61.30 -17.47
C SER A 377 -29.37 -60.42 -17.16
N ALA A 378 -29.60 -60.19 -15.88
CA ALA A 378 -30.74 -59.41 -15.41
C ALA A 378 -30.65 -57.94 -15.80
N SER A 379 -29.44 -57.47 -16.09
CA SER A 379 -29.21 -56.05 -16.42
C SER A 379 -29.60 -55.65 -17.84
N LEU A 380 -29.61 -56.61 -18.75
CA LEU A 380 -29.92 -56.43 -20.17
C LEU A 380 -31.38 -56.11 -20.46
N PRO A 381 -31.64 -55.25 -21.45
CA PRO A 381 -33.03 -55.09 -21.92
C PRO A 381 -33.70 -56.42 -22.30
N VAL A 382 -34.99 -56.56 -21.98
CA VAL A 382 -35.75 -57.73 -22.45
C VAL A 382 -36.76 -57.32 -23.54
N ALA A 383 -36.63 -57.90 -24.74
CA ALA A 383 -37.49 -57.57 -25.90
C ALA A 383 -38.97 -57.45 -25.55
N GLY A 384 -39.56 -56.31 -25.91
CA GLY A 384 -40.99 -56.11 -25.83
C GLY A 384 -41.63 -55.96 -24.45
N GLU A 385 -40.82 -55.82 -23.41
CA GLU A 385 -41.35 -55.63 -22.06
C GLU A 385 -41.75 -54.18 -21.76
N SER A 386 -43.04 -53.99 -21.49
CA SER A 386 -43.68 -52.71 -21.12
C SER A 386 -42.95 -51.90 -20.05
N ASP A 387 -42.58 -52.59 -18.98
CA ASP A 387 -41.90 -52.00 -17.81
C ASP A 387 -40.52 -51.50 -18.24
N PRO A 388 -40.30 -50.18 -18.17
CA PRO A 388 -39.03 -49.58 -18.64
C PRO A 388 -37.79 -50.18 -17.97
N PHE A 389 -37.90 -50.47 -16.67
CA PHE A 389 -36.82 -51.15 -15.95
C PHE A 389 -36.69 -52.63 -16.30
N VAL A 390 -37.58 -53.15 -17.12
CA VAL A 390 -37.44 -54.51 -17.61
C VAL A 390 -37.07 -54.48 -19.09
N GLY A 391 -37.97 -53.96 -19.92
CA GLY A 391 -37.70 -53.87 -21.34
C GLY A 391 -36.54 -52.97 -21.71
N GLY A 392 -36.39 -51.85 -20.99
CA GLY A 392 -35.29 -50.92 -21.25
C GLY A 392 -35.35 -50.31 -22.65
N THR A 393 -34.20 -50.26 -23.33
CA THR A 393 -34.16 -49.76 -24.71
C THR A 393 -34.83 -50.67 -25.75
N LEU A 394 -35.31 -51.84 -25.30
CA LEU A 394 -36.07 -52.76 -26.14
C LEU A 394 -37.55 -52.89 -25.80
N ALA A 395 -38.04 -51.98 -24.96
CA ALA A 395 -39.42 -52.02 -24.45
C ALA A 395 -40.46 -51.88 -25.53
N ASN A 396 -40.13 -51.13 -26.56
CA ASN A 396 -41.06 -50.89 -27.67
C ASN A 396 -40.55 -51.51 -28.97
N ARG A 397 -39.80 -52.60 -28.84
CA ARG A 397 -39.31 -53.38 -29.98
C ARG A 397 -39.68 -54.85 -29.78
N MET A 398 -40.17 -55.47 -30.86
CA MET A 398 -40.40 -56.92 -30.94
C MET A 398 -41.57 -57.44 -30.11
N ARG A 399 -42.47 -56.54 -29.71
CA ARG A 399 -43.73 -56.89 -29.05
C ARG A 399 -44.60 -57.72 -29.98
N GLY A 400 -45.20 -58.78 -29.46
CA GLY A 400 -46.07 -59.65 -30.26
C GLY A 400 -45.30 -60.45 -31.30
N THR A 401 -44.02 -60.68 -31.04
CA THR A 401 -43.17 -61.58 -31.86
C THR A 401 -42.63 -62.67 -30.93
N ALA A 402 -41.99 -63.69 -31.48
CA ALA A 402 -41.50 -64.82 -30.68
C ALA A 402 -40.39 -64.38 -29.73
N ALA A 403 -39.88 -63.18 -29.98
CA ALA A 403 -38.79 -62.59 -29.23
C ALA A 403 -39.25 -61.97 -27.92
N GLU A 404 -40.51 -61.52 -27.87
CA GLU A 404 -41.04 -60.84 -26.68
C GLU A 404 -40.91 -61.69 -25.40
N GLY A 405 -40.24 -61.13 -24.40
CA GLY A 405 -40.04 -61.82 -23.12
C GLY A 405 -38.88 -62.80 -23.07
N VAL A 406 -38.24 -63.06 -24.21
CA VAL A 406 -37.21 -64.13 -24.31
C VAL A 406 -35.83 -63.55 -24.58
N VAL A 407 -35.74 -62.74 -25.64
CA VAL A 407 -34.48 -62.17 -26.10
C VAL A 407 -34.02 -61.09 -25.11
N GLU A 408 -32.86 -61.35 -24.50
CA GLU A 408 -32.15 -60.40 -23.63
C GLU A 408 -31.01 -59.89 -24.48
N ALA A 409 -30.96 -58.57 -24.71
CA ALA A 409 -30.02 -58.04 -25.70
C ALA A 409 -29.66 -56.59 -25.44
N LYS A 410 -28.39 -56.27 -25.66
CA LYS A 410 -27.92 -54.88 -25.57
C LYS A 410 -27.98 -54.17 -26.92
N THR A 411 -28.48 -52.94 -26.91
CA THR A 411 -28.61 -52.10 -28.08
C THR A 411 -27.43 -51.14 -28.18
N GLY A 412 -27.45 -50.27 -29.20
CA GLY A 412 -26.39 -49.28 -29.40
C GLY A 412 -26.43 -48.61 -30.76
N THR A 413 -26.99 -47.41 -30.80
CA THR A 413 -27.13 -46.63 -32.04
C THR A 413 -26.44 -45.27 -31.97
N MET A 414 -25.68 -44.95 -33.02
CA MET A 414 -25.21 -43.59 -33.29
C MET A 414 -25.45 -43.38 -34.78
N SER A 415 -25.11 -42.20 -35.28
CA SER A 415 -25.07 -41.98 -36.73
C SER A 415 -24.17 -43.00 -37.41
N GLY A 416 -24.73 -43.73 -38.36
CA GLY A 416 -23.99 -44.70 -39.15
C GLY A 416 -23.58 -45.97 -38.43
N VAL A 417 -24.04 -46.17 -37.21
CA VAL A 417 -23.70 -47.33 -36.37
C VAL A 417 -24.91 -47.83 -35.60
N SER A 418 -25.22 -49.12 -35.70
CA SER A 418 -26.24 -49.75 -34.87
C SER A 418 -25.85 -51.19 -34.51
N ALA A 419 -26.32 -51.65 -33.35
CA ALA A 419 -25.98 -52.97 -32.86
C ALA A 419 -27.06 -53.55 -31.94
N LEU A 420 -27.18 -54.88 -32.00
CA LEU A 420 -28.03 -55.65 -31.11
C LEU A 420 -27.25 -56.93 -30.81
N SER A 421 -26.95 -57.18 -29.54
CA SER A 421 -26.25 -58.41 -29.14
C SER A 421 -26.76 -58.93 -27.82
N GLY A 422 -26.95 -60.25 -27.74
CA GLY A 422 -27.41 -60.87 -26.52
C GLY A 422 -27.73 -62.34 -26.64
N TYR A 423 -28.76 -62.77 -25.91
CA TYR A 423 -29.09 -64.20 -25.78
C TYR A 423 -30.49 -64.53 -26.28
N VAL A 424 -30.62 -65.72 -26.85
CA VAL A 424 -31.91 -66.31 -27.18
C VAL A 424 -32.02 -67.71 -26.53
N PRO A 425 -32.72 -67.80 -25.38
CA PRO A 425 -33.04 -69.10 -24.76
C PRO A 425 -34.21 -69.81 -25.45
N GLY A 426 -34.35 -71.11 -25.24
CA GLY A 426 -35.51 -71.85 -25.76
C GLY A 426 -35.41 -73.37 -25.69
N PRO A 427 -36.54 -74.08 -25.98
CA PRO A 427 -36.63 -75.55 -26.09
C PRO A 427 -35.51 -76.15 -26.91
N GLU A 428 -35.08 -75.45 -27.97
CA GLU A 428 -33.96 -75.87 -28.81
C GLU A 428 -32.71 -75.02 -28.49
N GLY A 429 -32.08 -75.26 -27.33
CA GLY A 429 -30.83 -74.61 -26.92
C GLY A 429 -30.82 -73.09 -26.72
N GLU A 430 -29.91 -72.59 -25.89
CA GLU A 430 -29.70 -71.14 -25.72
C GLU A 430 -28.62 -70.56 -26.66
N LEU A 431 -28.97 -69.49 -27.37
CA LEU A 431 -28.11 -68.92 -28.41
C LEU A 431 -27.49 -67.60 -27.94
N ALA A 432 -26.28 -67.31 -28.44
CA ALA A 432 -25.72 -65.95 -28.34
C ALA A 432 -25.62 -65.34 -29.73
N PHE A 433 -25.96 -64.07 -29.88
CA PHE A 433 -25.83 -63.44 -31.20
C PHE A 433 -25.24 -62.07 -31.08
N SER A 434 -24.54 -61.65 -32.13
CA SER A 434 -24.09 -60.27 -32.25
C SER A 434 -24.42 -59.77 -33.65
N ILE A 435 -25.08 -58.62 -33.70
CA ILE A 435 -25.40 -57.93 -34.95
C ILE A 435 -24.80 -56.54 -34.86
N VAL A 436 -23.78 -56.27 -35.68
CA VAL A 436 -23.11 -54.97 -35.66
C VAL A 436 -23.14 -54.32 -37.05
N ASN A 437 -23.82 -53.16 -37.15
CA ASN A 437 -24.02 -52.46 -38.42
C ASN A 437 -23.27 -51.14 -38.45
N ASN A 438 -22.53 -50.93 -39.52
CA ASN A 438 -21.73 -49.73 -39.71
C ASN A 438 -21.90 -49.29 -41.13
N GLY A 439 -21.93 -47.98 -41.36
CA GLY A 439 -21.80 -47.43 -42.71
C GLY A 439 -23.09 -47.31 -43.52
N HIS A 440 -24.20 -47.79 -42.98
CA HIS A 440 -25.52 -47.57 -43.56
C HIS A 440 -25.81 -46.08 -43.56
N SER A 441 -26.76 -45.66 -44.39
CA SER A 441 -26.85 -44.24 -44.72
C SER A 441 -28.11 -43.46 -44.31
N GLY A 442 -29.07 -44.12 -43.67
CA GLY A 442 -30.23 -43.42 -43.15
C GLY A 442 -30.50 -43.78 -41.70
N PRO A 443 -31.78 -44.01 -41.35
CA PRO A 443 -32.21 -44.63 -40.08
C PRO A 443 -31.47 -45.93 -39.70
N ALA A 444 -31.22 -46.11 -38.41
CA ALA A 444 -30.61 -47.34 -37.91
C ALA A 444 -31.42 -48.56 -38.35
N PRO A 445 -30.72 -49.62 -38.82
CA PRO A 445 -31.39 -50.83 -39.29
C PRO A 445 -32.00 -51.67 -38.16
N LEU A 446 -32.91 -51.08 -37.40
CA LEU A 446 -33.46 -51.71 -36.20
C LEU A 446 -34.44 -52.83 -36.53
N ALA A 447 -35.16 -52.67 -37.62
CA ALA A 447 -36.11 -53.68 -38.10
C ALA A 447 -35.39 -54.94 -38.59
N VAL A 448 -34.28 -54.74 -39.29
CA VAL A 448 -33.42 -55.84 -39.73
C VAL A 448 -32.92 -56.62 -38.50
N GLN A 449 -32.49 -55.90 -37.48
CA GLN A 449 -32.03 -56.49 -36.23
C GLN A 449 -33.14 -57.24 -35.51
N ASP A 450 -34.31 -56.61 -35.41
CA ASP A 450 -35.51 -57.26 -34.87
C ASP A 450 -35.80 -58.54 -35.65
N ALA A 451 -35.89 -58.43 -36.97
CA ALA A 451 -36.10 -59.58 -37.85
C ALA A 451 -35.20 -60.78 -37.54
N ILE A 452 -33.90 -60.53 -37.41
CA ILE A 452 -32.95 -61.58 -37.05
C ILE A 452 -33.24 -62.15 -35.65
N ALA A 453 -33.28 -61.28 -34.63
CA ALA A 453 -33.60 -61.72 -33.26
C ALA A 453 -34.88 -62.52 -33.21
N VAL A 454 -35.89 -62.05 -33.93
CA VAL A 454 -37.20 -62.73 -34.01
C VAL A 454 -37.07 -64.13 -34.61
N ARG A 455 -36.39 -64.25 -35.76
CA ARG A 455 -36.15 -65.53 -36.40
C ARG A 455 -35.41 -66.52 -35.51
N LEU A 456 -34.41 -66.02 -34.80
CA LEU A 456 -33.64 -66.86 -33.90
C LEU A 456 -34.51 -67.37 -32.75
N ALA A 457 -35.32 -66.49 -32.18
CA ALA A 457 -36.32 -66.88 -31.17
C ALA A 457 -37.24 -68.00 -31.68
N GLU A 458 -37.76 -67.84 -32.90
CA GLU A 458 -38.56 -68.86 -33.56
C GLU A 458 -37.79 -70.18 -33.72
N TYR A 459 -36.52 -70.06 -34.12
CA TYR A 459 -35.62 -71.18 -34.28
C TYR A 459 -35.35 -71.90 -32.97
N ALA A 460 -35.22 -71.12 -31.91
CA ALA A 460 -35.04 -71.64 -30.55
C ALA A 460 -36.33 -72.27 -30.02
N GLY A 461 -37.39 -72.20 -30.82
CA GLY A 461 -38.65 -72.87 -30.51
C GLY A 461 -39.72 -72.00 -29.86
N HIS A 462 -39.61 -70.70 -30.03
CA HIS A 462 -40.59 -69.77 -29.49
C HIS A 462 -41.64 -69.32 -30.50
N GLN A 463 -42.76 -68.85 -29.95
CA GLN A 463 -43.91 -68.32 -30.69
C GLN A 463 -44.33 -67.01 -30.03
N ALA A 464 -44.88 -66.11 -30.84
CA ALA A 464 -45.35 -64.82 -30.38
C ALA A 464 -46.45 -64.94 -29.33
N PRO A 465 -46.31 -64.23 -28.19
CA PRO A 465 -47.40 -64.15 -27.24
C PRO A 465 -48.63 -63.48 -27.85
N GLU A 466 -49.79 -64.08 -27.61
CA GLU A 466 -51.08 -63.45 -27.92
C GLU A 466 -51.93 -63.40 -26.64
N ARG B 1 17.30 8.18 16.55
CA ARG B 1 17.96 7.09 17.33
C ARG B 1 17.62 5.70 16.78
N LEU B 2 16.56 5.63 16.00
CA LEU B 2 16.13 4.43 15.27
C LEU B 2 17.30 3.77 14.51
N THR B 3 18.02 4.60 13.75
CA THR B 3 19.18 4.14 12.96
C THR B 3 20.33 3.65 13.84
N GLU B 4 20.48 4.26 15.02
CA GLU B 4 21.46 3.82 16.00
C GLU B 4 21.05 2.49 16.65
N LEU B 5 19.76 2.33 16.93
CA LEU B 5 19.25 1.07 17.47
C LEU B 5 19.57 -0.10 16.54
N ARG B 6 19.36 0.10 15.24
CA ARG B 6 19.57 -0.93 14.25
C ARG B 6 21.04 -1.37 14.15
N GLU B 7 21.96 -0.42 14.11
CA GLU B 7 23.40 -0.74 14.04
C GLU B 7 23.87 -1.53 15.27
N ASP B 8 23.42 -1.10 16.45
CA ASP B 8 23.75 -1.75 17.73
C ASP B 8 23.27 -3.20 17.80
N ILE B 9 22.04 -3.45 17.35
CA ILE B 9 21.52 -4.83 17.29
C ILE B 9 22.24 -5.65 16.20
N ASP B 10 22.53 -5.04 15.04
CA ASP B 10 23.31 -5.70 13.98
C ASP B 10 24.65 -6.20 14.50
N ALA B 11 25.27 -5.40 15.37
CA ALA B 11 26.63 -5.65 15.87
C ALA B 11 26.62 -6.68 17.00
N ILE B 12 25.51 -6.74 17.71
CA ILE B 12 25.32 -7.74 18.75
C ILE B 12 25.16 -9.10 18.07
N LEU B 13 24.39 -9.11 16.99
CA LEU B 13 24.14 -10.31 16.19
C LEU B 13 25.40 -10.85 15.51
N GLU B 14 26.39 -9.99 15.30
CA GLU B 14 27.73 -10.43 14.94
C GLU B 14 28.50 -10.91 16.20
N ASP B 15 28.00 -11.97 16.82
CA ASP B 15 28.62 -12.59 18.00
C ASP B 15 29.20 -13.92 17.52
N PRO B 16 30.40 -14.31 18.01
CA PRO B 16 30.99 -15.63 17.76
C PRO B 16 30.00 -16.80 17.89
N ALA B 17 29.20 -16.82 18.97
CA ALA B 17 28.27 -17.91 19.26
C ALA B 17 27.16 -18.05 18.22
N LEU B 18 27.08 -17.09 17.30
CA LEU B 18 26.05 -17.08 16.26
C LEU B 18 26.61 -17.28 14.85
N GLU B 19 27.90 -17.58 14.75
CA GLU B 19 28.50 -17.78 13.43
C GLU B 19 27.89 -18.97 12.72
N GLY B 20 27.44 -18.71 11.49
CA GLY B 20 26.75 -19.71 10.67
C GLY B 20 25.30 -20.00 11.01
N ALA B 21 24.76 -19.27 11.99
CA ALA B 21 23.40 -19.50 12.47
C ALA B 21 22.38 -18.60 11.77
N VAL B 22 21.10 -18.80 12.05
CA VAL B 22 20.01 -17.94 11.58
C VAL B 22 19.26 -17.39 12.78
N SER B 23 19.06 -16.09 12.81
CA SER B 23 18.28 -15.44 13.86
C SER B 23 17.20 -14.54 13.31
N GLY B 24 15.94 -14.93 13.54
CA GLY B 24 14.81 -14.02 13.33
C GLY B 24 14.67 -13.08 14.51
N VAL B 25 14.80 -11.78 14.27
CA VAL B 25 14.74 -10.76 15.33
C VAL B 25 13.84 -9.59 14.91
N VAL B 26 12.73 -9.41 15.60
CA VAL B 26 11.77 -8.32 15.32
C VAL B 26 11.42 -7.54 16.60
N VAL B 27 11.49 -6.22 16.52
CA VAL B 27 11.13 -5.33 17.63
C VAL B 27 10.03 -4.40 17.16
N VAL B 28 8.96 -4.31 17.93
CA VAL B 28 7.85 -3.45 17.59
C VAL B 28 7.41 -2.62 18.79
N ASP B 29 7.13 -1.34 18.53
CA ASP B 29 6.57 -0.45 19.52
C ASP B 29 5.05 -0.68 19.56
N THR B 30 4.53 -1.06 20.72
CA THR B 30 3.10 -1.38 20.86
C THR B 30 2.19 -0.15 20.84
N ALA B 31 2.68 0.97 21.38
CA ALA B 31 1.93 2.22 21.38
C ALA B 31 1.71 2.72 19.95
N THR B 32 2.77 3.22 19.31
CA THR B 32 2.68 3.75 17.96
C THR B 32 2.38 2.65 16.91
N GLY B 33 3.07 1.53 17.03
CA GLY B 33 2.97 0.46 16.04
C GLY B 33 4.22 0.34 15.19
N GLU B 34 5.17 1.25 15.42
CA GLU B 34 6.39 1.33 14.63
C GLU B 34 7.25 0.07 14.80
N GLU B 35 7.89 -0.33 13.70
CA GLU B 35 8.68 -1.55 13.64
C GLU B 35 10.17 -1.21 13.72
N LEU B 36 10.68 -1.08 14.94
CA LEU B 36 12.03 -0.58 15.19
C LEU B 36 13.14 -1.41 14.54
N TYR B 37 13.07 -2.74 14.72
CA TYR B 37 14.05 -3.65 14.11
C TYR B 37 13.34 -4.87 13.51
N SER B 38 13.79 -5.30 12.34
CA SER B 38 13.33 -6.54 11.73
C SER B 38 14.42 -7.20 10.87
N ARG B 39 14.88 -8.37 11.30
CA ARG B 39 15.76 -9.18 10.47
C ARG B 39 15.24 -10.61 10.40
N ASP B 40 15.07 -11.11 9.17
CA ASP B 40 14.53 -12.45 8.92
C ASP B 40 13.24 -12.73 9.67
N GLY B 41 12.36 -11.72 9.73
CA GLY B 41 11.12 -11.80 10.50
C GLY B 41 10.10 -12.82 10.00
N GLY B 42 10.23 -13.21 8.74
CA GLY B 42 9.28 -14.13 8.11
C GLY B 42 9.87 -15.51 7.94
N GLU B 43 11.11 -15.67 8.38
CA GLU B 43 11.84 -16.92 8.32
C GLU B 43 11.29 -17.95 9.34
N GLN B 44 10.99 -19.16 8.87
CA GLN B 44 10.42 -20.22 9.72
C GLN B 44 11.47 -20.93 10.54
N LEU B 45 11.33 -20.84 11.86
CA LEU B 45 12.32 -21.35 12.79
C LEU B 45 11.65 -22.20 13.86
N LEU B 46 12.40 -23.16 14.41
CA LEU B 46 12.00 -23.87 15.63
C LEU B 46 11.93 -22.89 16.82
N PRO B 47 10.80 -22.88 17.55
CA PRO B 47 10.61 -21.95 18.68
C PRO B 47 11.11 -22.44 20.05
N ALA B 48 11.36 -23.75 20.17
CA ALA B 48 11.41 -24.42 21.46
C ALA B 48 10.30 -23.91 22.37
N SER B 49 10.59 -23.56 23.60
CA SER B 49 9.52 -23.20 24.55
C SER B 49 8.84 -21.85 24.33
N ASN B 50 9.26 -21.08 23.33
CA ASN B 50 8.45 -19.94 22.88
C ASN B 50 7.11 -20.39 22.29
N MET B 51 7.01 -21.67 21.95
CA MET B 51 5.72 -22.25 21.58
C MET B 51 4.69 -22.16 22.72
N LYS B 52 5.18 -22.12 23.95
CA LYS B 52 4.29 -22.02 25.12
C LYS B 52 3.50 -20.72 25.14
N LEU B 53 4.02 -19.69 24.47
CA LEU B 53 3.31 -18.42 24.34
C LEU B 53 1.99 -18.61 23.59
N PHE B 54 2.04 -19.35 22.48
CA PHE B 54 0.86 -19.62 21.67
C PHE B 54 -0.12 -20.48 22.47
N THR B 55 0.39 -21.55 23.09
CA THR B 55 -0.42 -22.41 23.97
C THR B 55 -1.16 -21.62 25.06
N ALA B 56 -0.40 -20.90 25.89
CA ALA B 56 -0.98 -20.06 26.94
C ALA B 56 -2.06 -19.16 26.37
N ALA B 57 -1.76 -18.46 25.27
CA ALA B 57 -2.72 -17.53 24.65
C ALA B 57 -4.04 -18.20 24.25
N ALA B 58 -3.95 -19.41 23.73
CA ALA B 58 -5.11 -20.14 23.26
C ALA B 58 -5.90 -20.76 24.41
N ALA B 59 -5.23 -21.04 25.52
CA ALA B 59 -5.88 -21.66 26.68
C ALA B 59 -6.68 -20.64 27.46
N LEU B 60 -6.24 -19.38 27.43
CA LEU B 60 -6.97 -18.28 28.08
C LEU B 60 -8.15 -17.84 27.22
N GLU B 61 -7.96 -17.84 25.91
CA GLU B 61 -9.02 -17.53 24.97
C GLU B 61 -10.09 -18.64 24.98
N VAL B 62 -9.64 -19.90 24.92
CA VAL B 62 -10.56 -21.03 24.87
C VAL B 62 -11.15 -21.38 26.25
N LEU B 63 -10.28 -21.49 27.25
CA LEU B 63 -10.71 -21.96 28.57
C LEU B 63 -11.08 -20.85 29.54
N GLY B 64 -10.48 -19.68 29.37
CA GLY B 64 -10.75 -18.57 30.27
C GLY B 64 -9.79 -18.52 31.44
N ALA B 65 -9.53 -17.31 31.92
CA ALA B 65 -8.63 -17.10 33.07
C ALA B 65 -9.17 -17.72 34.36
N ASP B 66 -10.49 -17.99 34.36
CA ASP B 66 -11.20 -18.54 35.52
C ASP B 66 -11.36 -20.07 35.51
N HIS B 67 -10.86 -20.73 34.47
CA HIS B 67 -11.03 -22.18 34.31
C HIS B 67 -10.28 -22.97 35.38
N SER B 68 -10.91 -24.01 35.88
CA SER B 68 -10.33 -24.89 36.91
C SER B 68 -10.50 -26.35 36.49
N PHE B 69 -9.68 -27.24 37.04
CA PHE B 69 -9.70 -28.64 36.64
C PHE B 69 -10.06 -29.54 37.79
N GLY B 70 -10.90 -30.53 37.50
CA GLY B 70 -11.48 -31.38 38.51
C GLY B 70 -10.94 -32.80 38.53
N THR B 71 -10.98 -33.38 39.72
CA THR B 71 -10.68 -34.79 39.94
C THR B 71 -11.82 -35.33 40.78
N GLU B 72 -12.16 -36.60 40.56
CA GLU B 72 -13.34 -37.24 41.18
C GLU B 72 -13.07 -38.67 41.61
N VAL B 73 -13.74 -39.10 42.67
CA VAL B 73 -13.77 -40.53 43.01
C VAL B 73 -15.20 -41.04 42.88
N ALA B 74 -15.42 -41.96 41.95
CA ALA B 74 -16.75 -42.45 41.61
C ALA B 74 -16.97 -43.91 41.97
N ALA B 75 -18.15 -44.20 42.51
CA ALA B 75 -18.64 -45.57 42.69
C ALA B 75 -20.02 -45.70 42.06
N GLU B 76 -20.49 -46.93 41.90
CA GLU B 76 -21.74 -47.17 41.18
C GLU B 76 -22.93 -46.82 42.03
N SER B 77 -22.79 -47.06 43.32
CA SER B 77 -23.81 -46.73 44.31
C SER B 77 -23.09 -46.16 45.53
N ALA B 78 -23.85 -45.55 46.43
CA ALA B 78 -23.33 -45.24 47.76
C ALA B 78 -22.87 -46.53 48.46
N PRO B 79 -21.95 -46.43 49.43
CA PRO B 79 -21.53 -47.62 50.17
C PRO B 79 -22.72 -48.40 50.73
N GLY B 80 -22.64 -49.73 50.62
CA GLY B 80 -23.68 -50.62 51.16
C GLY B 80 -23.64 -50.70 52.67
N ARG B 81 -24.25 -51.74 53.21
CA ARG B 81 -24.47 -51.89 54.65
C ARG B 81 -23.22 -52.08 55.50
N ARG B 82 -22.19 -52.68 54.89
CA ARG B 82 -20.94 -52.99 55.58
C ARG B 82 -19.81 -52.03 55.22
N GLY B 83 -20.19 -50.87 54.68
CA GLY B 83 -19.24 -49.85 54.25
C GLY B 83 -18.50 -50.27 52.99
N GLU B 84 -19.12 -51.13 52.20
CA GLU B 84 -18.46 -51.77 51.08
C GLU B 84 -18.96 -51.27 49.73
N VAL B 85 -18.01 -51.02 48.83
CA VAL B 85 -18.32 -50.82 47.42
C VAL B 85 -17.64 -51.93 46.65
N GLN B 86 -18.04 -52.10 45.40
CA GLN B 86 -17.35 -53.04 44.55
C GLN B 86 -16.10 -52.36 43.97
N ASP B 87 -16.21 -51.82 42.77
CA ASP B 87 -15.11 -51.09 42.15
C ASP B 87 -15.14 -49.61 42.52
N LEU B 88 -13.98 -48.98 42.39
CA LEU B 88 -13.83 -47.57 42.68
C LEU B 88 -13.00 -46.97 41.55
N TYR B 89 -13.34 -45.74 41.14
CA TYR B 89 -12.68 -45.06 40.04
C TYR B 89 -12.12 -43.72 40.48
N LEU B 90 -10.82 -43.57 40.31
CA LEU B 90 -10.21 -42.28 40.47
C LEU B 90 -10.16 -41.66 39.07
N VAL B 91 -10.91 -40.57 38.91
CA VAL B 91 -11.15 -39.95 37.63
C VAL B 91 -10.51 -38.59 37.55
N GLY B 92 -9.50 -38.46 36.69
CA GLY B 92 -8.84 -37.19 36.45
C GLY B 92 -9.38 -36.55 35.19
N ARG B 93 -9.68 -35.27 35.26
CA ARG B 93 -10.05 -34.50 34.06
C ARG B 93 -9.09 -33.35 33.74
N GLY B 94 -7.79 -33.64 33.74
CA GLY B 94 -6.77 -32.69 33.23
C GLY B 94 -6.12 -31.71 34.20
N ASP B 95 -6.21 -31.99 35.50
CA ASP B 95 -5.54 -31.15 36.51
C ASP B 95 -4.00 -31.29 36.44
N PRO B 96 -3.32 -30.22 36.00
CA PRO B 96 -1.87 -30.28 35.91
C PRO B 96 -1.17 -30.02 37.23
N THR B 97 -1.96 -29.96 38.30
CA THR B 97 -1.44 -29.56 39.61
C THR B 97 -1.97 -30.43 40.76
N LEU B 98 -2.25 -31.70 40.46
CA LEU B 98 -2.83 -32.61 41.43
C LEU B 98 -1.69 -33.20 42.25
N SER B 99 -1.69 -32.94 43.56
CA SER B 99 -0.60 -33.40 44.43
C SER B 99 -0.97 -34.67 45.18
N ALA B 100 0.02 -35.33 45.77
CA ALA B 100 -0.24 -36.46 46.68
C ALA B 100 -1.09 -36.06 47.90
N GLU B 101 -0.93 -34.82 48.37
CA GLU B 101 -1.75 -34.25 49.44
C GLU B 101 -3.23 -34.19 49.05
N ASP B 102 -3.47 -33.90 47.77
CA ASP B 102 -4.81 -33.85 47.23
C ASP B 102 -5.44 -35.23 47.14
N LEU B 103 -4.62 -36.21 46.75
CA LEU B 103 -5.01 -37.61 46.77
C LEU B 103 -5.38 -38.04 48.18
N ASP B 104 -4.61 -37.61 49.18
CA ASP B 104 -4.88 -37.97 50.57
C ASP B 104 -6.20 -37.41 51.12
N ALA B 105 -6.48 -36.13 50.83
CA ALA B 105 -7.70 -35.45 51.22
C ALA B 105 -8.93 -36.10 50.58
N MET B 106 -8.81 -36.51 49.32
CA MET B 106 -9.89 -37.20 48.62
C MET B 106 -10.08 -38.60 49.18
N ALA B 107 -8.99 -39.25 49.55
CA ALA B 107 -9.04 -40.54 50.25
C ALA B 107 -9.75 -40.40 51.61
N ALA B 108 -9.48 -39.32 52.33
CA ALA B 108 -10.18 -39.02 53.58
C ALA B 108 -11.67 -38.77 53.34
N GLU B 109 -11.99 -38.15 52.22
CA GLU B 109 -13.38 -37.84 51.86
C GLU B 109 -14.22 -39.08 51.56
N VAL B 110 -13.58 -40.10 51.00
CA VAL B 110 -14.23 -41.37 50.69
C VAL B 110 -14.58 -42.10 52.00
N ALA B 111 -13.62 -42.11 52.93
CA ALA B 111 -13.78 -42.76 54.22
C ALA B 111 -14.92 -42.15 55.02
N ALA B 112 -15.07 -40.83 54.90
CA ALA B 112 -16.15 -40.08 55.55
C ALA B 112 -17.49 -40.11 54.78
N SER B 113 -17.46 -40.64 53.56
CA SER B 113 -18.68 -40.98 52.82
C SER B 113 -19.35 -42.27 53.36
N GLY B 114 -18.60 -43.04 54.14
CA GLY B 114 -19.08 -44.31 54.66
C GLY B 114 -18.36 -45.53 54.10
N VAL B 115 -17.34 -45.30 53.26
CA VAL B 115 -16.60 -46.41 52.65
C VAL B 115 -15.51 -46.95 53.58
N ARG B 116 -15.57 -48.26 53.82
CA ARG B 116 -14.61 -48.94 54.67
C ARG B 116 -13.79 -49.95 53.85
N THR B 117 -14.43 -50.50 52.82
CA THR B 117 -13.86 -51.56 52.01
C THR B 117 -14.13 -51.31 50.53
N VAL B 118 -13.10 -51.46 49.71
CA VAL B 118 -13.27 -51.60 48.28
C VAL B 118 -13.09 -53.09 47.99
N ARG B 119 -14.20 -53.76 47.68
CA ARG B 119 -14.20 -55.21 47.51
C ARG B 119 -13.69 -55.68 46.16
N GLY B 120 -13.82 -54.82 45.16
CA GLY B 120 -13.34 -55.09 43.82
C GLY B 120 -12.09 -54.31 43.49
N ASP B 121 -12.05 -53.74 42.30
CA ASP B 121 -10.83 -53.14 41.77
C ASP B 121 -10.77 -51.64 41.90
N LEU B 122 -9.54 -51.12 42.00
CA LEU B 122 -9.31 -49.69 41.93
C LEU B 122 -8.83 -49.33 40.52
N TYR B 123 -9.59 -48.47 39.86
CA TYR B 123 -9.28 -48.04 38.51
C TYR B 123 -8.86 -46.58 38.45
N ALA B 124 -7.81 -46.33 37.68
CA ALA B 124 -7.40 -44.98 37.35
C ALA B 124 -8.02 -44.66 36.00
N ASP B 125 -8.99 -43.75 36.02
CA ASP B 125 -9.68 -43.32 34.81
C ASP B 125 -9.02 -42.03 34.31
N ASP B 126 -8.30 -42.15 33.21
CA ASP B 126 -7.76 -40.98 32.54
C ASP B 126 -8.32 -40.82 31.12
N THR B 127 -9.56 -41.25 30.92
CA THR B 127 -10.16 -41.29 29.58
C THR B 127 -10.61 -39.91 29.04
N TRP B 128 -10.59 -38.89 29.89
CA TRP B 128 -10.87 -37.51 29.49
C TRP B 128 -9.96 -37.06 28.32
N PHE B 129 -8.72 -37.54 28.34
CA PHE B 129 -7.81 -37.41 27.20
C PHE B 129 -7.61 -38.78 26.59
N ASP B 130 -7.01 -38.84 25.41
CA ASP B 130 -6.67 -40.13 24.83
C ASP B 130 -5.39 -40.69 25.47
N SER B 131 -5.05 -41.92 25.13
CA SER B 131 -3.94 -42.62 25.77
C SER B 131 -2.65 -42.47 24.96
N GLU B 132 -2.60 -41.46 24.10
CA GLU B 132 -1.37 -41.17 23.41
C GLU B 132 -0.49 -40.34 24.34
N ARG B 133 0.57 -40.97 24.83
CA ARG B 133 1.41 -40.44 25.90
C ARG B 133 2.44 -39.41 25.43
N LEU B 134 2.96 -39.59 24.22
CA LEU B 134 4.08 -38.82 23.71
C LEU B 134 3.79 -38.39 22.29
N VAL B 135 4.41 -37.30 21.84
CA VAL B 135 4.34 -36.89 20.44
C VAL B 135 5.27 -37.78 19.58
N ASP B 136 4.79 -38.27 18.44
CA ASP B 136 5.56 -39.19 17.61
C ASP B 136 7.00 -38.74 17.43
N ASP B 137 7.19 -37.47 17.06
CA ASP B 137 8.53 -36.94 16.79
C ASP B 137 9.39 -36.53 17.99
N TRP B 138 8.89 -36.73 19.21
CA TRP B 138 9.75 -36.58 20.39
C TRP B 138 10.85 -37.66 20.40
N TRP B 139 11.96 -37.38 21.10
CA TRP B 139 13.07 -38.33 21.14
C TRP B 139 12.89 -39.36 22.27
N PRO B 140 12.92 -40.67 21.94
CA PRO B 140 12.82 -41.71 22.98
C PRO B 140 13.91 -41.59 24.06
N GLU B 141 15.00 -40.89 23.74
CA GLU B 141 16.15 -40.75 24.60
C GLU B 141 15.88 -39.79 25.74
N ASP B 142 15.02 -38.80 25.46
CA ASP B 142 14.60 -37.82 26.46
C ASP B 142 13.60 -38.36 27.47
N GLU B 143 12.99 -39.51 27.19
CA GLU B 143 11.83 -39.99 27.96
C GLU B 143 11.98 -40.15 29.48
N PRO B 144 13.18 -40.48 30.00
CA PRO B 144 13.39 -40.53 31.45
C PRO B 144 13.26 -39.18 32.17
N TYR B 145 13.51 -38.09 31.44
CA TYR B 145 13.59 -36.77 32.06
C TYR B 145 12.21 -36.17 32.17
N ALA B 146 12.05 -35.31 33.17
CA ALA B 146 10.76 -34.79 33.56
C ALA B 146 10.09 -33.97 32.47
N TYR B 147 10.92 -33.37 31.62
CA TYR B 147 10.44 -32.51 30.57
C TYR B 147 9.79 -33.31 29.44
N SER B 148 9.96 -34.63 29.50
CA SER B 148 9.35 -35.55 28.54
C SER B 148 8.40 -36.58 29.20
N ALA B 149 7.90 -36.23 30.39
CA ALA B 149 6.87 -36.98 31.10
C ALA B 149 5.69 -37.32 30.19
N GLN B 150 5.08 -38.48 30.42
CA GLN B 150 3.97 -38.91 29.56
C GLN B 150 2.74 -38.07 29.83
N ILE B 151 1.89 -37.91 28.81
CA ILE B 151 0.70 -37.07 28.94
C ILE B 151 -0.57 -37.87 29.28
N SER B 152 -1.15 -37.55 30.43
CA SER B 152 -2.40 -38.15 30.89
C SER B 152 -3.32 -37.05 31.43
N ALA B 153 -4.63 -37.30 31.36
CA ALA B 153 -5.62 -36.49 32.07
C ALA B 153 -5.62 -36.77 33.58
N LEU B 154 -5.06 -37.90 34.01
CA LEU B 154 -4.86 -38.24 35.44
C LEU B 154 -3.37 -38.38 35.76
N THR B 155 -2.79 -37.35 36.36
CA THR B 155 -1.36 -37.35 36.64
C THR B 155 -1.11 -36.71 38.01
N VAL B 156 -0.08 -37.19 38.71
CA VAL B 156 0.37 -36.59 39.97
C VAL B 156 1.48 -35.58 39.72
N ALA B 157 1.25 -34.34 40.15
CA ALA B 157 2.24 -33.28 40.06
C ALA B 157 3.11 -33.21 41.32
N HIS B 158 4.42 -33.27 41.13
CA HIS B 158 5.38 -33.25 42.23
C HIS B 158 5.88 -31.85 42.56
N GLY B 159 5.90 -31.53 43.86
CA GLY B 159 6.52 -30.32 44.36
C GLY B 159 5.66 -29.10 44.10
N GLU B 160 6.17 -27.93 44.43
CA GLU B 160 5.43 -26.70 44.20
C GLU B 160 5.56 -26.17 42.77
N ARG B 161 6.48 -26.73 42.01
CA ARG B 161 6.57 -26.43 40.57
C ARG B 161 5.60 -27.28 39.74
N PHE B 162 5.03 -28.30 40.36
CA PHE B 162 4.05 -29.17 39.73
C PHE B 162 4.60 -29.90 38.49
N ASP B 163 5.69 -30.63 38.66
CA ASP B 163 6.22 -31.45 37.58
C ASP B 163 5.44 -32.76 37.58
N THR B 164 4.75 -33.00 36.46
CA THR B 164 3.76 -34.08 36.36
C THR B 164 4.36 -35.40 35.87
N GLY B 165 3.79 -36.52 36.33
CA GLY B 165 4.09 -37.83 35.80
C GLY B 165 5.51 -38.27 36.09
N VAL B 166 6.05 -37.74 37.18
CA VAL B 166 7.40 -38.10 37.62
C VAL B 166 7.38 -38.73 39.02
N THR B 167 8.52 -39.33 39.37
CA THR B 167 8.81 -39.75 40.74
C THR B 167 10.17 -39.18 41.15
N GLU B 168 10.34 -38.90 42.44
CA GLU B 168 11.62 -38.42 42.96
C GLU B 168 12.50 -39.60 43.40
N VAL B 169 13.53 -39.87 42.61
CA VAL B 169 14.53 -40.88 42.93
C VAL B 169 15.63 -40.22 43.76
N SER B 170 16.05 -40.88 44.83
CA SER B 170 17.21 -40.39 45.59
C SER B 170 18.18 -41.52 45.87
N VAL B 171 19.45 -41.27 45.60
CA VAL B 171 20.51 -42.29 45.68
C VAL B 171 21.56 -41.83 46.69
N THR B 172 21.80 -42.64 47.71
CA THR B 172 22.78 -42.30 48.76
C THR B 172 23.91 -43.34 48.79
N PRO B 173 25.13 -42.91 49.16
CA PRO B 173 26.23 -43.86 49.28
C PRO B 173 26.08 -44.82 50.46
N ALA B 174 26.43 -46.08 50.24
CA ALA B 174 26.52 -47.03 51.34
C ALA B 174 28.01 -47.17 51.67
N ALA B 175 28.45 -48.41 51.90
CA ALA B 175 29.86 -48.69 52.14
C ALA B 175 30.60 -48.78 50.80
N GLU B 176 31.87 -48.34 50.78
CA GLU B 176 32.72 -48.42 49.58
C GLU B 176 32.66 -49.82 48.96
N GLY B 177 32.37 -49.86 47.67
CA GLY B 177 32.38 -51.12 46.92
C GLY B 177 31.05 -51.86 46.93
N GLU B 178 30.13 -51.37 47.75
CA GLU B 178 28.83 -51.98 47.88
C GLU B 178 27.77 -51.17 47.13
N PRO B 179 26.63 -51.81 46.76
CA PRO B 179 25.60 -51.09 46.05
C PRO B 179 25.14 -49.83 46.77
N ALA B 180 24.85 -48.78 46.01
CA ALA B 180 24.27 -47.57 46.59
C ALA B 180 22.82 -47.86 46.95
N ASP B 181 22.31 -47.14 47.94
CA ASP B 181 20.93 -47.28 48.36
C ASP B 181 20.04 -46.41 47.48
N VAL B 182 18.96 -47.01 46.97
CA VAL B 182 18.05 -46.30 46.07
C VAL B 182 16.63 -46.31 46.62
N ASP B 183 16.05 -45.12 46.79
CA ASP B 183 14.63 -44.98 47.05
C ASP B 183 14.01 -44.40 45.80
N LEU B 184 12.92 -45.00 45.34
CA LEU B 184 12.24 -44.52 44.14
C LEU B 184 11.20 -43.43 44.40
N GLY B 185 10.97 -43.07 45.66
CA GLY B 185 9.98 -42.04 46.02
C GLY B 185 8.58 -42.58 45.84
N ALA B 186 7.69 -41.77 45.28
CA ALA B 186 6.31 -42.17 45.04
C ALA B 186 6.20 -43.49 44.26
N ALA B 187 7.07 -43.69 43.26
CA ALA B 187 7.04 -44.92 42.48
C ALA B 187 7.53 -46.20 43.19
N GLU B 188 7.86 -46.11 44.48
CA GLU B 188 8.20 -47.30 45.27
C GLU B 188 7.04 -48.28 45.23
N GLY B 189 7.31 -49.51 44.81
CA GLY B 189 6.26 -50.52 44.72
C GLY B 189 5.36 -50.33 43.52
N TYR B 190 5.69 -49.37 42.65
CA TYR B 190 5.01 -49.24 41.37
C TYR B 190 5.96 -49.52 40.21
N ALA B 191 7.05 -48.74 40.15
CA ALA B 191 8.12 -48.98 39.19
C ALA B 191 9.04 -50.08 39.71
N GLU B 192 9.83 -50.66 38.81
CA GLU B 192 10.82 -51.64 39.19
C GLU B 192 12.17 -50.96 39.37
N LEU B 193 13.02 -51.57 40.20
CA LEU B 193 14.35 -51.07 40.44
C LEU B 193 15.40 -51.99 39.83
N ASP B 194 16.31 -51.39 39.05
CA ASP B 194 17.46 -52.12 38.57
C ASP B 194 18.72 -51.39 39.02
N ASN B 195 19.20 -51.78 40.19
CA ASN B 195 20.30 -51.08 40.83
C ASN B 195 21.63 -51.80 40.60
N ARG B 196 22.41 -51.26 39.66
CA ARG B 196 23.70 -51.82 39.30
C ARG B 196 24.83 -50.82 39.57
N ALA B 197 24.57 -49.90 40.50
CA ALA B 197 25.53 -48.85 40.89
C ALA B 197 26.34 -49.21 42.15
N VAL B 198 27.56 -48.67 42.22
CA VAL B 198 28.45 -48.85 43.36
C VAL B 198 28.57 -47.60 44.21
N THR B 199 28.89 -47.78 45.48
CA THR B 199 29.49 -46.70 46.26
C THR B 199 30.98 -46.73 45.97
N GLY B 200 31.50 -45.61 45.49
CA GLY B 200 32.91 -45.54 45.14
C GLY B 200 33.64 -44.95 46.31
N ALA B 201 34.98 -44.99 46.24
CA ALA B 201 35.81 -44.45 47.30
C ALA B 201 35.42 -43.01 47.62
N ALA B 202 35.63 -42.61 48.87
CA ALA B 202 35.54 -41.21 49.22
C ALA B 202 36.53 -40.44 48.36
N GLY B 203 36.13 -39.25 47.92
CA GLY B 203 36.96 -38.42 47.07
C GLY B 203 37.05 -38.82 45.61
N SER B 204 36.22 -39.76 45.15
CA SER B 204 36.29 -40.21 43.75
C SER B 204 35.20 -39.55 42.89
N ALA B 205 35.26 -39.73 41.57
CA ALA B 205 34.27 -39.16 40.66
C ALA B 205 32.86 -39.72 40.75
N ASN B 206 31.88 -38.83 40.81
CA ASN B 206 30.48 -39.16 40.68
C ASN B 206 30.10 -39.47 39.22
N THR B 207 29.95 -40.75 38.91
CA THR B 207 29.62 -41.18 37.54
C THR B 207 28.20 -41.73 37.47
N LEU B 208 27.42 -41.46 38.50
CA LEU B 208 26.09 -42.06 38.65
C LEU B 208 25.19 -41.66 37.50
N VAL B 209 24.38 -42.61 37.04
CA VAL B 209 23.44 -42.37 35.98
C VAL B 209 22.11 -42.97 36.41
N ILE B 210 21.04 -42.17 36.34
CA ILE B 210 19.70 -42.67 36.65
C ILE B 210 18.83 -42.68 35.39
N ASP B 211 18.42 -43.87 34.99
CA ASP B 211 17.76 -44.12 33.71
C ASP B 211 16.39 -44.78 33.87
N ARG B 212 15.58 -44.67 32.82
CA ARG B 212 14.47 -45.60 32.60
C ARG B 212 14.62 -46.14 31.17
N PRO B 213 15.15 -47.37 31.01
CA PRO B 213 15.31 -47.87 29.64
C PRO B 213 14.01 -47.74 28.85
N VAL B 214 14.12 -47.39 27.57
CA VAL B 214 12.93 -47.13 26.75
C VAL B 214 11.93 -48.29 26.76
N GLY B 215 10.66 -47.95 26.90
CA GLY B 215 9.59 -48.91 26.86
C GLY B 215 9.42 -49.74 28.12
N THR B 216 10.18 -49.42 29.17
CA THR B 216 10.03 -50.13 30.44
C THR B 216 9.46 -49.23 31.52
N ASN B 217 9.07 -49.82 32.64
CA ASN B 217 8.75 -49.08 33.86
C ASN B 217 9.77 -49.39 34.97
N THR B 218 11.05 -49.35 34.59
CA THR B 218 12.15 -49.75 35.43
C THR B 218 13.13 -48.59 35.55
N ILE B 219 13.36 -48.13 36.77
CA ILE B 219 14.45 -47.22 37.04
C ILE B 219 15.75 -48.04 37.12
N ALA B 220 16.68 -47.77 36.23
CA ALA B 220 17.98 -48.43 36.24
C ALA B 220 19.04 -47.44 36.69
N VAL B 221 19.81 -47.83 37.70
CA VAL B 221 20.83 -46.96 38.28
C VAL B 221 22.20 -47.57 38.08
N THR B 222 23.05 -46.85 37.35
CA THR B 222 24.38 -47.32 37.06
C THR B 222 25.43 -46.28 37.44
N GLY B 223 26.70 -46.65 37.30
CA GLY B 223 27.80 -45.76 37.64
C GLY B 223 28.15 -45.76 39.11
N SER B 224 29.01 -44.85 39.51
CA SER B 224 29.60 -44.85 40.85
C SER B 224 29.16 -43.62 41.61
N LEU B 225 28.85 -43.78 42.89
CA LEU B 225 28.57 -42.63 43.77
C LEU B 225 29.54 -42.66 44.96
N PRO B 226 30.35 -41.60 45.13
CA PRO B 226 31.41 -41.63 46.12
C PRO B 226 30.86 -41.68 47.55
N ALA B 227 31.62 -42.27 48.47
CA ALA B 227 31.16 -42.49 49.84
C ALA B 227 30.91 -41.19 50.61
N ASP B 228 31.66 -40.15 50.28
CA ASP B 228 31.56 -38.84 50.94
C ASP B 228 30.61 -37.88 50.18
N ALA B 229 29.73 -38.47 49.38
CA ALA B 229 28.84 -37.67 48.55
C ALA B 229 27.55 -37.37 49.29
N ALA B 230 27.01 -36.19 49.00
CA ALA B 230 25.66 -35.80 49.40
C ALA B 230 24.72 -36.67 48.57
N PRO B 231 23.52 -36.99 49.10
CA PRO B 231 22.61 -37.80 48.28
C PRO B 231 22.34 -37.16 46.92
N VAL B 232 22.17 -37.98 45.89
CA VAL B 232 21.68 -37.51 44.61
C VAL B 232 20.14 -37.50 44.62
N THR B 233 19.55 -36.41 44.18
CA THR B 233 18.08 -36.30 44.09
C THR B 233 17.65 -35.90 42.66
N ALA B 234 16.99 -36.83 41.98
CA ALA B 234 16.66 -36.71 40.57
C ALA B 234 15.20 -37.09 40.31
N LEU B 235 14.49 -36.25 39.55
CA LEU B 235 13.15 -36.56 39.06
C LEU B 235 13.25 -37.40 37.80
N ARG B 236 12.57 -38.55 37.82
CA ARG B 236 12.51 -39.42 36.65
C ARG B 236 11.06 -39.71 36.30
N THR B 237 10.81 -40.03 35.05
CA THR B 237 9.45 -40.35 34.62
C THR B 237 9.11 -41.80 34.91
N VAL B 238 7.80 -42.05 35.04
CA VAL B 238 7.25 -43.40 35.12
C VAL B 238 6.38 -43.63 33.88
N ASP B 239 6.13 -44.90 33.58
CA ASP B 239 5.24 -45.27 32.49
C ASP B 239 3.84 -45.25 33.07
N GLU B 240 2.86 -44.77 32.30
CA GLU B 240 1.47 -44.64 32.73
C GLU B 240 1.30 -43.79 34.02
N PRO B 241 1.36 -42.45 33.89
CA PRO B 241 1.21 -41.54 35.05
C PRO B 241 -0.01 -41.82 35.93
N ALA B 242 -1.14 -42.14 35.28
CA ALA B 242 -2.42 -42.37 35.90
C ALA B 242 -2.44 -43.62 36.77
N ALA B 243 -1.78 -44.68 36.30
CA ALA B 243 -1.58 -45.89 37.10
C ALA B 243 -0.74 -45.61 38.34
N LEU B 244 0.25 -44.71 38.25
CA LEU B 244 1.02 -44.32 39.43
C LEU B 244 0.09 -43.59 40.41
N ALA B 245 -0.80 -42.76 39.87
CA ALA B 245 -1.82 -42.08 40.67
C ALA B 245 -2.76 -43.07 41.37
N GLY B 246 -3.09 -44.15 40.69
CA GLY B 246 -3.89 -45.23 41.27
C GLY B 246 -3.14 -45.89 42.40
N HIS B 247 -1.91 -46.31 42.11
CA HIS B 247 -1.00 -46.88 43.11
C HIS B 247 -0.89 -45.97 44.33
N LEU B 248 -0.73 -44.67 44.09
CA LEU B 248 -0.67 -43.67 45.16
C LEU B 248 -1.99 -43.48 45.91
N PHE B 249 -3.10 -43.46 45.18
CA PHE B 249 -4.41 -43.26 45.78
C PHE B 249 -4.83 -44.45 46.63
N GLU B 250 -4.42 -45.64 46.21
CA GLU B 250 -4.63 -46.85 46.99
C GLU B 250 -3.94 -46.78 48.34
N GLU B 251 -2.67 -46.38 48.33
CA GLU B 251 -1.90 -46.20 49.56
C GLU B 251 -2.58 -45.18 50.46
N ALA B 252 -3.13 -44.12 49.86
CA ALA B 252 -3.79 -43.05 50.61
C ALA B 252 -5.05 -43.59 51.28
N LEU B 253 -5.84 -44.34 50.50
CA LEU B 253 -7.03 -45.02 51.00
C LEU B 253 -6.72 -45.84 52.26
N GLU B 254 -5.71 -46.71 52.17
CA GLU B 254 -5.32 -47.57 53.30
C GLU B 254 -4.90 -46.79 54.54
N SER B 255 -4.36 -45.59 54.33
CA SER B 255 -3.92 -44.70 55.42
C SER B 255 -5.09 -43.95 56.04
N ASN B 256 -6.20 -43.87 55.31
CA ASN B 256 -7.43 -43.27 55.83
C ASN B 256 -8.48 -44.32 56.23
N GLY B 257 -8.01 -45.56 56.42
CA GLY B 257 -8.84 -46.65 56.93
C GLY B 257 -9.65 -47.47 55.92
N VAL B 258 -9.46 -47.20 54.62
CA VAL B 258 -10.18 -47.90 53.56
C VAL B 258 -9.33 -49.03 53.00
N THR B 259 -9.83 -50.26 53.11
CA THR B 259 -9.13 -51.43 52.61
C THR B 259 -9.51 -51.65 51.15
N VAL B 260 -8.54 -52.09 50.35
CA VAL B 260 -8.74 -52.34 48.92
C VAL B 260 -8.37 -53.77 48.56
N LYS B 261 -9.38 -54.59 48.30
CA LYS B 261 -9.19 -56.02 48.12
C LYS B 261 -8.63 -56.38 46.75
N GLY B 262 -9.04 -55.62 45.73
CA GLY B 262 -8.76 -55.96 44.35
C GLY B 262 -7.46 -55.39 43.84
N ASP B 263 -7.39 -55.23 42.53
CA ASP B 263 -6.18 -54.81 41.85
C ASP B 263 -6.27 -53.34 41.43
N VAL B 264 -5.13 -52.68 41.31
CA VAL B 264 -5.10 -51.33 40.79
C VAL B 264 -4.63 -51.31 39.33
N GLY B 265 -5.42 -50.68 38.47
CA GLY B 265 -5.10 -50.56 37.05
C GLY B 265 -5.88 -49.45 36.39
N LEU B 266 -5.85 -49.40 35.06
CA LEU B 266 -6.53 -48.34 34.32
C LEU B 266 -7.88 -48.80 33.82
N GLY B 267 -8.90 -47.99 34.04
CA GLY B 267 -10.21 -48.25 33.48
C GLY B 267 -11.06 -47.00 33.48
N GLY B 268 -12.01 -46.93 32.55
CA GLY B 268 -12.94 -45.81 32.54
C GLY B 268 -14.23 -46.19 33.24
N VAL B 269 -14.83 -45.24 33.96
CA VAL B 269 -16.18 -45.41 34.49
C VAL B 269 -17.04 -46.02 33.38
N PRO B 270 -17.62 -47.22 33.64
CA PRO B 270 -18.35 -48.12 32.74
C PRO B 270 -19.32 -47.57 31.69
N ALA B 271 -20.05 -46.49 31.95
CA ALA B 271 -21.00 -45.94 30.95
C ALA B 271 -22.40 -46.54 31.04
N ASP B 272 -22.50 -47.84 31.31
CA ASP B 272 -23.78 -48.43 31.73
C ASP B 272 -24.06 -48.07 33.20
N TRP B 273 -23.23 -47.18 33.75
CA TRP B 273 -23.43 -46.59 35.08
C TRP B 273 -24.21 -45.30 34.91
N GLN B 274 -25.42 -45.22 35.45
CA GLN B 274 -26.24 -44.02 35.26
C GLN B 274 -26.44 -43.15 36.50
N ASP B 275 -26.53 -43.76 37.67
CA ASP B 275 -26.70 -43.00 38.91
C ASP B 275 -25.43 -43.04 39.76
N ALA B 276 -24.31 -42.63 39.15
CA ALA B 276 -22.98 -42.76 39.76
C ALA B 276 -22.83 -41.95 41.04
N GLU B 277 -22.16 -42.54 42.02
CA GLU B 277 -21.91 -41.88 43.29
C GLU B 277 -20.55 -41.21 43.26
N VAL B 278 -20.52 -39.89 43.47
CA VAL B 278 -19.27 -39.16 43.61
C VAL B 278 -18.92 -39.11 45.10
N LEU B 279 -17.88 -39.85 45.46
CA LEU B 279 -17.52 -40.05 46.86
C LEU B 279 -16.55 -38.97 47.38
N ALA B 280 -15.83 -38.34 46.46
CA ALA B 280 -14.86 -37.30 46.77
C ALA B 280 -14.46 -36.61 45.48
N ASP B 281 -14.22 -35.31 45.57
CA ASP B 281 -13.72 -34.55 44.43
C ASP B 281 -12.65 -33.55 44.86
N HIS B 282 -12.01 -32.95 43.86
CA HIS B 282 -11.02 -31.93 44.07
C HIS B 282 -11.15 -30.88 42.98
N THR B 283 -10.79 -29.64 43.29
CA THR B 283 -10.80 -28.56 42.32
C THR B 283 -9.47 -27.81 42.37
N SER B 284 -8.81 -27.70 41.23
CA SER B 284 -7.54 -26.99 41.12
C SER B 284 -7.72 -25.47 41.27
N ALA B 285 -6.61 -24.76 41.47
CA ALA B 285 -6.58 -23.31 41.31
C ALA B 285 -7.00 -22.96 39.88
N GLU B 286 -7.42 -21.72 39.67
CA GLU B 286 -7.85 -21.28 38.35
C GLU B 286 -6.66 -21.15 37.41
N LEU B 287 -6.89 -21.26 36.11
CA LEU B 287 -5.84 -21.21 35.09
C LEU B 287 -4.86 -20.04 35.25
N SER B 288 -5.39 -18.86 35.52
CA SER B 288 -4.57 -17.66 35.70
C SER B 288 -3.48 -17.85 36.75
N GLU B 289 -3.79 -18.63 37.78
CA GLU B 289 -2.85 -18.94 38.86
C GLU B 289 -1.93 -20.11 38.50
N ILE B 290 -2.44 -21.04 37.68
CA ILE B 290 -1.65 -22.14 37.16
C ILE B 290 -0.63 -21.66 36.12
N LEU B 291 -0.90 -20.55 35.46
CA LEU B 291 0.00 -20.00 34.43
C LEU B 291 1.38 -19.67 34.99
N VAL B 292 1.44 -19.37 36.28
CA VAL B 292 2.71 -19.02 36.90
C VAL B 292 3.72 -20.19 36.88
N PRO B 293 3.45 -21.31 37.59
CA PRO B 293 4.45 -22.39 37.50
C PRO B 293 4.68 -22.89 36.07
N PHE B 294 3.66 -22.79 35.22
CA PHE B 294 3.73 -23.18 33.82
C PHE B 294 4.69 -22.30 32.99
N MET B 295 4.44 -20.99 32.95
CA MET B 295 5.26 -20.10 32.10
C MET B 295 6.59 -19.66 32.71
N LYS B 296 6.68 -19.69 34.05
CA LYS B 296 7.91 -19.24 34.72
C LYS B 296 9.02 -20.28 34.62
N PHE B 297 8.64 -21.55 34.68
CA PHE B 297 9.62 -22.61 34.75
C PHE B 297 9.62 -23.45 33.50
N SER B 298 8.72 -23.11 32.58
CA SER B 298 8.64 -23.73 31.26
C SER B 298 8.35 -25.25 31.35
N ASN B 299 7.17 -25.56 31.87
CA ASN B 299 6.69 -26.90 32.11
C ASN B 299 6.03 -27.53 30.88
N ASN B 300 6.70 -28.49 30.25
CA ASN B 300 6.16 -29.12 29.05
C ASN B 300 4.85 -29.87 29.27
N GLY B 301 4.81 -30.68 30.34
CA GLY B 301 3.60 -31.38 30.75
C GLY B 301 2.37 -30.49 30.79
N HIS B 302 2.45 -29.36 31.50
CA HIS B 302 1.35 -28.39 31.53
C HIS B 302 0.90 -28.05 30.11
N ALA B 303 1.85 -27.74 29.24
CA ALA B 303 1.53 -27.30 27.89
C ALA B 303 0.71 -28.31 27.10
N GLU B 304 1.05 -29.59 27.20
CA GLU B 304 0.37 -30.59 26.40
C GLU B 304 -0.98 -30.93 27.01
N MET B 305 -1.10 -30.77 28.33
CA MET B 305 -2.38 -30.95 28.98
C MET B 305 -3.33 -29.85 28.56
N LEU B 306 -2.86 -28.61 28.54
CA LEU B 306 -3.66 -27.51 28.03
C LEU B 306 -4.12 -27.71 26.58
N VAL B 307 -3.24 -28.18 25.71
CA VAL B 307 -3.63 -28.52 24.35
C VAL B 307 -4.77 -29.52 24.31
N LYS B 308 -4.64 -30.61 25.04
CA LYS B 308 -5.68 -31.62 25.09
C LYS B 308 -6.96 -31.13 25.76
N SER B 309 -6.84 -30.22 26.73
CA SER B 309 -7.99 -29.52 27.32
C SER B 309 -8.67 -28.63 26.27
N ILE B 310 -7.87 -27.90 25.50
CA ILE B 310 -8.39 -27.14 24.36
C ILE B 310 -9.11 -28.09 23.40
N GLY B 311 -8.53 -29.27 23.16
CA GLY B 311 -9.17 -30.31 22.37
C GLY B 311 -10.54 -30.71 22.87
N GLN B 312 -10.69 -30.85 24.19
CA GLN B 312 -11.97 -31.26 24.75
C GLN B 312 -13.03 -30.19 24.62
N GLU B 313 -12.66 -28.96 24.92
CA GLU B 313 -13.57 -27.83 24.88
C GLU B 313 -14.03 -27.52 23.43
N THR B 314 -13.12 -27.64 22.48
CA THR B 314 -13.40 -27.25 21.11
C THR B 314 -13.91 -28.39 20.20
N ALA B 315 -13.81 -29.64 20.65
CA ALA B 315 -14.18 -30.77 19.81
C ALA B 315 -14.58 -32.04 20.59
N GLY B 316 -14.80 -31.90 21.90
CA GLY B 316 -15.12 -33.03 22.78
C GLY B 316 -14.13 -34.18 22.61
N ALA B 317 -12.92 -33.82 22.19
CA ALA B 317 -11.86 -34.80 21.93
C ALA B 317 -10.53 -34.34 22.55
N GLY B 318 -10.15 -34.98 23.66
CA GLY B 318 -8.91 -34.67 24.37
C GLY B 318 -7.68 -35.21 23.65
N THR B 319 -7.39 -34.65 22.48
CA THR B 319 -6.32 -35.15 21.62
C THR B 319 -5.37 -34.02 21.19
N TRP B 320 -4.17 -34.38 20.71
CA TRP B 320 -3.28 -33.39 20.08
C TRP B 320 -3.89 -32.91 18.79
N ASP B 321 -4.32 -33.86 17.95
CA ASP B 321 -4.93 -33.56 16.64
C ASP B 321 -6.06 -32.55 16.74
N ALA B 322 -6.91 -32.68 17.76
CA ALA B 322 -8.03 -31.74 17.96
C ALA B 322 -7.64 -30.48 18.72
N GLY B 323 -6.67 -30.61 19.63
CA GLY B 323 -6.25 -29.47 20.42
C GLY B 323 -5.41 -28.49 19.64
N LEU B 324 -4.61 -29.00 18.71
CA LEU B 324 -3.76 -28.15 17.89
C LEU B 324 -4.57 -27.41 16.79
N VAL B 325 -5.73 -27.97 16.43
CA VAL B 325 -6.68 -27.32 15.55
C VAL B 325 -7.37 -26.21 16.33
N GLY B 326 -7.72 -26.49 17.58
CA GLY B 326 -8.32 -25.51 18.47
C GLY B 326 -7.39 -24.36 18.82
N VAL B 327 -6.11 -24.66 19.00
CA VAL B 327 -5.09 -23.65 19.31
C VAL B 327 -4.98 -22.68 18.13
N GLU B 328 -4.84 -23.23 16.93
CA GLU B 328 -4.65 -22.46 15.69
C GLU B 328 -5.87 -21.59 15.36
N GLU B 329 -7.05 -22.15 15.62
CA GLU B 329 -8.30 -21.46 15.32
C GLU B 329 -8.57 -20.36 16.34
N ALA B 330 -8.23 -20.60 17.61
CA ALA B 330 -8.33 -19.57 18.65
C ALA B 330 -7.37 -18.41 18.39
N LEU B 331 -6.17 -18.73 17.93
CA LEU B 331 -5.15 -17.72 17.70
C LEU B 331 -5.54 -16.76 16.59
N SER B 332 -6.08 -17.32 15.50
CA SER B 332 -6.61 -16.52 14.40
C SER B 332 -7.81 -15.69 14.85
N GLY B 333 -8.63 -16.26 15.72
CA GLY B 333 -9.74 -15.55 16.36
C GLY B 333 -9.30 -14.37 17.21
N LEU B 334 -8.09 -14.46 17.74
CA LEU B 334 -7.50 -13.41 18.57
C LEU B 334 -6.83 -12.33 17.72
N GLY B 335 -6.73 -12.59 16.41
CA GLY B 335 -6.17 -11.63 15.46
C GLY B 335 -4.84 -12.01 14.83
N VAL B 336 -4.26 -13.12 15.28
CA VAL B 336 -2.93 -13.53 14.84
C VAL B 336 -2.97 -14.20 13.46
N ASP B 337 -2.18 -13.69 12.51
CA ASP B 337 -1.98 -14.37 11.24
C ASP B 337 -1.11 -15.62 11.44
N THR B 338 -1.76 -16.79 11.38
CA THR B 338 -1.13 -18.08 11.69
C THR B 338 -0.47 -18.77 10.49
N ALA B 339 -0.21 -18.02 9.42
CA ALA B 339 0.27 -18.57 8.14
C ALA B 339 1.66 -19.18 8.19
N GLY B 340 2.55 -18.60 8.98
CA GLY B 340 3.90 -19.12 9.16
C GLY B 340 4.04 -20.14 10.28
N LEU B 341 2.96 -20.36 11.01
CA LEU B 341 2.94 -21.29 12.16
C LEU B 341 2.75 -22.75 11.74
N VAL B 342 3.60 -23.62 12.25
CA VAL B 342 3.37 -25.06 12.18
C VAL B 342 3.35 -25.57 13.61
N LEU B 343 2.22 -26.14 14.02
CA LEU B 343 2.02 -26.60 15.39
C LEU B 343 2.02 -28.11 15.45
N ASN B 344 3.01 -28.68 16.16
CA ASN B 344 3.08 -30.12 16.36
C ASN B 344 2.88 -30.46 17.83
N ASP B 345 3.12 -29.50 18.70
CA ASP B 345 2.79 -29.66 20.11
C ASP B 345 2.60 -28.34 20.84
N GLY B 346 2.19 -28.42 22.10
CA GLY B 346 1.98 -27.23 22.89
C GLY B 346 3.21 -26.72 23.61
N SER B 347 4.19 -27.59 23.84
CA SER B 347 5.33 -27.20 24.69
C SER B 347 6.52 -26.59 23.96
N GLY B 348 6.63 -26.87 22.67
CA GLY B 348 7.82 -26.55 21.90
C GLY B 348 8.89 -27.62 21.93
N LEU B 349 8.62 -28.76 22.58
CA LEU B 349 9.56 -29.87 22.61
C LEU B 349 9.73 -30.48 21.21
N SER B 350 8.64 -30.53 20.45
CA SER B 350 8.69 -31.21 19.16
C SER B 350 9.50 -30.36 18.18
N ARG B 351 10.36 -31.03 17.43
CA ARG B 351 11.21 -30.37 16.46
C ARG B 351 10.47 -30.18 15.13
N GLY B 352 9.18 -30.51 15.16
CA GLY B 352 8.30 -30.36 14.02
C GLY B 352 7.44 -29.11 14.14
N ASN B 353 7.74 -28.29 15.15
CA ASN B 353 7.15 -26.97 15.30
C ASN B 353 7.91 -25.93 14.48
N LEU B 354 7.20 -24.87 14.05
CA LEU B 354 7.83 -23.71 13.40
C LEU B 354 7.03 -22.48 13.70
N VAL B 355 7.73 -21.43 14.16
CA VAL B 355 7.15 -20.09 14.22
C VAL B 355 7.94 -19.19 13.26
N THR B 356 7.58 -17.90 13.24
CA THR B 356 8.39 -16.85 12.66
C THR B 356 8.41 -15.72 13.67
N ALA B 357 9.45 -14.89 13.63
CA ALA B 357 9.58 -13.82 14.62
C ALA B 357 8.44 -12.82 14.47
N ASP B 358 8.00 -12.59 13.22
CA ASP B 358 6.81 -11.77 12.96
C ASP B 358 5.58 -12.33 13.69
N THR B 359 5.33 -13.62 13.55
CA THR B 359 4.17 -14.24 14.22
C THR B 359 4.23 -14.06 15.74
N VAL B 360 5.42 -14.23 16.32
CA VAL B 360 5.56 -14.13 17.77
C VAL B 360 5.22 -12.71 18.19
N VAL B 361 5.76 -11.74 17.47
CA VAL B 361 5.52 -10.32 17.72
C VAL B 361 4.03 -9.94 17.50
N ASP B 362 3.42 -10.49 16.44
CA ASP B 362 1.97 -10.40 16.22
C ASP B 362 1.20 -10.92 17.46
N LEU B 363 1.52 -12.12 17.91
CA LEU B 363 0.92 -12.67 19.13
C LEU B 363 1.06 -11.72 20.31
N LEU B 364 2.27 -11.22 20.53
CA LEU B 364 2.56 -10.38 21.69
C LEU B 364 1.75 -9.09 21.65
N GLY B 365 1.39 -8.65 20.46
CA GLY B 365 0.54 -7.50 20.26
C GLY B 365 -0.90 -7.79 20.62
N GLN B 366 -1.44 -8.85 20.03
CA GLN B 366 -2.83 -9.20 20.23
C GLN B 366 -3.13 -9.54 21.68
N ALA B 367 -2.11 -10.04 22.36
CA ALA B 367 -2.25 -10.52 23.74
C ALA B 367 -2.18 -9.41 24.80
N GLY B 368 -1.66 -8.25 24.42
CA GLY B 368 -1.65 -7.08 25.31
C GLY B 368 -2.96 -6.29 25.30
N SER B 369 -3.79 -6.54 24.29
CA SER B 369 -5.09 -5.87 24.15
C SER B 369 -6.26 -6.76 24.62
N ALA B 370 -5.97 -8.05 24.82
CA ALA B 370 -6.97 -9.03 25.25
C ALA B 370 -7.36 -8.84 26.73
N PRO B 371 -8.62 -9.17 27.10
CA PRO B 371 -9.10 -9.05 28.47
C PRO B 371 -8.11 -9.59 29.51
N TRP B 372 -7.62 -10.80 29.25
CA TRP B 372 -6.69 -11.53 30.13
C TRP B 372 -5.23 -11.10 29.99
N ALA B 373 -4.99 -9.88 29.50
CA ALA B 373 -3.64 -9.40 29.21
C ALA B 373 -2.75 -9.33 30.44
N GLN B 374 -3.35 -9.27 31.62
CA GLN B 374 -2.62 -9.00 32.86
C GLN B 374 -2.09 -10.25 33.59
N THR B 375 -2.85 -11.36 33.63
CA THR B 375 -2.27 -12.60 34.15
C THR B 375 -1.27 -13.17 33.15
N TRP B 376 -1.58 -13.00 31.87
CA TRP B 376 -0.70 -13.44 30.80
C TRP B 376 0.71 -12.82 30.95
N SER B 377 0.76 -11.52 31.22
CA SER B 377 2.04 -10.84 31.38
C SER B 377 2.63 -11.04 32.79
N ALA B 378 1.79 -11.35 33.77
CA ALA B 378 2.32 -11.67 35.10
C ALA B 378 3.04 -13.04 35.11
N SER B 379 2.63 -13.95 34.23
CA SER B 379 3.15 -15.33 34.22
C SER B 379 4.54 -15.44 33.60
N LEU B 380 4.93 -14.41 32.85
CA LEU B 380 6.21 -14.40 32.14
C LEU B 380 7.38 -14.19 33.09
N PRO B 381 8.49 -14.94 32.87
CA PRO B 381 9.72 -14.66 33.60
C PRO B 381 10.11 -13.16 33.57
N VAL B 382 10.56 -12.65 34.70
CA VAL B 382 11.03 -11.29 34.79
C VAL B 382 12.56 -11.25 34.92
N ALA B 383 13.22 -10.64 33.95
CA ALA B 383 14.68 -10.60 33.90
C ALA B 383 15.38 -10.22 35.22
N GLY B 384 16.26 -11.11 35.67
CA GLY B 384 17.11 -10.87 36.83
C GLY B 384 16.43 -10.71 38.17
N GLU B 385 15.41 -11.52 38.43
CA GLU B 385 14.73 -11.58 39.74
C GLU B 385 15.01 -12.93 40.42
N SER B 386 15.63 -12.88 41.60
CA SER B 386 16.12 -14.13 42.22
C SER B 386 15.04 -14.97 42.90
N ASP B 387 13.86 -14.38 43.13
CA ASP B 387 12.67 -15.18 43.51
C ASP B 387 12.29 -16.09 42.33
N PRO B 388 12.46 -17.41 42.49
CA PRO B 388 12.25 -18.33 41.37
C PRO B 388 10.88 -18.18 40.70
N PHE B 389 9.88 -17.71 41.45
CA PHE B 389 8.51 -17.59 40.95
C PHE B 389 8.24 -16.26 40.28
N VAL B 390 9.19 -15.33 40.38
CA VAL B 390 9.12 -14.04 39.70
C VAL B 390 10.05 -14.06 38.49
N GLY B 391 11.31 -14.44 38.73
CA GLY B 391 12.30 -14.46 37.67
C GLY B 391 12.27 -15.70 36.80
N GLY B 392 11.89 -16.83 37.39
CA GLY B 392 11.82 -18.10 36.66
C GLY B 392 13.10 -18.41 35.89
N THR B 393 12.96 -18.71 34.60
CA THR B 393 14.10 -19.11 33.76
C THR B 393 15.03 -17.95 33.42
N LEU B 394 14.63 -16.75 33.82
CA LEU B 394 15.40 -15.54 33.59
C LEU B 394 16.04 -15.00 34.86
N ALA B 395 16.03 -15.82 35.90
CA ALA B 395 16.40 -15.37 37.26
C ALA B 395 17.86 -14.98 37.38
N ASN B 396 18.73 -15.75 36.73
CA ASN B 396 20.16 -15.45 36.75
C ASN B 396 20.64 -14.75 35.48
N ARG B 397 19.71 -14.12 34.75
CA ARG B 397 20.07 -13.41 33.53
C ARG B 397 19.75 -11.93 33.69
N MET B 398 20.62 -11.09 33.12
CA MET B 398 20.43 -9.61 33.09
C MET B 398 20.47 -8.89 34.45
N ARG B 399 21.10 -9.50 35.45
CA ARG B 399 21.31 -8.86 36.75
C ARG B 399 22.34 -7.74 36.67
N GLY B 400 21.94 -6.54 37.06
CA GLY B 400 22.82 -5.38 37.06
C GLY B 400 22.76 -4.61 35.76
N THR B 401 21.71 -4.87 34.99
CA THR B 401 21.47 -4.20 33.73
C THR B 401 20.17 -3.36 33.78
N ALA B 402 20.01 -2.45 32.81
CA ALA B 402 18.75 -1.76 32.55
C ALA B 402 17.54 -2.71 32.41
N ALA B 403 17.80 -3.97 32.09
CA ALA B 403 16.74 -4.94 31.87
C ALA B 403 16.26 -5.56 33.18
N GLU B 404 17.11 -5.53 34.21
CA GLU B 404 16.77 -6.13 35.49
C GLU B 404 15.48 -5.52 36.06
N GLY B 405 14.53 -6.39 36.37
CA GLY B 405 13.23 -6.00 36.92
C GLY B 405 12.28 -5.46 35.88
N VAL B 406 12.77 -5.29 34.65
CA VAL B 406 12.01 -4.65 33.60
C VAL B 406 11.46 -5.70 32.61
N VAL B 407 12.36 -6.45 31.99
CA VAL B 407 11.99 -7.29 30.84
C VAL B 407 11.17 -8.50 31.27
N GLU B 408 9.98 -8.65 30.69
CA GLU B 408 9.13 -9.83 30.85
C GLU B 408 9.19 -10.64 29.55
N ALA B 409 9.80 -11.82 29.59
CA ALA B 409 10.01 -12.59 28.37
C ALA B 409 10.04 -14.09 28.63
N LYS B 410 9.54 -14.85 27.65
CA LYS B 410 9.60 -16.31 27.69
C LYS B 410 10.86 -16.82 27.01
N THR B 411 11.64 -17.61 27.74
CA THR B 411 12.80 -18.32 27.22
C THR B 411 12.42 -19.58 26.43
N GLY B 412 13.42 -20.23 25.83
CA GLY B 412 13.21 -21.51 25.17
C GLY B 412 14.51 -22.06 24.60
N THR B 413 14.97 -23.19 25.11
CA THR B 413 16.25 -23.77 24.69
C THR B 413 16.15 -25.27 24.47
N MET B 414 16.89 -25.75 23.46
CA MET B 414 17.30 -27.13 23.30
C MET B 414 18.47 -27.11 22.28
N SER B 415 19.10 -28.24 22.00
CA SER B 415 20.25 -28.27 21.05
C SER B 415 19.96 -27.53 19.74
N GLY B 416 20.78 -26.54 19.41
CA GLY B 416 20.63 -25.88 18.11
C GLY B 416 19.45 -24.91 18.01
N VAL B 417 18.79 -24.67 19.14
CA VAL B 417 17.58 -23.86 19.21
C VAL B 417 17.55 -23.05 20.51
N SER B 418 17.26 -21.77 20.39
CA SER B 418 17.15 -20.89 21.54
C SER B 418 16.34 -19.68 21.16
N ALA B 419 15.56 -19.18 22.12
CA ALA B 419 14.69 -18.04 21.84
C ALA B 419 14.45 -17.13 23.05
N LEU B 420 14.11 -15.89 22.76
CA LEU B 420 13.70 -14.95 23.79
C LEU B 420 12.70 -14.00 23.17
N SER B 421 11.46 -14.09 23.61
CA SER B 421 10.44 -13.17 23.13
C SER B 421 9.62 -12.64 24.31
N GLY B 422 9.30 -11.36 24.28
CA GLY B 422 8.55 -10.78 25.39
C GLY B 422 8.28 -9.29 25.29
N TYR B 423 8.16 -8.67 26.47
CA TYR B 423 7.80 -7.26 26.61
C TYR B 423 8.88 -6.43 27.29
N VAL B 424 9.09 -5.22 26.78
CA VAL B 424 9.91 -4.23 27.46
C VAL B 424 8.98 -3.07 27.88
N PRO B 425 8.33 -3.19 29.07
CA PRO B 425 7.51 -2.08 29.53
C PRO B 425 8.32 -0.80 29.60
N GLY B 426 7.63 0.33 29.52
CA GLY B 426 8.32 1.61 29.61
C GLY B 426 7.56 2.59 30.46
N PRO B 427 8.13 3.79 30.68
CA PRO B 427 7.41 5.00 31.03
C PRO B 427 7.16 5.80 29.74
N GLU B 428 6.91 5.07 28.66
CA GLU B 428 6.88 5.63 27.30
C GLU B 428 5.79 4.92 26.51
N GLY B 429 5.81 3.60 26.65
CA GLY B 429 5.08 2.68 25.81
C GLY B 429 5.93 1.43 25.81
N GLU B 430 5.26 0.28 25.82
CA GLU B 430 5.95 -0.99 25.89
C GLU B 430 6.39 -1.49 24.51
N LEU B 431 7.55 -2.14 24.49
CA LEU B 431 8.08 -2.79 23.29
C LEU B 431 7.78 -4.28 23.32
N ALA B 432 7.42 -4.80 22.15
CA ALA B 432 7.28 -6.22 21.97
C ALA B 432 8.47 -6.67 21.13
N PHE B 433 9.04 -7.82 21.47
CA PHE B 433 10.21 -8.33 20.77
C PHE B 433 10.25 -9.84 20.74
N SER B 434 10.95 -10.37 19.74
CA SER B 434 11.14 -11.80 19.58
C SER B 434 12.53 -12.04 18.97
N ILE B 435 13.36 -12.77 19.71
CA ILE B 435 14.64 -13.29 19.21
C ILE B 435 14.51 -14.81 19.08
N VAL B 436 14.75 -15.34 17.89
CA VAL B 436 14.73 -16.80 17.68
C VAL B 436 15.98 -17.27 16.93
N ASN B 437 16.79 -18.11 17.60
CA ASN B 437 18.10 -18.54 17.09
C ASN B 437 18.11 -20.03 16.74
N ASN B 438 18.35 -20.34 15.47
CA ASN B 438 18.51 -21.70 14.96
C ASN B 438 19.86 -21.81 14.25
N GLY B 439 20.48 -22.98 14.31
CA GLY B 439 21.61 -23.26 13.42
C GLY B 439 22.97 -22.93 14.00
N HIS B 440 22.97 -22.47 15.25
CA HIS B 440 24.22 -22.24 15.97
C HIS B 440 24.80 -23.59 16.41
N SER B 441 26.12 -23.73 16.29
CA SER B 441 26.82 -24.96 16.64
C SER B 441 27.11 -25.11 18.14
N GLY B 442 27.25 -23.99 18.85
CA GLY B 442 27.67 -24.03 20.26
C GLY B 442 26.53 -24.07 21.27
N PRO B 443 26.84 -23.76 22.55
CA PRO B 443 25.79 -23.58 23.56
C PRO B 443 24.88 -22.41 23.18
N ALA B 444 23.68 -22.38 23.75
CA ALA B 444 22.72 -21.32 23.52
C ALA B 444 23.33 -19.89 23.63
N PRO B 445 23.00 -19.02 22.65
CA PRO B 445 23.50 -17.64 22.64
C PRO B 445 22.72 -16.76 23.62
N LEU B 446 22.74 -17.15 24.89
CA LEU B 446 21.98 -16.45 25.92
C LEU B 446 22.44 -15.03 26.10
N ALA B 447 23.76 -14.83 26.11
CA ALA B 447 24.34 -13.49 26.32
C ALA B 447 24.05 -12.51 25.18
N VAL B 448 23.80 -13.04 23.99
CA VAL B 448 23.32 -12.26 22.86
C VAL B 448 21.89 -11.81 23.10
N GLN B 449 21.04 -12.77 23.45
CA GLN B 449 19.64 -12.50 23.78
C GLN B 449 19.52 -11.41 24.85
N ASP B 450 20.29 -11.54 25.93
CA ASP B 450 20.37 -10.54 26.99
C ASP B 450 20.83 -9.17 26.46
N ALA B 451 21.87 -9.17 25.63
CA ALA B 451 22.41 -7.94 25.04
C ALA B 451 21.38 -7.16 24.22
N ILE B 452 20.61 -7.86 23.39
CA ILE B 452 19.56 -7.21 22.62
C ILE B 452 18.50 -6.65 23.57
N ALA B 453 18.10 -7.45 24.55
CA ALA B 453 17.09 -7.08 25.55
C ALA B 453 17.53 -5.90 26.40
N VAL B 454 18.79 -5.91 26.81
CA VAL B 454 19.33 -4.79 27.57
C VAL B 454 19.29 -3.53 26.69
N ARG B 455 19.79 -3.63 25.46
CA ARG B 455 19.77 -2.54 24.48
C ARG B 455 18.35 -2.02 24.22
N LEU B 456 17.34 -2.87 24.36
CA LEU B 456 15.95 -2.45 24.19
C LEU B 456 15.43 -1.72 25.42
N ALA B 457 15.89 -2.15 26.60
CA ALA B 457 15.49 -1.59 27.87
C ALA B 457 16.00 -0.16 28.02
N GLU B 458 17.22 0.07 27.51
CA GLU B 458 17.81 1.41 27.47
C GLU B 458 17.06 2.30 26.47
N TYR B 459 16.75 1.74 25.31
CA TYR B 459 15.96 2.43 24.28
C TYR B 459 14.61 2.90 24.84
N ALA B 460 14.01 2.04 25.66
CA ALA B 460 12.69 2.28 26.23
C ALA B 460 12.73 3.09 27.52
N GLY B 461 13.92 3.57 27.89
CA GLY B 461 14.05 4.63 28.88
C GLY B 461 14.57 4.24 30.25
N HIS B 462 15.11 3.02 30.35
CA HIS B 462 15.59 2.46 31.62
C HIS B 462 17.11 2.53 31.78
N GLN B 463 17.55 2.56 33.03
CA GLN B 463 18.97 2.49 33.38
C GLN B 463 19.29 1.38 34.38
N ALA B 464 20.51 0.88 34.30
CA ALA B 464 21.01 -0.11 35.26
C ALA B 464 20.84 0.36 36.72
N PRO B 465 20.13 -0.45 37.55
CA PRO B 465 19.90 -0.16 38.97
C PRO B 465 21.19 -0.13 39.82
N GLU B 466 21.13 0.53 40.97
N ARG C 1 22.14 68.48 -31.22
CA ARG C 1 20.72 68.22 -31.55
C ARG C 1 20.51 66.77 -32.02
N LEU C 2 20.05 66.62 -33.27
CA LEU C 2 19.76 65.32 -33.85
C LEU C 2 20.91 64.81 -34.71
N THR C 3 21.48 65.70 -35.53
CA THR C 3 22.57 65.33 -36.43
C THR C 3 23.87 65.05 -35.68
N GLU C 4 23.87 65.35 -34.38
CA GLU C 4 24.99 65.04 -33.51
C GLU C 4 24.87 63.60 -33.01
N LEU C 5 23.65 63.20 -32.67
CA LEU C 5 23.35 61.83 -32.24
C LEU C 5 23.65 60.87 -33.38
N ARG C 6 23.33 61.30 -34.59
CA ARG C 6 23.57 60.53 -35.80
C ARG C 6 25.05 60.33 -36.12
N GLU C 7 25.88 61.33 -35.82
CA GLU C 7 27.33 61.22 -36.00
C GLU C 7 27.89 60.17 -35.05
N ASP C 8 27.46 60.26 -33.79
CA ASP C 8 27.87 59.36 -32.72
C ASP C 8 27.52 57.91 -33.03
N ILE C 9 26.33 57.68 -33.60
CA ILE C 9 25.92 56.32 -33.97
C ILE C 9 26.68 55.81 -35.20
N ASP C 10 26.87 56.68 -36.19
CA ASP C 10 27.71 56.36 -37.37
C ASP C 10 29.11 55.91 -36.96
N ALA C 11 29.67 56.61 -35.98
CA ALA C 11 31.01 56.33 -35.46
C ALA C 11 31.08 55.06 -34.61
N ILE C 12 30.03 54.80 -33.83
CA ILE C 12 29.93 53.55 -33.06
C ILE C 12 29.82 52.36 -34.01
N LEU C 13 29.10 52.56 -35.12
CA LEU C 13 28.90 51.52 -36.12
C LEU C 13 30.17 51.19 -36.91
N GLU C 14 31.14 52.10 -36.90
CA GLU C 14 32.44 51.83 -37.50
C GLU C 14 33.34 51.16 -36.47
N ASP C 15 33.07 49.88 -36.22
CA ASP C 15 33.74 49.12 -35.19
C ASP C 15 34.39 47.92 -35.85
N PRO C 16 35.61 47.56 -35.43
CA PRO C 16 36.26 46.33 -35.87
C PRO C 16 35.39 45.07 -35.87
N ALA C 17 34.47 44.96 -34.90
CA ALA C 17 33.64 43.76 -34.74
C ALA C 17 32.57 43.68 -35.83
N LEU C 18 32.32 44.84 -36.46
CA LEU C 18 31.32 44.93 -37.51
C LEU C 18 31.95 44.93 -38.90
N GLU C 19 33.21 44.48 -38.96
CA GLU C 19 33.99 44.51 -40.19
C GLU C 19 33.43 43.51 -41.20
N GLY C 20 32.81 44.03 -42.26
CA GLY C 20 32.30 43.15 -43.33
C GLY C 20 30.88 42.71 -43.12
N ALA C 21 30.19 43.40 -42.22
CA ALA C 21 28.85 43.03 -41.76
C ALA C 21 27.77 43.97 -42.31
N VAL C 22 26.51 43.57 -42.13
CA VAL C 22 25.33 44.40 -42.40
C VAL C 22 24.71 44.73 -41.04
N SER C 23 24.24 45.95 -40.90
CA SER C 23 23.61 46.36 -39.65
C SER C 23 22.39 47.21 -39.93
N GLY C 24 21.24 46.72 -39.50
CA GLY C 24 19.99 47.48 -39.53
C GLY C 24 19.74 48.17 -38.20
N VAL C 25 19.72 49.50 -38.21
CA VAL C 25 19.63 50.28 -36.98
C VAL C 25 18.59 51.39 -37.11
N VAL C 26 17.48 51.22 -36.42
CA VAL C 26 16.42 52.21 -36.43
C VAL C 26 16.13 52.67 -35.01
N VAL C 27 16.09 53.99 -34.83
CA VAL C 27 15.66 54.61 -33.58
C VAL C 27 14.54 55.60 -33.88
N VAL C 28 13.45 55.44 -33.15
CA VAL C 28 12.23 56.23 -33.33
C VAL C 28 11.83 56.83 -31.99
N ASP C 29 11.55 58.14 -31.97
CA ASP C 29 10.90 58.75 -30.81
C ASP C 29 9.43 58.31 -30.87
N THR C 30 8.98 57.54 -29.88
CA THR C 30 7.63 56.97 -29.95
C THR C 30 6.52 57.93 -29.53
N ALA C 31 6.89 59.04 -28.89
CA ALA C 31 5.92 60.07 -28.52
C ALA C 31 5.54 60.95 -29.72
N THR C 32 6.55 61.39 -30.48
CA THR C 32 6.36 62.27 -31.64
C THR C 32 6.31 61.50 -32.97
N GLY C 33 6.88 60.30 -33.00
CA GLY C 33 6.89 59.48 -34.21
C GLY C 33 8.10 59.75 -35.09
N GLU C 34 8.89 60.75 -34.72
CA GLU C 34 10.14 61.09 -35.40
C GLU C 34 11.14 59.91 -35.46
N GLU C 35 11.67 59.70 -36.66
CA GLU C 35 12.80 58.81 -36.88
C GLU C 35 14.08 59.51 -36.50
N LEU C 36 14.73 59.03 -35.44
CA LEU C 36 15.97 59.62 -34.97
C LEU C 36 17.18 59.08 -35.70
N TYR C 37 17.08 57.83 -36.15
CA TYR C 37 18.17 57.19 -36.88
C TYR C 37 17.61 56.09 -37.74
N SER C 38 18.09 56.01 -38.98
CA SER C 38 17.73 54.91 -39.88
C SER C 38 18.88 54.54 -40.80
N ARG C 39 19.32 53.30 -40.69
CA ARG C 39 20.33 52.75 -41.59
C ARG C 39 19.94 51.32 -41.88
N ASP C 40 19.75 51.02 -43.17
CA ASP C 40 19.43 49.67 -43.63
C ASP C 40 18.24 49.05 -42.87
N GLY C 41 17.25 49.90 -42.58
CA GLY C 41 16.12 49.50 -41.77
C GLY C 41 15.09 48.64 -42.48
N GLY C 42 15.18 48.60 -43.81
CA GLY C 42 14.28 47.80 -44.63
C GLY C 42 14.94 46.55 -45.18
N GLU C 43 16.15 46.26 -44.67
CA GLU C 43 16.93 45.08 -45.07
C GLU C 43 16.44 43.87 -44.29
N GLN C 44 16.19 42.77 -45.00
CA GLN C 44 15.75 41.54 -44.34
C GLN C 44 16.93 40.84 -43.68
N LEU C 45 16.82 40.66 -42.37
CA LEU C 45 17.91 40.12 -41.56
C LEU C 45 17.43 38.99 -40.64
N LEU C 46 18.35 38.08 -40.33
CA LEU C 46 18.15 37.06 -39.31
C LEU C 46 18.06 37.78 -37.94
N PRO C 47 16.93 37.62 -37.24
CA PRO C 47 16.71 38.27 -35.93
C PRO C 47 17.21 37.50 -34.72
N ALA C 48 17.49 36.20 -34.88
CA ALA C 48 17.79 35.31 -33.74
C ALA C 48 16.66 35.41 -32.72
N SER C 49 16.97 35.54 -31.43
CA SER C 49 15.89 35.66 -30.43
C SER C 49 15.09 36.96 -30.41
N ASN C 50 15.46 37.92 -31.25
CA ASN C 50 14.57 39.06 -31.44
C ASN C 50 13.22 38.66 -32.06
N MET C 51 13.13 37.42 -32.54
CA MET C 51 11.88 36.85 -33.06
C MET C 51 10.90 36.61 -31.92
N LYS C 52 11.40 36.44 -30.71
CA LYS C 52 10.52 36.24 -29.56
C LYS C 52 9.69 37.49 -29.29
N LEU C 53 10.19 38.65 -29.69
CA LEU C 53 9.40 39.86 -29.69
C LEU C 53 8.08 39.67 -30.45
N PHE C 54 8.18 39.12 -31.66
CA PHE C 54 7.00 38.92 -32.49
C PHE C 54 6.06 37.88 -31.92
N THR C 55 6.61 36.81 -31.36
CA THR C 55 5.86 35.72 -30.78
C THR C 55 5.17 36.10 -29.46
N ALA C 56 5.89 36.87 -28.63
CA ALA C 56 5.35 37.32 -27.34
C ALA C 56 4.18 38.29 -27.56
N ALA C 57 4.29 39.19 -28.53
CA ALA C 57 3.19 40.13 -28.84
C ALA C 57 1.95 39.40 -29.39
N ALA C 58 2.15 38.56 -30.40
CA ALA C 58 1.08 37.71 -30.92
C ALA C 58 0.43 36.78 -29.86
N ALA C 59 1.23 36.24 -28.93
CA ALA C 59 0.65 35.39 -27.88
C ALA C 59 -0.25 36.21 -26.94
N LEU C 60 0.18 37.43 -26.64
CA LEU C 60 -0.60 38.34 -25.81
C LEU C 60 -1.90 38.75 -26.49
N GLU C 61 -1.87 38.87 -27.82
CA GLU C 61 -3.05 39.24 -28.60
C GLU C 61 -4.07 38.09 -28.64
N VAL C 62 -3.56 36.90 -28.92
CA VAL C 62 -4.38 35.72 -29.21
C VAL C 62 -4.85 35.04 -27.94
N LEU C 63 -3.90 34.75 -27.04
CA LEU C 63 -4.18 33.97 -25.82
C LEU C 63 -4.60 34.85 -24.65
N GLY C 64 -4.02 36.05 -24.58
CA GLY C 64 -4.35 37.00 -23.54
C GLY C 64 -3.40 36.91 -22.37
N ALA C 65 -3.13 38.05 -21.73
CA ALA C 65 -2.24 38.12 -20.56
C ALA C 65 -2.67 37.17 -19.42
N ASP C 66 -3.94 36.79 -19.40
CA ASP C 66 -4.51 36.01 -18.30
C ASP C 66 -4.71 34.54 -18.63
N HIS C 67 -4.29 34.13 -19.83
CA HIS C 67 -4.39 32.75 -20.26
C HIS C 67 -3.46 31.84 -19.47
N SER C 68 -3.97 30.68 -19.07
CA SER C 68 -3.13 29.67 -18.44
C SER C 68 -3.34 28.28 -19.04
N PHE C 69 -2.53 27.31 -18.60
CA PHE C 69 -2.43 26.03 -19.29
C PHE C 69 -2.76 24.84 -18.38
N GLY C 70 -3.57 23.93 -18.89
CA GLY C 70 -4.00 22.78 -18.10
C GLY C 70 -3.23 21.51 -18.39
N THR C 71 -3.06 20.69 -17.36
CA THR C 71 -2.55 19.32 -17.45
C THR C 71 -3.54 18.45 -16.67
N GLU C 72 -3.81 17.24 -17.17
CA GLU C 72 -4.85 16.39 -16.59
C GLU C 72 -4.43 14.94 -16.42
N VAL C 73 -5.09 14.25 -15.51
CA VAL C 73 -4.97 12.79 -15.39
C VAL C 73 -6.36 12.16 -15.50
N ALA C 74 -6.55 11.30 -16.50
CA ALA C 74 -7.86 10.75 -16.81
C ALA C 74 -7.92 9.23 -16.84
N ALA C 75 -9.01 8.67 -16.33
CA ALA C 75 -9.33 7.24 -16.48
C ALA C 75 -10.75 7.10 -17.06
N GLU C 76 -11.06 5.91 -17.57
CA GLU C 76 -12.35 5.66 -18.24
C GLU C 76 -13.52 5.94 -17.29
N SER C 77 -13.30 5.60 -16.02
CA SER C 77 -14.28 5.81 -14.96
C SER C 77 -13.52 5.84 -13.63
N ALA C 78 -14.15 6.40 -12.61
CA ALA C 78 -13.59 6.44 -11.25
C ALA C 78 -13.21 5.02 -10.77
N PRO C 79 -12.20 4.92 -9.88
CA PRO C 79 -11.68 3.62 -9.43
C PRO C 79 -12.72 2.68 -8.84
N GLY C 80 -12.62 1.40 -9.21
CA GLY C 80 -13.53 0.34 -8.74
C GLY C 80 -13.41 0.11 -7.25
N ARG C 81 -14.20 -0.84 -6.74
CA ARG C 81 -14.27 -1.07 -5.29
C ARG C 81 -12.90 -1.39 -4.66
N ARG C 82 -12.03 -2.03 -5.43
CA ARG C 82 -10.67 -2.36 -4.95
C ARG C 82 -9.64 -1.27 -5.29
N GLY C 83 -10.15 -0.07 -5.59
CA GLY C 83 -9.31 1.09 -5.90
C GLY C 83 -8.56 0.97 -7.22
N GLU C 84 -9.03 0.11 -8.10
CA GLU C 84 -8.34 -0.16 -9.36
C GLU C 84 -8.90 0.63 -10.54
N VAL C 85 -8.02 0.97 -11.48
CA VAL C 85 -8.43 1.38 -12.82
C VAL C 85 -7.60 0.59 -13.85
N GLN C 86 -8.04 0.61 -15.10
CA GLN C 86 -7.31 -0.06 -16.18
C GLN C 86 -6.16 0.83 -16.67
N ASP C 87 -6.38 1.61 -17.72
CA ASP C 87 -5.35 2.46 -18.32
C ASP C 87 -5.46 3.87 -17.81
N LEU C 88 -4.33 4.55 -17.68
CA LEU C 88 -4.30 5.91 -17.17
C LEU C 88 -3.56 6.89 -18.09
N TYR C 89 -4.13 8.07 -18.30
CA TYR C 89 -3.60 9.06 -19.23
C TYR C 89 -3.19 10.38 -18.57
N LEU C 90 -1.91 10.71 -18.68
CA LEU C 90 -1.42 12.04 -18.30
C LEU C 90 -1.53 12.96 -19.52
N VAL C 91 -2.38 13.99 -19.41
CA VAL C 91 -2.75 14.75 -20.60
C VAL C 91 -2.24 16.19 -20.50
N GLY C 92 -1.33 16.54 -21.41
CA GLY C 92 -0.73 17.86 -21.44
C GLY C 92 -1.39 18.77 -22.45
N ARG C 93 -1.74 19.98 -22.03
CA ARG C 93 -2.30 20.93 -22.97
C ARG C 93 -1.50 22.22 -23.09
N GLY C 94 -0.19 22.06 -23.23
CA GLY C 94 0.70 23.15 -23.61
C GLY C 94 1.40 23.89 -22.49
N ASP C 95 1.41 23.32 -21.29
CA ASP C 95 2.06 23.97 -20.14
C ASP C 95 3.56 23.97 -20.34
N PRO C 96 4.16 25.17 -20.44
CA PRO C 96 5.61 25.28 -20.63
C PRO C 96 6.33 25.31 -19.30
N THR C 97 5.57 25.27 -18.21
CA THR C 97 6.10 25.41 -16.86
C THR C 97 5.68 24.24 -15.95
N LEU C 98 5.58 23.05 -16.54
CA LEU C 98 5.15 21.89 -15.78
C LEU C 98 6.33 21.20 -15.06
N SER C 99 6.38 21.37 -13.74
CA SER C 99 7.48 20.85 -12.93
C SER C 99 7.22 19.43 -12.39
N ALA C 100 8.29 18.78 -11.93
CA ALA C 100 8.22 17.46 -11.31
C ALA C 100 7.41 17.50 -10.02
N GLU C 101 7.44 18.65 -9.34
CA GLU C 101 6.64 18.88 -8.15
C GLU C 101 5.15 18.94 -8.50
N ASP C 102 4.83 19.44 -9.70
CA ASP C 102 3.45 19.40 -10.19
C ASP C 102 2.98 17.98 -10.45
N LEU C 103 3.87 17.14 -11.01
CA LEU C 103 3.55 15.73 -11.27
C LEU C 103 3.33 14.97 -9.95
N ASP C 104 4.09 15.33 -8.92
CA ASP C 104 3.94 14.74 -7.59
C ASP C 104 2.61 15.16 -6.97
N ALA C 105 2.30 16.45 -7.07
CA ALA C 105 1.03 16.99 -6.62
C ALA C 105 -0.15 16.26 -7.26
N MET C 106 -0.03 15.98 -8.56
CA MET C 106 -1.08 15.28 -9.31
C MET C 106 -1.20 13.80 -8.92
N ALA C 107 -0.05 13.19 -8.61
CA ALA C 107 -0.02 11.82 -8.12
C ALA C 107 -0.68 11.68 -6.75
N ALA C 108 -0.51 12.69 -5.91
CA ALA C 108 -1.16 12.74 -4.59
C ALA C 108 -2.69 12.85 -4.73
N GLU C 109 -3.16 13.58 -5.74
CA GLU C 109 -4.59 13.62 -6.08
C GLU C 109 -5.13 12.27 -6.57
N VAL C 110 -4.40 11.60 -7.47
CA VAL C 110 -4.80 10.28 -7.99
C VAL C 110 -4.93 9.21 -6.88
N ALA C 111 -3.97 9.19 -5.97
CA ALA C 111 -4.11 8.38 -4.77
C ALA C 111 -5.26 8.90 -3.89
N ALA C 112 -5.32 10.21 -3.67
CA ALA C 112 -6.40 10.81 -2.87
C ALA C 112 -7.80 10.60 -3.46
N SER C 113 -7.86 10.15 -4.72
CA SER C 113 -9.14 9.82 -5.35
C SER C 113 -9.47 8.33 -5.15
N GLY C 114 -8.60 7.63 -4.42
CA GLY C 114 -8.83 6.24 -4.05
C GLY C 114 -8.15 5.19 -4.91
N VAL C 115 -7.34 5.62 -5.87
CA VAL C 115 -6.63 4.70 -6.76
C VAL C 115 -5.51 3.98 -6.01
N ARG C 116 -5.53 2.64 -6.04
CA ARG C 116 -4.50 1.83 -5.39
C ARG C 116 -3.64 1.11 -6.43
N THR C 117 -4.22 0.85 -7.59
CA THR C 117 -3.52 0.14 -8.66
C THR C 117 -3.97 0.59 -10.04
N VAL C 118 -2.99 0.86 -10.91
CA VAL C 118 -3.22 0.96 -12.34
C VAL C 118 -3.00 -0.45 -12.86
N ARG C 119 -4.08 -1.11 -13.27
CA ARG C 119 -3.98 -2.48 -13.73
C ARG C 119 -3.47 -2.56 -15.17
N GLY C 120 -3.80 -1.55 -15.97
CA GLY C 120 -3.37 -1.48 -17.37
C GLY C 120 -2.10 -0.67 -17.54
N ASP C 121 -2.00 0.03 -18.66
CA ASP C 121 -0.79 0.80 -18.97
C ASP C 121 -0.92 2.26 -18.54
N LEU C 122 0.21 2.96 -18.38
CA LEU C 122 0.19 4.41 -18.25
C LEU C 122 0.59 5.04 -19.57
N TYR C 123 -0.25 5.92 -20.10
CA TYR C 123 0.04 6.61 -21.34
C TYR C 123 0.25 8.10 -21.10
N ALA C 124 1.20 8.70 -21.84
CA ALA C 124 1.40 10.15 -21.83
C ALA C 124 0.77 10.75 -23.08
N ASP C 125 -0.11 11.73 -22.88
CA ASP C 125 -0.92 12.28 -23.98
C ASP C 125 -0.49 13.69 -24.33
N ASP C 126 0.23 13.82 -25.44
CA ASP C 126 0.68 15.13 -25.90
C ASP C 126 0.00 15.53 -27.21
N THR C 127 -1.09 14.83 -27.54
CA THR C 127 -1.83 15.01 -28.80
C THR C 127 -2.54 16.36 -28.96
N TRP C 128 -2.38 17.25 -27.98
CA TRP C 128 -2.87 18.63 -28.09
C TRP C 128 -2.03 19.43 -29.11
N PHE C 129 -0.76 19.02 -29.25
CA PHE C 129 0.12 19.55 -30.29
C PHE C 129 0.45 18.44 -31.29
N ASP C 130 1.08 18.84 -32.40
CA ASP C 130 1.88 18.01 -33.30
C ASP C 130 2.83 17.05 -32.59
N SER C 131 3.23 16.01 -33.31
CA SER C 131 4.39 15.21 -32.95
C SER C 131 5.63 15.64 -33.78
N GLU C 132 5.58 16.85 -34.35
CA GLU C 132 6.73 17.40 -35.07
C GLU C 132 7.60 18.11 -34.04
N ARG C 133 8.70 17.45 -33.67
CA ARG C 133 9.48 17.82 -32.49
C ARG C 133 10.37 19.02 -32.71
N LEU C 134 10.90 19.13 -33.93
CA LEU C 134 11.89 20.13 -34.30
C LEU C 134 11.51 20.74 -35.64
N VAL C 135 11.95 21.99 -35.86
CA VAL C 135 11.74 22.70 -37.12
C VAL C 135 12.67 22.07 -38.18
N ASP C 136 12.23 22.03 -39.44
CA ASP C 136 13.05 21.49 -40.53
C ASP C 136 14.51 21.99 -40.52
N ASP C 137 14.70 23.31 -40.57
CA ASP C 137 16.03 23.90 -40.76
C ASP C 137 16.89 24.10 -39.50
N TRP C 138 16.43 23.63 -38.35
CA TRP C 138 17.25 23.57 -37.12
C TRP C 138 18.36 22.55 -37.29
N TRP C 139 19.52 22.79 -36.68
CA TRP C 139 20.69 21.92 -36.86
C TRP C 139 20.70 20.68 -35.97
N PRO C 140 20.82 19.49 -36.57
CA PRO C 140 20.88 18.25 -35.78
C PRO C 140 21.99 18.27 -34.71
N GLU C 141 23.09 18.93 -35.03
CA GLU C 141 24.21 19.10 -34.11
C GLU C 141 23.86 19.88 -32.82
N ASP C 142 22.78 20.68 -32.87
CA ASP C 142 22.34 21.49 -31.72
C ASP C 142 21.42 20.73 -30.76
N GLU C 143 20.98 19.55 -31.19
CA GLU C 143 19.92 18.79 -30.51
C GLU C 143 20.22 18.29 -29.07
N PRO C 144 21.51 18.05 -28.71
CA PRO C 144 21.79 17.73 -27.31
C PRO C 144 21.50 18.87 -26.31
N TYR C 145 21.60 20.13 -26.77
CA TYR C 145 21.54 21.33 -25.90
C TYR C 145 20.13 21.79 -25.63
N ALA C 146 19.94 22.40 -24.46
CA ALA C 146 18.61 22.76 -23.95
C ALA C 146 17.85 23.73 -24.83
N TYR C 147 18.57 24.62 -25.51
CA TYR C 147 17.94 25.56 -26.44
C TYR C 147 17.30 24.85 -27.67
N SER C 148 17.70 23.61 -27.91
CA SER C 148 17.17 22.84 -29.04
C SER C 148 16.24 21.69 -28.66
N ALA C 149 15.72 21.73 -27.43
CA ALA C 149 14.78 20.70 -26.92
C ALA C 149 13.60 20.45 -27.84
N GLN C 150 13.16 19.19 -27.88
CA GLN C 150 12.02 18.77 -28.70
C GLN C 150 10.70 19.38 -28.20
N ILE C 151 9.82 19.72 -29.14
CA ILE C 151 8.59 20.40 -28.83
C ILE C 151 7.42 19.42 -28.65
N SER C 152 6.68 19.62 -27.56
CA SER C 152 5.56 18.76 -27.21
C SER C 152 4.61 19.51 -26.27
N ALA C 153 3.35 19.10 -26.31
CA ALA C 153 2.31 19.63 -25.42
C ALA C 153 2.47 19.11 -24.00
N LEU C 154 3.07 17.94 -23.87
CA LEU C 154 3.37 17.38 -22.55
C LEU C 154 4.89 17.33 -22.35
N THR C 155 5.40 18.30 -21.60
CA THR C 155 6.81 18.36 -21.28
C THR C 155 7.05 18.83 -19.83
N VAL C 156 8.11 18.30 -19.21
CA VAL C 156 8.47 18.69 -17.84
C VAL C 156 9.56 19.74 -17.93
N ALA C 157 9.34 20.85 -17.24
CA ALA C 157 10.26 21.96 -17.22
C ALA C 157 11.21 21.80 -16.04
N HIS C 158 12.50 21.93 -16.27
CA HIS C 158 13.47 21.94 -15.19
C HIS C 158 13.68 23.35 -14.62
N GLY C 159 13.67 23.45 -13.30
CA GLY C 159 14.10 24.63 -12.56
C GLY C 159 13.14 25.79 -12.58
N GLU C 160 13.57 26.90 -11.99
CA GLU C 160 12.78 28.12 -11.89
C GLU C 160 12.80 28.96 -13.16
N ARG C 161 13.68 28.62 -14.11
CA ARG C 161 13.72 29.28 -15.41
C ARG C 161 12.90 28.49 -16.42
N PHE C 162 12.50 27.28 -16.02
CA PHE C 162 11.53 26.46 -16.77
C PHE C 162 12.05 25.96 -18.11
N ASP C 163 13.23 25.37 -18.09
CA ASP C 163 13.82 24.80 -19.28
C ASP C 163 13.18 23.44 -19.58
N THR C 164 12.46 23.37 -20.69
CA THR C 164 11.61 22.21 -21.00
C THR C 164 12.39 21.11 -21.72
N GLY C 165 11.92 19.88 -21.56
CA GLY C 165 12.36 18.77 -22.41
C GLY C 165 13.79 18.33 -22.20
N VAL C 166 14.31 18.67 -21.03
CA VAL C 166 15.67 18.33 -20.64
C VAL C 166 15.75 17.60 -19.32
N THR C 167 16.91 17.00 -19.09
CA THR C 167 17.23 16.36 -17.83
C THR C 167 18.57 16.95 -17.35
N GLU C 168 18.82 16.87 -16.04
CA GLU C 168 20.05 17.44 -15.50
C GLU C 168 21.06 16.32 -15.26
N VAL C 169 22.17 16.39 -16.00
CA VAL C 169 23.23 15.40 -15.89
C VAL C 169 24.27 15.90 -14.89
N SER C 170 24.68 15.02 -13.97
CA SER C 170 25.70 15.34 -12.97
C SER C 170 26.87 14.40 -13.11
N VAL C 171 28.06 14.99 -13.26
CA VAL C 171 29.28 14.22 -13.34
C VAL C 171 30.18 14.58 -12.17
N THR C 172 30.46 13.58 -11.34
CA THR C 172 31.35 13.75 -10.19
C THR C 172 32.57 12.83 -10.26
N PRO C 173 33.75 13.33 -9.83
CA PRO C 173 34.93 12.51 -9.86
C PRO C 173 34.87 11.41 -8.80
N ALA C 174 35.37 10.23 -9.14
CA ALA C 174 35.70 9.22 -8.14
C ALA C 174 37.21 9.26 -7.85
N ALA C 175 37.80 8.07 -7.68
CA ALA C 175 39.25 7.97 -7.48
C ALA C 175 39.95 8.15 -8.82
N GLU C 176 41.14 8.76 -8.79
CA GLU C 176 41.96 8.96 -10.00
C GLU C 176 42.14 7.64 -10.77
N GLY C 177 41.78 7.66 -12.05
CA GLY C 177 41.88 6.50 -12.93
C GLY C 177 40.59 5.71 -13.11
N GLU C 178 39.72 5.79 -12.11
CA GLU C 178 38.40 5.16 -12.16
C GLU C 178 37.46 5.99 -13.03
N PRO C 179 36.44 5.33 -13.63
CA PRO C 179 35.40 6.09 -14.34
C PRO C 179 34.79 7.19 -13.45
N ALA C 180 34.35 8.29 -14.05
CA ALA C 180 33.58 9.29 -13.32
C ALA C 180 32.23 8.68 -12.94
N ASP C 181 31.62 9.22 -11.88
CA ASP C 181 30.25 8.85 -11.52
C ASP C 181 29.25 9.77 -12.24
N VAL C 182 28.27 9.17 -12.91
CA VAL C 182 27.27 9.92 -13.68
C VAL C 182 25.84 9.70 -13.19
N ASP C 183 25.16 10.80 -12.88
CA ASP C 183 23.76 10.75 -12.55
C ASP C 183 23.02 11.47 -13.66
N LEU C 184 21.98 10.83 -14.21
CA LEU C 184 21.25 11.38 -15.35
C LEU C 184 20.10 12.31 -14.98
N GLY C 185 19.85 12.52 -13.69
CA GLY C 185 18.72 13.35 -13.24
C GLY C 185 17.39 12.65 -13.41
N ALA C 186 16.42 13.36 -13.98
CA ALA C 186 15.07 12.83 -14.22
C ALA C 186 15.08 11.60 -15.10
N ALA C 187 15.96 11.64 -16.11
CA ALA C 187 16.08 10.60 -17.11
C ALA C 187 16.75 9.29 -16.63
N GLU C 188 17.13 9.20 -15.36
CA GLU C 188 17.54 7.90 -14.81
C GLU C 188 16.40 6.90 -15.00
N GLY C 189 16.69 5.77 -15.65
CA GLY C 189 15.67 4.77 -15.96
C GLY C 189 14.91 5.02 -17.25
N TYR C 190 15.25 6.13 -17.91
CA TYR C 190 14.63 6.48 -19.19
C TYR C 190 15.68 6.56 -20.30
N ALA C 191 16.68 7.41 -20.12
CA ALA C 191 17.75 7.54 -21.10
C ALA C 191 18.78 6.48 -20.84
N GLU C 192 19.45 6.05 -21.91
CA GLU C 192 20.53 5.08 -21.82
C GLU C 192 21.85 5.77 -21.50
N LEU C 193 22.70 5.13 -20.71
CA LEU C 193 23.97 5.74 -20.37
C LEU C 193 25.18 5.08 -21.07
N ASP C 194 25.93 5.88 -21.81
CA ASP C 194 27.20 5.46 -22.35
C ASP C 194 28.28 6.26 -21.64
N ASN C 195 28.88 5.67 -20.61
CA ASN C 195 29.86 6.38 -19.78
C ASN C 195 31.29 5.92 -20.06
N ARG C 196 32.03 6.71 -20.83
CA ARG C 196 33.42 6.41 -21.14
C ARG C 196 34.38 7.47 -20.60
N ALA C 197 33.91 8.22 -19.60
CA ALA C 197 34.74 9.21 -18.90
C ALA C 197 35.57 8.61 -17.77
N VAL C 198 36.63 9.32 -17.42
CA VAL C 198 37.57 8.87 -16.39
C VAL C 198 37.76 10.02 -15.38
N THR C 199 38.27 9.67 -14.21
CA THR C 199 38.71 10.66 -13.24
C THR C 199 40.19 10.93 -13.44
N GLY C 200 40.52 12.19 -13.73
CA GLY C 200 41.91 12.57 -13.92
C GLY C 200 42.56 12.82 -12.57
N ALA C 201 43.87 13.05 -12.60
CA ALA C 201 44.64 13.35 -11.41
C ALA C 201 44.18 14.69 -10.91
N ALA C 202 44.26 14.91 -9.60
CA ALA C 202 43.94 16.21 -9.01
C ALA C 202 44.75 17.26 -9.73
N GLY C 203 44.08 18.31 -10.17
CA GLY C 203 44.77 19.46 -10.77
C GLY C 203 45.04 19.30 -12.25
N SER C 204 44.41 18.32 -12.88
CA SER C 204 44.59 18.06 -14.31
C SER C 204 43.54 18.86 -15.11
N ALA C 205 43.58 18.75 -16.43
CA ALA C 205 42.60 19.45 -17.28
C ALA C 205 41.24 18.73 -17.33
N ASN C 206 40.19 19.54 -17.28
CA ASN C 206 38.81 19.11 -17.50
C ASN C 206 38.49 19.00 -18.98
N THR C 207 38.39 17.77 -19.48
CA THR C 207 38.12 17.55 -20.91
C THR C 207 36.78 16.87 -21.08
N LEU C 208 35.97 16.95 -20.03
CA LEU C 208 34.67 16.27 -19.99
C LEU C 208 33.69 16.77 -21.04
N VAL C 209 33.14 15.83 -21.80
CA VAL C 209 32.09 16.13 -22.77
C VAL C 209 30.86 15.26 -22.46
N ILE C 210 29.69 15.91 -22.42
CA ILE C 210 28.40 15.24 -22.18
C ILE C 210 27.55 15.42 -23.43
N ASP C 211 27.30 14.31 -24.13
CA ASP C 211 26.65 14.37 -25.43
C ASP C 211 25.37 13.54 -25.48
N ARG C 212 24.47 13.86 -26.41
CA ARG C 212 23.43 12.93 -26.84
C ARG C 212 23.61 12.67 -28.36
N PRO C 213 24.25 11.53 -28.72
CA PRO C 213 24.48 11.17 -30.13
C PRO C 213 23.21 11.29 -30.96
N VAL C 214 23.30 11.97 -32.09
CA VAL C 214 22.13 12.35 -32.90
C VAL C 214 21.19 11.18 -33.15
N GLY C 215 19.91 11.40 -32.89
CA GLY C 215 18.89 10.40 -33.17
C GLY C 215 18.89 9.22 -32.20
N THR C 216 19.42 9.45 -31.00
CA THR C 216 19.37 8.46 -29.91
C THR C 216 18.77 9.09 -28.67
N ASN C 217 18.54 8.24 -27.66
CA ASN C 217 18.12 8.66 -26.34
C ASN C 217 19.16 8.17 -25.34
N THR C 218 20.42 8.35 -25.72
CA THR C 218 21.58 7.93 -24.95
C THR C 218 22.39 9.17 -24.61
N ILE C 219 22.80 9.28 -23.35
CA ILE C 219 23.72 10.31 -22.94
C ILE C 219 25.12 9.70 -22.95
N ALA C 220 26.00 10.29 -23.76
CA ALA C 220 27.36 9.80 -23.93
C ALA C 220 28.32 10.73 -23.21
N VAL C 221 29.01 10.20 -22.21
CA VAL C 221 29.94 11.00 -21.39
C VAL C 221 31.36 10.52 -21.63
N THR C 222 32.17 11.40 -22.22
CA THR C 222 33.57 11.11 -22.53
C THR C 222 34.52 12.12 -21.92
N GLY C 223 35.81 11.81 -21.92
CA GLY C 223 36.82 12.75 -21.43
C GLY C 223 37.22 12.52 -20.00
N SER C 224 37.83 13.54 -19.40
CA SER C 224 38.44 13.44 -18.07
C SER C 224 37.99 14.55 -17.11
N LEU C 225 37.58 14.16 -15.91
CA LEU C 225 37.25 15.12 -14.84
C LEU C 225 38.25 14.98 -13.68
N PRO C 226 39.01 16.05 -13.35
CA PRO C 226 40.02 16.02 -12.28
C PRO C 226 39.47 15.48 -10.95
N ALA C 227 40.27 14.69 -10.26
CA ALA C 227 39.84 14.12 -8.98
C ALA C 227 39.38 15.19 -7.96
N ASP C 228 39.98 16.38 -8.02
CA ASP C 228 39.72 17.46 -7.07
C ASP C 228 38.66 18.45 -7.55
N ALA C 229 38.03 18.11 -8.67
CA ALA C 229 37.10 19.01 -9.34
C ALA C 229 35.71 18.98 -8.72
N ALA C 230 35.08 20.15 -8.67
CA ALA C 230 33.64 20.27 -8.43
C ALA C 230 32.90 19.42 -9.45
N PRO C 231 31.71 18.91 -9.07
CA PRO C 231 30.88 18.18 -10.04
C PRO C 231 30.57 19.04 -11.27
N VAL C 232 30.49 18.39 -12.43
CA VAL C 232 30.00 19.03 -13.63
C VAL C 232 28.51 18.79 -13.74
N THR C 233 27.77 19.86 -13.98
CA THR C 233 26.32 19.79 -14.08
C THR C 233 25.87 20.47 -15.36
N ALA C 234 25.11 19.74 -16.18
CA ALA C 234 24.70 20.24 -17.48
C ALA C 234 23.25 19.90 -17.72
N LEU C 235 22.53 20.75 -18.47
CA LEU C 235 21.19 20.36 -18.97
C LEU C 235 21.29 19.73 -20.35
N ARG C 236 20.72 18.53 -20.49
CA ARG C 236 20.72 17.86 -21.79
C ARG C 236 19.34 17.40 -22.24
N THR C 237 19.08 17.45 -23.55
CA THR C 237 17.76 17.06 -24.06
C THR C 237 17.57 15.55 -24.08
N VAL C 238 16.31 15.14 -23.92
CA VAL C 238 15.93 13.76 -24.17
C VAL C 238 15.06 13.72 -25.42
N ASP C 239 14.99 12.52 -26.01
CA ASP C 239 14.08 12.25 -27.12
C ASP C 239 12.72 11.98 -26.52
N GLU C 240 11.67 12.56 -27.11
CA GLU C 240 10.30 12.47 -26.60
C GLU C 240 10.16 12.96 -25.16
N PRO C 241 10.00 14.28 -24.99
CA PRO C 241 9.68 14.92 -23.70
C PRO C 241 8.48 14.31 -22.96
N ALA C 242 7.43 13.92 -23.66
CA ALA C 242 6.21 13.42 -23.01
C ALA C 242 6.42 12.02 -22.43
N ALA C 243 7.24 11.23 -23.12
CA ALA C 243 7.68 9.94 -22.62
C ALA C 243 8.49 10.08 -21.32
N LEU C 244 9.31 11.12 -21.22
CA LEU C 244 10.00 11.43 -19.96
C LEU C 244 8.99 11.82 -18.86
N ALA C 245 8.03 12.66 -19.23
CA ALA C 245 6.93 13.03 -18.36
C ALA C 245 6.20 11.79 -17.85
N GLY C 246 5.91 10.86 -18.76
CA GLY C 246 5.26 9.59 -18.41
C GLY C 246 6.11 8.85 -17.41
N HIS C 247 7.39 8.68 -17.74
CA HIS C 247 8.37 8.06 -16.86
C HIS C 247 8.39 8.69 -15.46
N LEU C 248 8.39 10.02 -15.41
CA LEU C 248 8.40 10.75 -14.14
C LEU C 248 7.09 10.63 -13.37
N PHE C 249 5.97 10.61 -14.08
CA PHE C 249 4.68 10.51 -13.45
C PHE C 249 4.45 9.13 -12.87
N GLU C 250 5.08 8.12 -13.49
CA GLU C 250 5.00 6.76 -12.99
C GLU C 250 5.76 6.58 -11.68
N GLU C 251 6.90 7.26 -11.56
CA GLU C 251 7.68 7.24 -10.33
C GLU C 251 6.92 7.97 -9.23
N ALA C 252 6.37 9.14 -9.57
CA ALA C 252 5.50 9.92 -8.68
C ALA C 252 4.30 9.10 -8.21
N LEU C 253 3.74 8.27 -9.08
CA LEU C 253 2.61 7.41 -8.70
C LEU C 253 3.03 6.35 -7.66
N GLU C 254 4.11 5.62 -7.93
CA GLU C 254 4.63 4.63 -6.97
C GLU C 254 4.98 5.29 -5.63
N SER C 255 5.58 6.47 -5.71
CA SER C 255 5.98 7.29 -4.57
C SER C 255 4.77 7.69 -3.71
N ASN C 256 3.61 7.74 -4.35
CA ASN C 256 2.35 8.11 -3.70
C ASN C 256 1.38 6.94 -3.43
N GLY C 257 1.90 5.71 -3.41
CA GLY C 257 1.09 4.54 -3.11
C GLY C 257 0.24 3.93 -4.23
N VAL C 258 0.42 4.41 -5.46
CA VAL C 258 -0.28 3.86 -6.62
C VAL C 258 0.67 2.96 -7.38
N THR C 259 0.21 1.79 -7.77
CA THR C 259 1.07 0.85 -8.47
C THR C 259 0.71 0.75 -9.95
N VAL C 260 1.70 0.96 -10.81
CA VAL C 260 1.50 0.83 -12.25
C VAL C 260 1.94 -0.57 -12.67
N LYS C 261 0.97 -1.42 -12.96
CA LYS C 261 1.27 -2.82 -13.28
C LYS C 261 1.69 -3.01 -14.75
N GLY C 262 1.12 -2.22 -15.64
CA GLY C 262 1.46 -2.27 -17.07
C GLY C 262 2.66 -1.40 -17.42
N ASP C 263 2.80 -1.11 -18.71
CA ASP C 263 3.94 -0.39 -19.25
C ASP C 263 3.69 1.12 -19.29
N VAL C 264 4.72 1.89 -19.65
CA VAL C 264 4.59 3.34 -19.86
C VAL C 264 4.93 3.66 -21.31
N GLY C 265 4.09 4.46 -21.94
CA GLY C 265 4.32 4.86 -23.32
C GLY C 265 3.54 6.09 -23.71
N LEU C 266 3.56 6.38 -25.00
CA LEU C 266 2.78 7.48 -25.54
C LEU C 266 1.40 6.99 -25.94
N GLY C 267 0.42 7.89 -25.93
CA GLY C 267 -0.94 7.51 -26.30
C GLY C 267 -1.98 8.58 -26.02
N GLY C 268 -2.90 8.73 -26.95
CA GLY C 268 -4.00 9.68 -26.83
C GLY C 268 -5.23 9.03 -26.24
N VAL C 269 -5.92 9.76 -25.36
CA VAL C 269 -7.18 9.31 -24.74
C VAL C 269 -8.14 8.87 -25.84
N PRO C 270 -8.62 7.60 -25.76
CA PRO C 270 -9.29 6.87 -26.83
C PRO C 270 -10.32 7.62 -27.71
N ALA C 271 -11.39 8.12 -27.10
CA ALA C 271 -12.57 8.62 -27.84
C ALA C 271 -13.69 7.60 -27.81
N ASP C 272 -13.33 6.34 -27.53
CA ASP C 272 -14.24 5.31 -27.05
C ASP C 272 -14.83 5.76 -25.72
N TRP C 273 -14.03 6.48 -24.95
CA TRP C 273 -14.36 6.88 -23.58
C TRP C 273 -15.54 7.84 -23.55
N GLN C 274 -16.68 7.32 -23.09
CA GLN C 274 -17.95 8.05 -23.16
C GLN C 274 -18.01 9.19 -22.16
N ASP C 275 -17.50 8.96 -20.96
CA ASP C 275 -17.44 9.99 -19.93
C ASP C 275 -16.24 9.74 -19.04
N ALA C 276 -15.12 10.33 -19.41
CA ALA C 276 -13.85 10.13 -18.71
C ALA C 276 -13.88 10.76 -17.34
N GLU C 277 -13.30 10.06 -16.36
CA GLU C 277 -13.14 10.61 -15.02
C GLU C 277 -11.76 11.27 -14.89
N VAL C 278 -11.78 12.60 -14.71
CA VAL C 278 -10.57 13.37 -14.43
C VAL C 278 -10.19 13.18 -12.97
N LEU C 279 -9.06 12.53 -12.73
CA LEU C 279 -8.63 12.20 -11.37
C LEU C 279 -7.68 13.24 -10.77
N ALA C 280 -6.87 13.88 -11.62
CA ALA C 280 -5.98 14.94 -11.17
C ALA C 280 -5.81 16.01 -12.25
N ASP C 281 -5.70 17.28 -11.85
CA ASP C 281 -5.27 18.33 -12.78
C ASP C 281 -4.35 19.37 -12.16
N HIS C 282 -3.87 20.30 -12.99
CA HIS C 282 -3.01 21.40 -12.58
C HIS C 282 -3.17 22.52 -13.59
N THR C 283 -3.16 23.74 -13.10
CA THR C 283 -3.24 24.93 -13.93
C THR C 283 -1.99 25.77 -13.68
N SER C 284 -1.30 26.10 -14.75
CA SER C 284 -0.10 26.92 -14.69
C SER C 284 -0.41 28.32 -14.17
N ALA C 285 0.64 29.09 -13.90
CA ALA C 285 0.55 30.54 -13.77
C ALA C 285 0.07 31.14 -15.10
N GLU C 286 -0.36 32.40 -15.06
CA GLU C 286 -0.91 33.04 -16.25
C GLU C 286 0.17 33.55 -17.18
N LEU C 287 -0.16 33.69 -18.45
CA LEU C 287 0.83 34.01 -19.47
C LEU C 287 1.71 35.19 -19.10
N SER C 288 1.11 36.21 -18.47
CA SER C 288 1.83 37.43 -18.09
C SER C 288 2.99 37.12 -17.16
N GLU C 289 2.78 36.14 -16.29
CA GLU C 289 3.80 35.66 -15.37
C GLU C 289 4.82 34.81 -16.10
N ILE C 290 4.32 33.89 -16.94
CA ILE C 290 5.13 33.04 -17.81
C ILE C 290 6.12 33.84 -18.70
N LEU C 291 5.70 35.05 -19.12
CA LEU C 291 6.52 35.89 -20.00
C LEU C 291 7.90 36.21 -19.42
N VAL C 292 8.00 36.21 -18.10
CA VAL C 292 9.20 36.66 -17.43
C VAL C 292 10.37 35.69 -17.64
N PRO C 293 10.27 34.41 -17.21
CA PRO C 293 11.39 33.52 -17.55
C PRO C 293 11.63 33.32 -19.05
N PHE C 294 10.60 33.55 -19.86
CA PHE C 294 10.66 33.35 -21.31
C PHE C 294 11.45 34.47 -22.01
N MET C 295 11.11 35.73 -21.74
CA MET C 295 11.81 36.87 -22.38
C MET C 295 13.12 37.27 -21.69
N LYS C 296 13.21 37.08 -20.37
CA LYS C 296 14.43 37.44 -19.62
C LYS C 296 15.64 36.57 -19.95
N PHE C 297 15.40 35.27 -20.12
CA PHE C 297 16.48 34.28 -20.36
C PHE C 297 16.42 33.68 -21.76
N SER C 298 15.45 34.13 -22.54
CA SER C 298 15.31 33.74 -23.95
C SER C 298 15.02 32.21 -24.12
N ASN C 299 13.90 31.74 -23.55
CA ASN C 299 13.50 30.33 -23.64
C ASN C 299 12.92 29.97 -25.01
N ASN C 300 13.66 29.14 -25.75
CA ASN C 300 13.23 28.70 -27.08
C ASN C 300 12.03 27.76 -27.04
N GLY C 301 12.09 26.75 -26.16
CA GLY C 301 10.97 25.86 -25.90
C GLY C 301 9.66 26.59 -25.65
N HIS C 302 9.69 27.61 -24.78
CA HIS C 302 8.50 28.46 -24.53
C HIS C 302 7.89 29.05 -25.79
N ALA C 303 8.71 29.68 -26.62
CA ALA C 303 8.22 30.34 -27.85
C ALA C 303 7.55 29.37 -28.82
N GLU C 304 8.15 28.19 -29.03
CA GLU C 304 7.56 27.19 -29.94
C GLU C 304 6.24 26.65 -29.41
N MET C 305 6.16 26.45 -28.10
CA MET C 305 4.95 25.93 -27.48
C MET C 305 3.85 26.97 -27.59
N LEU C 306 4.22 28.24 -27.42
CA LEU C 306 3.25 29.33 -27.57
C LEU C 306 2.72 29.46 -28.99
N VAL C 307 3.56 29.14 -29.99
CA VAL C 307 3.18 29.18 -31.40
C VAL C 307 2.13 28.11 -31.71
N LYS C 308 2.36 26.88 -31.23
CA LYS C 308 1.39 25.81 -31.43
C LYS C 308 0.09 26.06 -30.66
N SER C 309 0.21 26.64 -29.47
CA SER C 309 -0.92 27.18 -28.70
C SER C 309 -1.71 28.22 -29.49
N ILE C 310 -1.00 29.13 -30.16
CA ILE C 310 -1.62 30.06 -31.09
C ILE C 310 -2.39 29.29 -32.18
N GLY C 311 -1.77 28.24 -32.74
CA GLY C 311 -2.45 27.39 -33.71
C GLY C 311 -3.76 26.79 -33.17
N GLN C 312 -3.70 26.18 -31.98
CA GLN C 312 -4.89 25.62 -31.37
C GLN C 312 -6.02 26.64 -31.17
N GLU C 313 -5.67 27.80 -30.62
CA GLU C 313 -6.65 28.86 -30.35
C GLU C 313 -7.26 29.42 -31.63
N THR C 314 -6.43 29.49 -32.65
CA THR C 314 -6.69 30.23 -33.86
C THR C 314 -7.33 29.38 -34.96
N ALA C 315 -6.99 28.09 -35.01
CA ALA C 315 -7.44 27.23 -36.10
C ALA C 315 -7.77 25.80 -35.67
N GLY C 316 -7.59 25.49 -34.39
CA GLY C 316 -7.75 24.12 -33.90
C GLY C 316 -6.71 23.14 -34.44
N ALA C 317 -5.52 23.67 -34.77
CA ALA C 317 -4.37 22.84 -35.14
C ALA C 317 -3.13 23.24 -34.33
N GLY C 318 -2.65 22.33 -33.50
CA GLY C 318 -1.46 22.59 -32.69
C GLY C 318 -0.18 22.37 -33.46
N THR C 319 0.03 23.21 -34.47
CA THR C 319 1.13 23.02 -35.42
C THR C 319 1.90 24.31 -35.67
N TRP C 320 3.04 24.18 -36.34
CA TRP C 320 3.84 25.33 -36.76
C TRP C 320 3.16 26.13 -37.87
N ASP C 321 2.64 25.42 -38.88
CA ASP C 321 1.96 26.05 -40.00
C ASP C 321 0.79 26.94 -39.54
N ALA C 322 -0.09 26.38 -38.72
CA ALA C 322 -1.25 27.10 -38.18
C ALA C 322 -0.88 28.25 -37.24
N GLY C 323 0.04 27.98 -36.31
CA GLY C 323 0.49 28.96 -35.33
C GLY C 323 1.20 30.15 -35.93
N LEU C 324 2.06 29.91 -36.92
CA LEU C 324 2.81 30.97 -37.59
C LEU C 324 1.89 31.86 -38.43
N VAL C 325 0.85 31.25 -39.00
CA VAL C 325 -0.20 31.99 -39.72
C VAL C 325 -0.84 32.91 -38.70
N GLY C 326 -1.33 32.33 -37.60
CA GLY C 326 -1.85 33.06 -36.46
C GLY C 326 -0.98 34.22 -36.02
N VAL C 327 0.31 33.96 -35.80
CA VAL C 327 1.28 35.02 -35.45
C VAL C 327 1.20 36.23 -36.38
N GLU C 328 1.30 35.98 -37.69
CA GLU C 328 1.24 37.03 -38.72
C GLU C 328 -0.10 37.74 -38.73
N GLU C 329 -1.19 36.98 -38.66
CA GLU C 329 -2.53 37.55 -38.55
C GLU C 329 -2.69 38.37 -37.28
N ALA C 330 -2.14 37.87 -36.18
CA ALA C 330 -2.19 38.56 -34.90
C ALA C 330 -1.41 39.86 -34.97
N LEU C 331 -0.26 39.83 -35.64
CA LEU C 331 0.59 41.01 -35.79
C LEU C 331 -0.07 42.11 -36.63
N SER C 332 -0.54 41.76 -37.82
CA SER C 332 -1.33 42.68 -38.66
C SER C 332 -2.49 43.32 -37.88
N GLY C 333 -3.19 42.50 -37.09
CA GLY C 333 -4.32 42.94 -36.28
C GLY C 333 -3.93 43.93 -35.20
N LEU C 334 -2.67 43.86 -34.79
CA LEU C 334 -2.05 44.82 -33.88
C LEU C 334 -1.61 46.10 -34.61
N GLY C 335 -1.71 46.12 -35.94
CA GLY C 335 -1.38 47.31 -36.71
C GLY C 335 0.02 47.32 -37.30
N VAL C 336 0.75 46.23 -37.09
CA VAL C 336 2.11 46.06 -37.62
C VAL C 336 2.03 45.62 -39.08
N ASP C 337 2.88 46.22 -39.92
CA ASP C 337 3.04 45.80 -41.31
C ASP C 337 4.04 44.62 -41.39
N THR C 338 3.56 43.48 -41.88
CA THR C 338 4.34 42.24 -41.84
C THR C 338 4.98 41.86 -43.18
N ALA C 339 5.11 42.84 -44.08
CA ALA C 339 5.59 42.58 -45.43
C ALA C 339 7.00 41.95 -45.51
N GLY C 340 7.95 42.52 -44.79
CA GLY C 340 9.33 42.02 -44.81
C GLY C 340 9.63 40.90 -43.81
N LEU C 341 8.60 40.43 -43.11
CA LEU C 341 8.73 39.36 -42.14
C LEU C 341 8.61 37.98 -42.77
N VAL C 342 9.55 37.11 -42.45
CA VAL C 342 9.46 35.72 -42.89
C VAL C 342 9.50 34.89 -41.63
N LEU C 343 8.42 34.16 -41.38
CA LEU C 343 8.25 33.43 -40.11
C LEU C 343 8.46 31.94 -40.29
N ASN C 344 9.52 31.42 -39.69
CA ASN C 344 9.77 29.99 -39.76
C ASN C 344 9.66 29.29 -38.40
N ASP C 345 9.91 30.04 -37.33
CA ASP C 345 9.60 29.57 -35.98
C ASP C 345 9.24 30.67 -35.00
N GLY C 346 9.04 30.30 -33.74
CA GLY C 346 8.67 31.27 -32.72
C GLY C 346 9.85 31.81 -31.93
N SER C 347 10.89 30.99 -31.79
CA SER C 347 12.03 31.25 -30.93
C SER C 347 13.12 32.12 -31.54
N GLY C 348 13.29 32.02 -32.85
CA GLY C 348 14.38 32.70 -33.53
C GLY C 348 15.54 31.77 -33.86
N LEU C 349 15.51 30.57 -33.31
CA LEU C 349 16.55 29.58 -33.55
C LEU C 349 16.75 29.35 -35.04
N SER C 350 15.64 29.34 -35.78
CA SER C 350 15.64 28.99 -37.20
C SER C 350 16.31 30.06 -38.06
N ARG C 351 17.14 29.61 -39.00
CA ARG C 351 17.81 30.53 -39.93
C ARG C 351 16.96 30.81 -41.16
N GLY C 352 15.74 30.25 -41.17
CA GLY C 352 14.73 30.59 -42.15
C GLY C 352 13.87 31.79 -41.78
N ASN C 353 14.18 32.45 -40.66
CA ASN C 353 13.46 33.65 -40.24
C ASN C 353 14.09 34.90 -40.84
N LEU C 354 13.27 35.89 -41.20
CA LEU C 354 13.79 37.22 -41.54
C LEU C 354 12.93 38.32 -40.91
N VAL C 355 13.58 39.38 -40.42
CA VAL C 355 12.87 40.61 -40.05
C VAL C 355 13.55 41.78 -40.77
N THR C 356 12.96 42.96 -40.68
CA THR C 356 13.70 44.19 -40.91
C THR C 356 13.71 44.98 -39.61
N ALA C 357 14.65 45.90 -39.47
CA ALA C 357 14.73 46.79 -38.30
C ALA C 357 13.54 47.75 -38.23
N ASP C 358 13.05 48.21 -39.38
CA ASP C 358 11.80 48.98 -39.44
C ASP C 358 10.63 48.19 -38.82
N THR C 359 10.54 46.89 -39.14
CA THR C 359 9.46 46.01 -38.64
C THR C 359 9.46 45.85 -37.11
N VAL C 360 10.66 45.66 -36.55
CA VAL C 360 10.83 45.48 -35.12
C VAL C 360 10.42 46.75 -34.38
N VAL C 361 10.84 47.89 -34.93
CA VAL C 361 10.53 49.19 -34.37
C VAL C 361 9.03 49.49 -34.43
N ASP C 362 8.38 49.08 -35.53
CA ASP C 362 6.93 49.18 -35.67
C ASP C 362 6.22 48.39 -34.57
N LEU C 363 6.57 47.11 -34.44
CA LEU C 363 6.05 46.27 -33.36
C LEU C 363 6.20 46.94 -32.00
N LEU C 364 7.41 47.42 -31.72
CA LEU C 364 7.72 48.08 -30.45
C LEU C 364 6.80 49.28 -30.18
N GLY C 365 6.49 50.03 -31.24
CA GLY C 365 5.56 51.15 -31.14
C GLY C 365 4.13 50.73 -30.82
N GLN C 366 3.68 49.67 -31.47
CA GLN C 366 2.33 49.17 -31.32
C GLN C 366 2.18 48.47 -29.98
N ALA C 367 3.15 47.63 -29.67
CA ALA C 367 3.14 46.85 -28.44
C ALA C 367 3.12 47.75 -27.22
N GLY C 368 3.77 48.90 -27.32
CA GLY C 368 3.84 49.85 -26.22
C GLY C 368 2.53 50.52 -25.86
N SER C 369 1.56 50.50 -26.79
CA SER C 369 0.27 51.15 -26.57
C SER C 369 -0.90 50.18 -26.43
N ALA C 370 -0.64 48.89 -26.57
CA ALA C 370 -1.67 47.85 -26.41
C ALA C 370 -2.02 47.66 -24.92
N PRO C 371 -3.21 47.10 -24.61
CA PRO C 371 -3.63 47.00 -23.20
C PRO C 371 -2.66 46.21 -22.31
N TRP C 372 -1.97 45.24 -22.91
CA TRP C 372 -0.98 44.41 -22.22
C TRP C 372 0.45 44.98 -22.22
N ALA C 373 0.58 46.26 -22.57
CA ALA C 373 1.89 46.92 -22.70
C ALA C 373 2.81 46.82 -21.48
N GLN C 374 2.24 46.83 -20.27
CA GLN C 374 3.05 46.80 -19.07
C GLN C 374 3.51 45.40 -18.66
N THR C 375 2.73 44.38 -19.01
CA THR C 375 3.19 43.01 -18.85
C THR C 375 4.20 42.62 -19.95
N TRP C 376 4.18 43.38 -21.05
CA TRP C 376 5.13 43.22 -22.16
C TRP C 376 6.50 43.75 -21.77
N SER C 377 6.54 45.04 -21.37
CA SER C 377 7.78 45.70 -20.95
C SER C 377 8.44 45.04 -19.75
N ALA C 378 7.64 44.49 -18.84
CA ALA C 378 8.15 43.90 -17.62
C ALA C 378 8.90 42.58 -17.89
N SER C 379 8.55 41.92 -18.99
CA SER C 379 9.21 40.69 -19.42
C SER C 379 10.58 40.97 -20.03
N LEU C 380 10.81 42.21 -20.48
CA LEU C 380 12.06 42.55 -21.16
C LEU C 380 13.20 42.66 -20.17
N PRO C 381 14.38 42.08 -20.51
CA PRO C 381 15.59 42.29 -19.71
C PRO C 381 15.94 43.77 -19.53
N VAL C 382 16.35 44.13 -18.32
CA VAL C 382 16.73 45.50 -18.00
C VAL C 382 18.25 45.62 -17.95
N ALA C 383 18.80 46.53 -18.73
CA ALA C 383 20.23 46.82 -18.79
C ALA C 383 20.90 46.94 -17.40
N GLY C 384 22.02 46.24 -17.25
CA GLY C 384 22.91 46.38 -16.10
C GLY C 384 22.37 45.96 -14.75
N GLU C 385 21.29 45.18 -14.77
CA GLU C 385 20.65 44.73 -13.55
C GLU C 385 21.13 43.35 -13.21
N SER C 386 21.79 43.21 -12.05
CA SER C 386 22.51 41.99 -11.67
C SER C 386 21.60 40.81 -11.28
N ASP C 387 20.38 41.10 -10.85
CA ASP C 387 19.40 40.07 -10.51
C ASP C 387 18.94 39.40 -11.80
N PRO C 388 19.21 38.10 -11.95
CA PRO C 388 18.93 37.45 -13.23
C PRO C 388 17.48 37.65 -13.71
N PHE C 389 16.52 37.56 -12.79
CA PHE C 389 15.10 37.73 -13.17
C PHE C 389 14.71 39.15 -13.56
N VAL C 390 15.65 40.09 -13.42
CA VAL C 390 15.41 41.49 -13.81
C VAL C 390 16.28 41.88 -15.04
N GLY C 391 17.58 41.62 -14.94
CA GLY C 391 18.51 41.85 -16.05
C GLY C 391 18.52 40.77 -17.14
N GLY C 392 18.14 39.54 -16.77
CA GLY C 392 18.17 38.43 -17.71
C GLY C 392 19.46 38.40 -18.51
N THR C 393 19.37 38.37 -19.83
CA THR C 393 20.55 38.31 -20.71
C THR C 393 21.30 39.64 -20.81
N LEU C 394 20.79 40.68 -20.14
CA LEU C 394 21.45 41.97 -20.06
C LEU C 394 22.09 42.21 -18.69
N ALA C 395 22.15 41.20 -17.84
CA ALA C 395 22.57 41.39 -16.45
C ALA C 395 23.98 41.95 -16.33
N ASN C 396 24.85 41.50 -17.25
CA ASN C 396 26.26 41.86 -17.23
C ASN C 396 26.67 42.98 -18.18
N ARG C 397 25.70 43.59 -18.82
CA ARG C 397 26.00 44.63 -19.82
C ARG C 397 25.55 46.00 -19.37
N MET C 398 26.30 47.02 -19.78
CA MET C 398 25.92 48.41 -19.52
C MET C 398 25.80 48.80 -18.02
N ARG C 399 26.41 48.01 -17.13
CA ARG C 399 26.58 48.41 -15.72
C ARG C 399 27.43 49.68 -15.64
N GLY C 400 27.02 50.64 -14.81
CA GLY C 400 27.76 51.89 -14.62
C GLY C 400 27.71 52.81 -15.83
N THR C 401 26.71 52.61 -16.69
CA THR C 401 26.48 53.49 -17.81
C THR C 401 25.09 54.10 -17.65
N ALA C 402 24.84 55.20 -18.37
CA ALA C 402 23.53 55.84 -18.46
C ALA C 402 22.37 54.88 -18.69
N ALA C 403 22.67 53.72 -19.26
CA ALA C 403 21.64 52.74 -19.57
C ALA C 403 21.28 51.81 -18.40
N GLU C 404 22.02 51.86 -17.29
CA GLU C 404 21.75 50.96 -16.17
C GLU C 404 20.38 51.25 -15.54
N GLY C 405 19.58 50.20 -15.42
CA GLY C 405 18.22 50.30 -14.90
C GLY C 405 17.24 51.00 -15.83
N VAL C 406 17.66 51.29 -17.06
CA VAL C 406 16.86 52.14 -17.95
C VAL C 406 16.44 51.41 -19.24
N VAL C 407 17.42 51.03 -20.05
CA VAL C 407 17.12 50.35 -21.30
C VAL C 407 16.41 49.01 -21.01
N GLU C 408 15.28 48.80 -21.67
CA GLU C 408 14.60 47.52 -21.70
C GLU C 408 14.72 46.98 -23.13
N ALA C 409 15.34 45.80 -23.28
CA ALA C 409 15.66 45.29 -24.62
C ALA C 409 15.75 43.77 -24.67
N LYS C 410 15.27 43.21 -25.77
CA LYS C 410 15.42 41.78 -26.04
C LYS C 410 16.69 41.59 -26.86
N THR C 411 17.46 40.57 -26.47
CA THR C 411 18.72 40.23 -27.07
C THR C 411 18.48 39.13 -28.09
N GLY C 412 19.52 38.76 -28.83
CA GLY C 412 19.45 37.56 -29.66
C GLY C 412 20.76 37.27 -30.33
N THR C 413 21.35 36.13 -30.01
CA THR C 413 22.64 35.74 -30.58
C THR C 413 22.64 34.30 -31.10
N MET C 414 23.16 34.15 -32.31
CA MET C 414 23.65 32.88 -32.84
C MET C 414 24.92 33.30 -33.54
N SER C 415 25.64 32.35 -34.13
CA SER C 415 26.89 32.66 -34.82
C SER C 415 26.65 33.45 -36.12
N GLY C 416 27.17 34.66 -36.16
CA GLY C 416 27.07 35.51 -37.35
C GLY C 416 25.81 36.35 -37.34
N VAL C 417 25.14 36.36 -36.18
CA VAL C 417 23.83 37.00 -36.00
C VAL C 417 23.75 37.60 -34.61
N SER C 418 23.42 38.87 -34.51
CA SER C 418 23.30 39.48 -33.19
C SER C 418 22.29 40.59 -33.22
N ALA C 419 21.53 40.72 -32.15
CA ALA C 419 20.43 41.67 -32.12
C ALA C 419 20.16 42.24 -30.75
N LEU C 420 19.86 43.54 -30.71
CA LEU C 420 19.38 44.19 -29.50
C LEU C 420 18.30 45.21 -29.84
N SER C 421 17.07 44.91 -29.44
CA SER C 421 15.95 45.80 -29.75
C SER C 421 15.09 46.05 -28.51
N GLY C 422 14.64 47.30 -28.37
CA GLY C 422 13.82 47.66 -27.22
C GLY C 422 13.51 49.13 -27.01
N TYR C 423 13.42 49.53 -25.73
CA TYR C 423 12.98 50.87 -25.35
C TYR C 423 13.99 51.62 -24.50
N VAL C 424 13.95 52.95 -24.64
CA VAL C 424 14.76 53.83 -23.82
C VAL C 424 13.78 54.83 -23.19
N PRO C 425 13.16 54.45 -22.06
CA PRO C 425 12.31 55.40 -21.34
C PRO C 425 13.08 56.58 -20.77
N GLY C 426 12.39 57.71 -20.61
CA GLY C 426 13.04 58.92 -20.15
C GLY C 426 12.05 60.06 -19.98
N PRO C 427 12.42 61.05 -19.16
CA PRO C 427 11.60 62.24 -18.91
C PRO C 427 10.98 62.77 -20.20
N GLU C 428 11.83 63.17 -21.14
CA GLU C 428 11.40 63.67 -22.46
C GLU C 428 10.93 62.57 -23.40
N GLY C 429 11.84 61.66 -23.73
CA GLY C 429 11.68 60.83 -24.93
C GLY C 429 11.62 59.35 -24.69
N GLU C 430 10.46 58.76 -24.99
CA GLU C 430 10.32 57.31 -25.00
C GLU C 430 10.82 56.84 -26.36
N LEU C 431 12.07 56.39 -26.39
CA LEU C 431 12.69 55.93 -27.62
C LEU C 431 12.43 54.45 -27.78
N ALA C 432 12.13 54.03 -29.00
CA ALA C 432 12.22 52.62 -29.38
C ALA C 432 13.35 52.46 -30.40
N PHE C 433 14.11 51.38 -30.27
CA PHE C 433 15.25 51.12 -31.16
C PHE C 433 15.30 49.64 -31.57
N SER C 434 15.94 49.38 -32.70
CA SER C 434 16.23 48.02 -33.12
C SER C 434 17.60 47.97 -33.76
N ILE C 435 18.43 47.05 -33.28
CA ILE C 435 19.77 46.81 -33.83
C ILE C 435 19.89 45.35 -34.26
N VAL C 436 19.99 45.14 -35.57
CA VAL C 436 20.12 43.78 -36.08
C VAL C 436 21.41 43.62 -36.89
N ASN C 437 22.37 42.90 -36.32
CA ASN C 437 23.64 42.63 -36.97
C ASN C 437 23.65 41.26 -37.61
N ASN C 438 24.11 41.19 -38.87
CA ASN C 438 24.36 39.91 -39.54
C ASN C 438 25.72 39.95 -40.23
N GLY C 439 26.29 38.78 -40.52
CA GLY C 439 27.42 38.69 -41.44
C GLY C 439 28.79 38.92 -40.83
N HIS C 440 28.81 39.48 -39.61
CA HIS C 440 30.04 39.71 -38.87
C HIS C 440 30.77 38.40 -38.62
N SER C 441 32.09 38.45 -38.55
CA SER C 441 32.89 37.21 -38.57
C SER C 441 33.38 36.72 -37.21
N GLY C 442 33.32 37.61 -36.22
CA GLY C 442 33.81 37.25 -34.89
C GLY C 442 32.68 36.99 -33.90
N PRO C 443 32.99 37.07 -32.60
CA PRO C 443 31.97 37.07 -31.54
C PRO C 443 30.94 38.16 -31.79
N ALA C 444 29.75 38.00 -31.22
CA ALA C 444 28.70 39.02 -31.28
C ALA C 444 29.26 40.41 -30.93
N PRO C 445 28.86 41.45 -31.70
CA PRO C 445 29.29 42.81 -31.44
C PRO C 445 28.48 43.46 -30.32
N LEU C 446 28.48 42.82 -29.15
CA LEU C 446 27.66 43.25 -28.01
C LEU C 446 28.00 44.66 -27.54
N ALA C 447 29.30 44.95 -27.44
CA ALA C 447 29.80 46.29 -27.07
C ALA C 447 29.32 47.42 -27.99
N VAL C 448 29.18 47.11 -29.28
CA VAL C 448 28.63 48.07 -30.26
C VAL C 448 27.16 48.35 -29.95
N GLN C 449 26.43 47.29 -29.58
CA GLN C 449 25.03 47.41 -29.20
C GLN C 449 24.90 48.16 -27.87
N ASP C 450 25.82 47.90 -26.94
CA ASP C 450 25.84 48.58 -25.66
C ASP C 450 26.08 50.08 -25.88
N ALA C 451 27.00 50.41 -26.76
CA ALA C 451 27.42 51.81 -26.97
C ALA C 451 26.26 52.63 -27.52
N ILE C 452 25.64 52.14 -28.59
CA ILE C 452 24.41 52.76 -29.11
C ILE C 452 23.35 52.91 -27.99
N ALA C 453 23.02 51.81 -27.31
CA ALA C 453 22.04 51.84 -26.23
C ALA C 453 22.36 52.90 -25.15
N VAL C 454 23.64 53.06 -24.81
CA VAL C 454 24.11 54.08 -23.86
C VAL C 454 23.98 55.47 -24.46
N ARG C 455 24.26 55.59 -25.75
CA ARG C 455 24.11 56.86 -26.45
C ARG C 455 22.66 57.38 -26.38
N LEU C 456 21.70 56.51 -26.69
CA LEU C 456 20.28 56.85 -26.65
C LEU C 456 19.80 57.14 -25.24
N ALA C 457 20.26 56.35 -24.27
CA ALA C 457 20.05 56.64 -22.86
C ALA C 457 20.48 58.07 -22.49
N GLU C 458 21.60 58.53 -23.05
CA GLU C 458 22.05 59.92 -22.89
C GLU C 458 21.09 60.90 -23.55
N TYR C 459 20.57 60.52 -24.73
CA TYR C 459 19.68 61.39 -25.48
C TYR C 459 18.37 61.61 -24.71
N ALA C 460 17.86 60.53 -24.12
CA ALA C 460 16.64 60.57 -23.34
C ALA C 460 16.83 61.30 -22.00
N GLY C 461 18.06 61.71 -21.72
CA GLY C 461 18.37 62.51 -20.54
C GLY C 461 18.79 61.77 -19.29
N HIS C 462 19.38 60.59 -19.47
CA HIS C 462 19.89 59.83 -18.33
C HIS C 462 21.40 60.04 -18.12
N GLN C 463 21.86 59.73 -16.92
CA GLN C 463 23.27 59.79 -16.56
C GLN C 463 23.64 58.57 -15.73
N ALA C 464 24.90 58.16 -15.83
CA ALA C 464 25.37 56.99 -15.11
C ALA C 464 25.01 57.07 -13.62
N PRO C 465 24.47 55.97 -13.06
CA PRO C 465 24.05 55.96 -11.65
C PRO C 465 25.27 55.96 -10.71
N ARG D 1 21.61 7.90 24.15
CA ARG D 1 21.59 9.33 24.57
C ARG D 1 20.14 9.85 24.75
N LEU D 2 19.16 9.08 24.25
CA LEU D 2 17.72 9.44 24.33
C LEU D 2 17.27 9.78 25.76
N THR D 3 17.75 9.00 26.73
CA THR D 3 17.40 9.17 28.13
C THR D 3 18.28 10.24 28.79
N GLU D 4 19.53 10.36 28.35
CA GLU D 4 20.46 11.37 28.86
C GLU D 4 20.03 12.77 28.42
N LEU D 5 19.57 12.88 27.17
CA LEU D 5 19.02 14.12 26.63
C LEU D 5 17.87 14.62 27.50
N ARG D 6 16.98 13.71 27.86
CA ARG D 6 15.84 13.99 28.73
C ARG D 6 16.25 14.47 30.12
N GLU D 7 17.25 13.83 30.72
CA GLU D 7 17.79 14.29 32.01
C GLU D 7 18.39 15.68 31.87
N ASP D 8 19.20 15.86 30.81
CA ASP D 8 19.88 17.13 30.54
C ASP D 8 18.88 18.27 30.41
N ILE D 9 17.75 18.00 29.74
CA ILE D 9 16.69 19.01 29.59
C ILE D 9 15.86 19.15 30.88
N ASP D 10 15.61 18.03 31.56
CA ASP D 10 15.01 18.02 32.92
C ASP D 10 15.77 18.98 33.84
N ALA D 11 17.11 18.89 33.79
CA ALA D 11 18.02 19.68 34.63
C ALA D 11 18.07 21.16 34.25
N ILE D 12 18.10 21.45 32.94
CA ILE D 12 18.06 22.83 32.45
C ILE D 12 16.82 23.56 32.98
N LEU D 13 15.65 22.94 32.85
CA LEU D 13 14.38 23.56 33.23
C LEU D 13 14.18 23.76 34.73
N GLU D 14 15.14 23.27 35.53
CA GLU D 14 15.09 23.43 36.98
C GLU D 14 15.67 24.77 37.42
N ASP D 15 16.04 25.58 36.43
CA ASP D 15 16.69 26.85 36.65
C ASP D 15 15.86 27.86 37.46
N PRO D 16 16.50 28.51 38.45
CA PRO D 16 15.95 29.64 39.22
C PRO D 16 15.34 30.76 38.39
N ALA D 17 15.82 30.95 37.16
CA ALA D 17 15.25 31.96 36.27
C ALA D 17 13.80 31.63 35.86
N LEU D 18 13.44 30.35 35.94
CA LEU D 18 12.11 29.85 35.58
C LEU D 18 11.21 29.64 36.79
N GLU D 19 11.50 30.32 37.89
CA GLU D 19 10.70 30.18 39.11
C GLU D 19 9.33 30.82 38.94
N GLY D 20 8.29 30.02 39.19
CA GLY D 20 6.90 30.47 39.06
C GLY D 20 6.42 30.50 37.62
N ALA D 21 7.17 29.86 36.72
CA ALA D 21 6.90 29.90 35.29
C ALA D 21 6.30 28.60 34.81
N VAL D 22 5.45 28.69 33.78
CA VAL D 22 4.96 27.50 33.07
C VAL D 22 5.69 27.42 31.73
N SER D 23 6.30 26.27 31.45
CA SER D 23 7.09 26.11 30.21
C SER D 23 6.66 24.92 29.37
N GLY D 24 6.05 25.21 28.23
CA GLY D 24 5.77 24.18 27.24
C GLY D 24 7.03 23.90 26.46
N VAL D 25 7.56 22.68 26.58
CA VAL D 25 8.75 22.26 25.83
C VAL D 25 8.54 20.92 25.11
N VAL D 26 8.60 20.96 23.79
CA VAL D 26 8.34 19.79 22.97
C VAL D 26 9.41 19.61 21.89
N VAL D 27 10.03 18.43 21.87
CA VAL D 27 10.99 18.08 20.80
C VAL D 27 10.47 16.85 20.04
N VAL D 28 10.56 16.89 18.71
CA VAL D 28 10.04 15.82 17.87
C VAL D 28 11.02 15.49 16.74
N ASP D 29 11.09 14.21 16.39
CA ASP D 29 11.91 13.77 15.26
C ASP D 29 11.03 13.78 14.01
N THR D 30 11.36 14.68 13.09
CA THR D 30 10.58 14.92 11.87
C THR D 30 10.55 13.71 10.93
N ALA D 31 11.63 12.93 10.91
CA ALA D 31 11.76 11.79 10.01
C ALA D 31 10.90 10.60 10.45
N THR D 32 10.67 10.48 11.75
CA THR D 32 9.88 9.37 12.28
C THR D 32 8.55 9.83 12.88
N GLY D 33 8.50 11.10 13.28
CA GLY D 33 7.34 11.63 14.00
C GLY D 33 7.40 11.23 15.46
N GLU D 34 8.56 10.76 15.90
CA GLU D 34 8.75 10.36 17.29
C GLU D 34 8.91 11.57 18.20
N GLU D 35 8.28 11.51 19.37
CA GLU D 35 8.30 12.58 20.36
C GLU D 35 9.43 12.35 21.37
N LEU D 36 10.50 13.13 21.24
CA LEU D 36 11.71 12.95 22.03
C LEU D 36 11.64 13.55 23.45
N TYR D 37 11.00 14.71 23.59
CA TYR D 37 10.78 15.34 24.89
C TYR D 37 9.44 16.06 24.91
N SER D 38 8.74 15.99 26.05
CA SER D 38 7.46 16.67 26.21
C SER D 38 7.14 17.06 27.65
N ARG D 39 7.17 18.36 27.94
CA ARG D 39 6.66 18.86 29.22
C ARG D 39 5.63 19.97 28.98
N ASP D 40 4.44 19.79 29.55
CA ASP D 40 3.31 20.72 29.38
C ASP D 40 3.08 21.15 27.95
N GLY D 41 3.05 20.16 27.05
CA GLY D 41 2.98 20.38 25.61
C GLY D 41 1.62 20.87 25.16
N GLY D 42 0.62 20.59 26.00
CA GLY D 42 -0.77 20.95 25.73
C GLY D 42 -1.29 22.12 26.55
N GLU D 43 -0.39 22.77 27.31
CA GLU D 43 -0.72 23.95 28.12
C GLU D 43 -0.80 25.21 27.27
N GLN D 44 -1.85 26.02 27.51
CA GLN D 44 -2.10 27.22 26.71
C GLN D 44 -1.30 28.41 27.23
N LEU D 45 -0.41 28.91 26.38
CA LEU D 45 0.53 29.94 26.74
C LEU D 45 0.58 31.02 25.68
N LEU D 46 1.00 32.23 26.07
CA LEU D 46 1.18 33.34 25.12
C LEU D 46 2.43 33.10 24.25
N PRO D 47 2.30 33.26 22.93
CA PRO D 47 3.43 32.98 22.03
C PRO D 47 4.41 34.15 21.73
N ALA D 48 4.02 35.37 22.09
CA ALA D 48 4.66 36.57 21.54
C ALA D 48 4.90 36.33 20.03
N SER D 49 6.09 36.66 19.52
CA SER D 49 6.37 36.59 18.08
C SER D 49 6.51 35.19 17.44
N ASN D 50 6.38 34.13 18.24
CA ASN D 50 6.25 32.79 17.65
C ASN D 50 4.91 32.67 16.90
N MET D 51 4.01 33.61 17.18
CA MET D 51 2.73 33.73 16.49
C MET D 51 2.96 33.91 14.98
N LYS D 52 4.07 34.55 14.63
CA LYS D 52 4.48 34.76 13.24
C LYS D 52 4.72 33.46 12.46
N LEU D 53 5.02 32.37 13.16
CA LEU D 53 5.16 31.07 12.53
C LEU D 53 3.85 30.66 11.85
N PHE D 54 2.75 30.83 12.59
CA PHE D 54 1.40 30.52 12.12
C PHE D 54 0.98 31.43 10.97
N THR D 55 1.20 32.73 11.15
CA THR D 55 0.89 33.76 10.17
C THR D 55 1.60 33.55 8.82
N ALA D 56 2.90 33.28 8.88
CA ALA D 56 3.74 33.04 7.69
C ALA D 56 3.29 31.82 6.96
N ALA D 57 3.02 30.74 7.70
CA ALA D 57 2.55 29.49 7.10
C ALA D 57 1.21 29.70 6.41
N ALA D 58 0.29 30.38 7.09
CA ALA D 58 -1.00 30.71 6.51
C ALA D 58 -0.82 31.58 5.27
N ALA D 59 0.11 32.53 5.33
CA ALA D 59 0.34 33.42 4.19
C ALA D 59 0.89 32.67 2.97
N LEU D 60 1.70 31.63 3.20
CA LEU D 60 2.29 30.84 2.11
C LEU D 60 1.25 29.95 1.44
N GLU D 61 0.40 29.32 2.26
CA GLU D 61 -0.75 28.54 1.83
C GLU D 61 -1.74 29.34 0.99
N VAL D 62 -2.04 30.55 1.47
CA VAL D 62 -3.12 31.38 0.94
C VAL D 62 -2.63 32.25 -0.21
N LEU D 63 -1.58 33.01 0.02
CA LEU D 63 -1.05 33.93 -0.99
C LEU D 63 -0.20 33.22 -2.05
N GLY D 64 0.65 32.29 -1.59
CA GLY D 64 1.62 31.64 -2.46
C GLY D 64 3.00 32.26 -2.31
N ALA D 65 4.04 31.46 -2.53
CA ALA D 65 5.43 31.93 -2.37
C ALA D 65 5.78 33.01 -3.38
N ASP D 66 5.11 33.02 -4.51
CA ASP D 66 5.41 34.02 -5.53
C ASP D 66 4.32 35.07 -5.63
N HIS D 67 3.60 35.26 -4.52
CA HIS D 67 2.67 36.36 -4.43
C HIS D 67 3.44 37.68 -4.37
N SER D 68 3.01 38.66 -5.17
CA SER D 68 3.62 39.98 -5.19
C SER D 68 2.58 41.04 -4.91
N PHE D 69 3.01 42.20 -4.44
CA PHE D 69 2.09 43.24 -4.03
C PHE D 69 2.21 44.48 -4.92
N GLY D 70 1.07 45.03 -5.31
CA GLY D 70 1.06 46.11 -6.26
C GLY D 70 0.78 47.43 -5.59
N THR D 71 1.29 48.51 -6.21
CA THR D 71 0.97 49.90 -5.87
C THR D 71 0.73 50.66 -7.19
N GLU D 72 -0.37 51.38 -7.29
CA GLU D 72 -0.68 52.15 -8.51
C GLU D 72 -0.79 53.63 -8.27
N VAL D 73 -0.91 54.37 -9.37
CA VAL D 73 -1.27 55.79 -9.39
C VAL D 73 -2.31 55.96 -10.52
N ALA D 74 -3.45 56.58 -10.21
CA ALA D 74 -4.50 56.76 -11.24
C ALA D 74 -5.14 58.16 -11.30
N ALA D 75 -5.60 58.53 -12.49
CA ALA D 75 -6.46 59.70 -12.70
C ALA D 75 -7.73 59.29 -13.46
N GLU D 76 -8.70 60.21 -13.56
CA GLU D 76 -9.98 59.90 -14.21
C GLU D 76 -9.80 59.49 -15.68
N SER D 77 -8.90 60.18 -16.38
CA SER D 77 -8.53 59.82 -17.75
C SER D 77 -7.13 60.35 -18.11
N ALA D 78 -6.61 59.90 -19.26
CA ALA D 78 -5.31 60.36 -19.78
C ALA D 78 -5.25 61.88 -19.86
N PRO D 79 -4.13 62.49 -19.43
CA PRO D 79 -3.96 63.96 -19.40
C PRO D 79 -4.24 64.74 -20.70
N GLY D 80 -3.63 64.34 -21.82
CA GLY D 80 -3.73 65.15 -23.06
C GLY D 80 -2.63 66.17 -23.21
N ARG D 81 -2.70 66.96 -24.30
CA ARG D 81 -1.60 67.82 -24.77
C ARG D 81 -0.98 68.78 -23.74
N ARG D 82 -1.82 69.49 -23.00
CA ARG D 82 -1.35 70.46 -22.01
C ARG D 82 -0.91 69.86 -20.66
N GLY D 83 -0.99 68.54 -20.56
CA GLY D 83 -0.50 67.81 -19.39
C GLY D 83 -1.21 68.11 -18.08
N GLU D 84 -2.53 68.24 -18.15
CA GLU D 84 -3.32 68.56 -16.95
C GLU D 84 -4.30 67.46 -16.59
N VAL D 85 -4.28 67.08 -15.32
CA VAL D 85 -5.29 66.24 -14.70
C VAL D 85 -5.93 67.09 -13.60
N GLN D 86 -7.01 66.58 -12.99
CA GLN D 86 -7.55 67.21 -11.80
C GLN D 86 -6.90 66.54 -10.60
N ASP D 87 -7.56 65.50 -10.09
CA ASP D 87 -7.10 64.76 -8.93
C ASP D 87 -6.22 63.58 -9.35
N LEU D 88 -5.25 63.28 -8.51
CA LEU D 88 -4.38 62.10 -8.67
C LEU D 88 -4.50 61.23 -7.43
N TYR D 89 -4.40 59.91 -7.62
CA TYR D 89 -4.55 58.95 -6.52
C TYR D 89 -3.35 58.01 -6.36
N LEU D 90 -2.79 57.99 -5.14
CA LEU D 90 -1.79 57.00 -4.78
C LEU D 90 -2.49 55.81 -4.12
N VAL D 91 -2.64 54.72 -4.88
CA VAL D 91 -3.38 53.55 -4.40
C VAL D 91 -2.42 52.46 -3.93
N GLY D 92 -2.46 52.17 -2.62
CA GLY D 92 -1.69 51.08 -2.04
C GLY D 92 -2.49 49.80 -1.87
N ARG D 93 -1.86 48.68 -2.16
CA ARG D 93 -2.53 47.38 -2.04
C ARG D 93 -1.72 46.33 -1.27
N GLY D 94 -1.12 46.76 -0.16
CA GLY D 94 -0.62 45.86 0.86
C GLY D 94 0.87 45.56 0.77
N ASP D 95 1.58 46.34 -0.04
CA ASP D 95 3.03 46.19 -0.18
C ASP D 95 3.68 46.66 1.14
N PRO D 96 4.28 45.70 1.88
CA PRO D 96 5.01 45.99 3.11
C PRO D 96 6.46 46.38 2.90
N THR D 97 6.86 46.59 1.64
CA THR D 97 8.24 46.88 1.27
C THR D 97 8.34 48.06 0.28
N LEU D 98 7.42 49.00 0.40
CA LEU D 98 7.33 50.13 -0.52
C LEU D 98 8.27 51.24 -0.03
N SER D 99 9.34 51.49 -0.77
CA SER D 99 10.36 52.45 -0.34
C SER D 99 10.12 53.83 -0.93
N ALA D 100 10.73 54.86 -0.36
CA ALA D 100 10.71 56.20 -0.95
C ALA D 100 11.32 56.16 -2.35
N GLU D 101 12.34 55.31 -2.53
CA GLU D 101 12.92 55.03 -3.85
C GLU D 101 11.82 54.68 -4.84
N ASP D 102 10.99 53.70 -4.47
CA ASP D 102 9.85 53.26 -5.28
C ASP D 102 8.87 54.39 -5.60
N LEU D 103 8.61 55.27 -4.65
CA LEU D 103 7.69 56.38 -4.86
C LEU D 103 8.22 57.27 -5.96
N ASP D 104 9.54 57.49 -5.93
CA ASP D 104 10.23 58.28 -6.93
C ASP D 104 10.13 57.66 -8.33
N ALA D 105 10.31 56.34 -8.41
CA ALA D 105 10.14 55.62 -9.68
C ALA D 105 8.75 55.86 -10.29
N MET D 106 7.71 55.75 -9.46
CA MET D 106 6.31 55.98 -9.88
C MET D 106 6.06 57.44 -10.26
N ALA D 107 6.71 58.37 -9.57
CA ALA D 107 6.59 59.78 -9.91
C ALA D 107 7.13 60.07 -11.31
N ALA D 108 8.34 59.57 -11.59
CA ALA D 108 8.95 59.65 -12.92
C ALA D 108 8.04 59.09 -14.00
N GLU D 109 7.32 58.02 -13.65
CA GLU D 109 6.42 57.32 -14.56
C GLU D 109 5.24 58.24 -14.93
N VAL D 110 4.73 58.96 -13.93
CA VAL D 110 3.63 59.92 -14.08
C VAL D 110 3.95 61.10 -15.03
N ALA D 111 5.17 61.61 -14.93
CA ALA D 111 5.63 62.67 -15.83
C ALA D 111 5.85 62.12 -17.24
N ALA D 112 6.35 60.88 -17.34
CA ALA D 112 6.56 60.20 -18.61
C ALA D 112 5.26 59.94 -19.37
N SER D 113 4.16 59.76 -18.64
CA SER D 113 2.85 59.50 -19.24
C SER D 113 2.22 60.77 -19.81
N GLY D 114 2.67 61.93 -19.35
CA GLY D 114 2.27 63.20 -19.94
C GLY D 114 1.81 64.27 -18.97
N VAL D 115 1.90 63.99 -17.67
CA VAL D 115 1.43 64.93 -16.65
C VAL D 115 2.50 65.95 -16.27
N ARG D 116 2.13 67.23 -16.35
CA ARG D 116 2.98 68.30 -15.81
C ARG D 116 2.35 68.95 -14.58
N THR D 117 1.03 68.95 -14.53
CA THR D 117 0.29 69.66 -13.48
C THR D 117 -0.90 68.88 -12.93
N VAL D 118 -0.87 68.67 -11.62
CA VAL D 118 -2.03 68.18 -10.90
C VAL D 118 -2.77 69.44 -10.43
N ARG D 119 -3.83 69.76 -11.15
CA ARG D 119 -4.63 70.96 -10.92
C ARG D 119 -5.50 70.82 -9.66
N GLY D 120 -6.03 69.61 -9.43
CA GLY D 120 -6.83 69.33 -8.25
C GLY D 120 -5.97 68.82 -7.12
N ASP D 121 -6.54 67.94 -6.30
CA ASP D 121 -5.88 67.46 -5.09
C ASP D 121 -5.15 66.14 -5.32
N LEU D 122 -4.16 65.84 -4.46
CA LEU D 122 -3.55 64.52 -4.42
C LEU D 122 -4.12 63.72 -3.26
N TYR D 123 -4.53 62.49 -3.55
CA TYR D 123 -5.08 61.59 -2.53
C TYR D 123 -4.26 60.34 -2.32
N ALA D 124 -4.15 59.93 -1.05
CA ALA D 124 -3.51 58.66 -0.69
C ALA D 124 -4.58 57.64 -0.28
N ASP D 125 -4.64 56.56 -1.04
CA ASP D 125 -5.75 55.61 -1.02
C ASP D 125 -5.26 54.30 -0.42
N ASP D 126 -5.60 54.05 0.83
CA ASP D 126 -5.25 52.77 1.44
C ASP D 126 -6.46 51.89 1.69
N THR D 127 -7.54 52.13 0.95
CA THR D 127 -8.84 51.52 1.26
C THR D 127 -8.90 50.02 1.02
N TRP D 128 -7.83 49.48 0.42
CA TRP D 128 -7.62 48.06 0.23
C TRP D 128 -7.71 47.27 1.55
N PHE D 129 -7.20 47.87 2.64
CA PHE D 129 -7.41 47.33 3.98
C PHE D 129 -8.42 48.26 4.65
N ASP D 130 -9.00 47.83 5.76
CA ASP D 130 -9.84 48.72 6.56
C ASP D 130 -8.93 49.73 7.26
N SER D 131 -9.51 50.66 8.00
CA SER D 131 -8.75 51.76 8.57
C SER D 131 -8.54 51.60 10.07
N GLU D 132 -8.69 50.36 10.56
CA GLU D 132 -8.35 50.03 11.93
C GLU D 132 -6.84 49.84 12.03
N ARG D 133 -6.21 50.77 12.71
CA ARG D 133 -4.75 50.88 12.71
C ARG D 133 -4.07 49.99 13.73
N LEU D 134 -4.77 49.72 14.83
CA LEU D 134 -4.19 49.02 15.94
C LEU D 134 -5.14 47.96 16.47
N VAL D 135 -4.60 46.82 16.88
CA VAL D 135 -5.41 45.78 17.55
C VAL D 135 -5.93 46.30 18.89
N ASP D 136 -7.22 46.03 19.14
CA ASP D 136 -7.92 46.37 20.38
C ASP D 136 -7.03 46.36 21.62
N ASP D 137 -6.44 45.20 21.94
CA ASP D 137 -5.78 45.00 23.25
C ASP D 137 -4.27 45.28 23.30
N TRP D 138 -3.73 45.82 22.20
CA TRP D 138 -2.40 46.43 22.18
C TRP D 138 -2.36 47.63 23.14
N TRP D 139 -1.22 47.82 23.79
CA TRP D 139 -1.09 48.90 24.76
C TRP D 139 -0.67 50.22 24.12
N PRO D 140 -1.40 51.32 24.44
CA PRO D 140 -1.10 52.65 23.89
C PRO D 140 0.31 53.15 24.20
N GLU D 141 0.92 52.64 25.27
CA GLU D 141 2.27 53.07 25.66
C GLU D 141 3.35 52.59 24.70
N ASP D 142 3.03 51.58 23.89
CA ASP D 142 3.95 51.00 22.91
C ASP D 142 3.88 51.67 21.55
N GLU D 143 2.94 52.60 21.39
CA GLU D 143 2.60 53.15 20.07
C GLU D 143 3.65 53.97 19.34
N PRO D 144 4.50 54.73 20.09
CA PRO D 144 5.64 55.43 19.50
C PRO D 144 6.70 54.54 18.83
N TYR D 145 6.77 53.29 19.23
CA TYR D 145 7.89 52.46 18.82
C TYR D 145 7.57 51.70 17.54
N ALA D 146 8.60 51.38 16.77
CA ALA D 146 8.45 50.82 15.41
C ALA D 146 7.54 49.61 15.32
N TYR D 147 7.68 48.68 16.26
CA TYR D 147 6.94 47.41 16.26
C TYR D 147 5.44 47.59 16.50
N SER D 148 5.04 48.80 16.89
CA SER D 148 3.63 49.08 17.16
C SER D 148 3.04 50.01 16.09
N ALA D 149 3.75 50.09 14.95
CA ALA D 149 3.34 50.92 13.81
C ALA D 149 1.90 50.65 13.37
N GLN D 150 1.22 51.71 12.94
CA GLN D 150 -0.16 51.63 12.49
C GLN D 150 -0.29 50.82 11.21
N ILE D 151 -1.37 50.06 11.08
CA ILE D 151 -1.53 49.19 9.92
C ILE D 151 -2.32 49.84 8.77
N SER D 152 -1.69 49.93 7.61
CA SER D 152 -2.32 50.51 6.44
C SER D 152 -1.93 49.71 5.21
N ALA D 153 -2.85 49.65 4.26
CA ALA D 153 -2.56 49.06 2.95
C ALA D 153 -1.55 49.91 2.19
N LEU D 154 -1.47 51.20 2.53
CA LEU D 154 -0.51 52.13 1.93
C LEU D 154 0.43 52.67 3.00
N THR D 155 1.67 52.21 2.96
CA THR D 155 2.65 52.46 4.01
C THR D 155 4.07 52.51 3.41
N VAL D 156 4.88 53.47 3.86
CA VAL D 156 6.26 53.54 3.40
C VAL D 156 7.19 52.79 4.36
N ALA D 157 7.88 51.80 3.83
CA ALA D 157 8.84 51.02 4.57
C ALA D 157 10.22 51.69 4.55
N HIS D 158 10.92 51.63 5.68
CA HIS D 158 12.23 52.28 5.83
C HIS D 158 13.37 51.28 5.86
N GLY D 159 14.46 51.63 5.17
CA GLY D 159 15.66 50.81 5.10
C GLY D 159 15.47 49.48 4.38
N GLU D 160 16.53 48.68 4.39
CA GLU D 160 16.53 47.33 3.81
C GLU D 160 15.73 46.35 4.67
N ARG D 161 15.47 46.73 5.93
CA ARG D 161 14.67 45.91 6.84
C ARG D 161 13.17 46.09 6.61
N PHE D 162 12.80 47.22 6.02
CA PHE D 162 11.44 47.53 5.58
C PHE D 162 10.48 47.75 6.76
N ASP D 163 10.95 48.52 7.73
CA ASP D 163 10.13 48.94 8.85
C ASP D 163 9.08 49.91 8.34
N THR D 164 7.83 49.47 8.39
CA THR D 164 6.70 50.27 7.85
C THR D 164 6.16 51.32 8.83
N GLY D 165 5.62 52.39 8.25
CA GLY D 165 4.88 53.43 8.97
C GLY D 165 5.66 54.19 10.01
N VAL D 166 6.99 54.21 9.83
CA VAL D 166 7.87 54.94 10.73
C VAL D 166 8.61 56.06 9.99
N THR D 167 9.28 56.90 10.77
CA THR D 167 10.22 57.89 10.27
C THR D 167 11.50 57.76 11.09
N GLU D 168 12.65 58.04 10.49
CA GLU D 168 13.90 57.99 11.25
C GLU D 168 14.19 59.39 11.80
N VAL D 169 14.21 59.48 13.12
CA VAL D 169 14.48 60.73 13.83
C VAL D 169 15.96 60.75 14.14
N SER D 170 16.64 61.80 13.72
CA SER D 170 18.06 61.88 13.99
C SER D 170 18.35 63.09 14.86
N VAL D 171 19.01 62.85 15.98
CA VAL D 171 19.37 63.90 16.93
C VAL D 171 20.89 64.13 16.90
N THR D 172 21.30 65.36 16.59
CA THR D 172 22.71 65.74 16.60
C THR D 172 22.93 66.74 17.72
N PRO D 173 23.86 66.46 18.65
CA PRO D 173 24.15 67.44 19.69
C PRO D 173 24.89 68.66 19.14
N ALA D 174 24.65 69.82 19.74
CA ALA D 174 25.51 70.96 19.50
C ALA D 174 26.66 70.89 20.51
N ALA D 175 26.85 71.95 21.28
CA ALA D 175 27.87 71.97 22.30
C ALA D 175 27.17 72.19 23.62
N GLU D 176 27.85 71.86 24.70
CA GLU D 176 27.30 71.90 26.05
C GLU D 176 26.44 73.14 26.30
N GLY D 177 25.26 72.92 26.86
CA GLY D 177 24.32 73.99 27.21
C GLY D 177 23.51 74.49 26.03
N GLU D 178 23.79 74.00 24.84
CA GLU D 178 23.08 74.41 23.62
C GLU D 178 21.95 73.44 23.28
N PRO D 179 20.93 73.93 22.54
CA PRO D 179 19.83 73.02 22.17
C PRO D 179 20.29 72.01 21.12
N ALA D 180 19.82 70.77 21.22
CA ALA D 180 20.18 69.75 20.24
C ALA D 180 19.39 69.94 18.95
N ASP D 181 19.99 69.55 17.84
CA ASP D 181 19.31 69.57 16.55
C ASP D 181 18.55 68.25 16.39
N VAL D 182 17.32 68.34 15.89
CA VAL D 182 16.51 67.14 15.64
C VAL D 182 16.00 67.15 14.21
N ASP D 183 16.32 66.09 13.47
CA ASP D 183 15.73 65.85 12.17
C ASP D 183 14.66 64.77 12.29
N LEU D 184 13.53 64.97 11.61
CA LEU D 184 12.44 63.98 11.58
C LEU D 184 12.56 62.94 10.48
N GLY D 185 13.40 63.21 9.48
CA GLY D 185 13.60 62.25 8.38
C GLY D 185 12.51 62.40 7.33
N ALA D 186 11.94 61.28 6.93
CA ALA D 186 10.82 61.28 5.98
C ALA D 186 9.59 62.08 6.45
N ALA D 187 9.37 62.15 7.76
CA ALA D 187 8.20 62.84 8.28
C ALA D 187 8.34 64.35 8.42
N GLU D 188 9.53 64.88 8.12
CA GLU D 188 9.76 66.34 8.08
C GLU D 188 8.76 67.04 7.15
N GLY D 189 8.01 67.99 7.69
CA GLY D 189 6.92 68.65 6.95
C GLY D 189 5.60 67.89 6.96
N TYR D 190 5.58 66.72 7.62
CA TYR D 190 4.36 65.93 7.88
C TYR D 190 4.00 65.86 9.39
N ALA D 191 4.96 65.40 10.21
CA ALA D 191 4.84 65.40 11.66
C ALA D 191 5.24 66.75 12.25
N GLU D 192 4.71 67.05 13.43
CA GLU D 192 5.13 68.22 14.16
C GLU D 192 6.32 67.83 15.04
N LEU D 193 7.22 68.79 15.27
CA LEU D 193 8.35 68.60 16.16
C LEU D 193 8.12 69.37 17.44
N ASP D 194 8.36 68.71 18.56
CA ASP D 194 8.40 69.37 19.84
C ASP D 194 9.76 69.04 20.44
N ASN D 195 10.74 69.91 20.18
CA ASN D 195 12.13 69.64 20.55
C ASN D 195 12.59 70.44 21.75
N ARG D 196 12.53 69.81 22.91
CA ARG D 196 12.96 70.42 24.18
C ARG D 196 14.35 69.91 24.58
N ALA D 197 14.99 69.13 23.72
CA ALA D 197 16.28 68.50 24.00
C ALA D 197 17.45 69.51 24.07
N VAL D 198 18.30 69.33 25.08
CA VAL D 198 19.51 70.14 25.23
C VAL D 198 20.78 69.31 24.96
N THR D 199 21.92 70.00 24.94
CA THR D 199 23.21 69.33 24.88
C THR D 199 23.87 69.47 26.24
N GLY D 200 24.24 68.34 26.84
CA GLY D 200 25.04 68.36 28.07
C GLY D 200 26.53 68.41 27.78
N ALA D 201 27.32 68.51 28.86
CA ALA D 201 28.78 68.45 28.78
C ALA D 201 29.21 67.11 28.17
N ALA D 202 30.41 67.06 27.60
CA ALA D 202 30.95 65.80 27.09
C ALA D 202 31.04 64.81 28.23
N GLY D 203 30.55 63.60 28.00
CA GLY D 203 30.61 62.54 29.02
C GLY D 203 29.67 62.73 30.19
N SER D 204 28.71 63.66 30.04
CA SER D 204 27.60 63.82 31.00
C SER D 204 26.57 62.71 30.77
N ALA D 205 25.60 62.62 31.70
CA ALA D 205 24.56 61.60 31.63
C ALA D 205 23.63 61.80 30.44
N ASN D 206 23.41 60.72 29.69
CA ASN D 206 22.49 60.72 28.57
C ASN D 206 21.07 60.49 29.11
N THR D 207 20.22 61.48 28.95
CA THR D 207 18.84 61.42 29.42
C THR D 207 17.85 61.76 28.30
N LEU D 208 18.25 61.45 27.06
CA LEU D 208 17.46 61.78 25.89
C LEU D 208 16.26 60.85 25.75
N VAL D 209 15.11 61.45 25.48
CA VAL D 209 13.86 60.73 25.24
C VAL D 209 13.21 61.24 23.96
N ILE D 210 12.83 60.32 23.09
CA ILE D 210 12.08 60.67 21.89
C ILE D 210 10.72 59.98 21.97
N ASP D 211 9.67 60.80 22.01
CA ASP D 211 8.30 60.31 22.20
C ASP D 211 7.39 60.69 21.01
N ARG D 212 6.24 60.02 20.92
CA ARG D 212 5.06 60.51 20.22
C ARG D 212 3.89 60.36 21.19
N PRO D 213 3.47 61.47 21.84
CA PRO D 213 2.33 61.40 22.77
C PRO D 213 1.08 60.86 22.07
N VAL D 214 0.36 59.96 22.77
CA VAL D 214 -0.83 59.29 22.21
C VAL D 214 -1.76 60.21 21.45
N GLY D 215 -2.24 59.72 20.31
CA GLY D 215 -3.24 60.40 19.50
C GLY D 215 -2.79 61.72 18.93
N THR D 216 -1.47 61.93 18.89
CA THR D 216 -0.90 63.10 18.25
C THR D 216 0.03 62.66 17.13
N ASN D 217 0.23 63.55 16.16
CA ASN D 217 1.26 63.34 15.16
C ASN D 217 2.43 64.29 15.40
N THR D 218 2.87 64.34 16.66
CA THR D 218 3.96 65.23 17.08
C THR D 218 5.08 64.44 17.75
N ILE D 219 6.31 64.61 17.26
CA ILE D 219 7.48 63.96 17.86
C ILE D 219 8.06 64.84 18.97
N ALA D 220 7.88 64.41 20.23
CA ALA D 220 8.33 65.19 21.38
C ALA D 220 9.66 64.69 21.95
N VAL D 221 10.69 65.53 21.85
CA VAL D 221 12.01 65.22 22.37
C VAL D 221 12.30 65.99 23.65
N THR D 222 12.63 65.28 24.74
CA THR D 222 13.04 65.92 25.99
C THR D 222 14.41 65.38 26.42
N GLY D 223 14.94 65.89 27.53
CA GLY D 223 16.19 65.37 28.08
C GLY D 223 17.47 65.99 27.56
N SER D 224 18.59 65.31 27.81
CA SER D 224 19.93 65.83 27.54
C SER D 224 20.83 64.80 26.85
N LEU D 225 21.50 65.25 25.79
CA LEU D 225 22.46 64.43 25.04
C LEU D 225 23.84 65.07 25.15
N PRO D 226 24.85 64.29 25.58
CA PRO D 226 26.19 64.85 25.82
C PRO D 226 26.89 65.35 24.55
N ALA D 227 27.61 66.47 24.69
CA ALA D 227 28.30 67.12 23.56
C ALA D 227 29.11 66.16 22.68
N ASP D 228 29.69 65.12 23.28
CA ASP D 228 30.53 64.20 22.53
C ASP D 228 29.83 62.89 22.12
N ALA D 229 28.54 62.77 22.45
CA ALA D 229 27.76 61.61 22.03
C ALA D 229 27.71 61.52 20.52
N ALA D 230 27.69 60.28 20.01
CA ALA D 230 27.50 60.04 18.58
C ALA D 230 26.04 60.33 18.20
N PRO D 231 25.83 61.01 17.07
CA PRO D 231 24.47 61.37 16.63
C PRO D 231 23.48 60.21 16.75
N VAL D 232 22.34 60.46 17.42
CA VAL D 232 21.36 59.41 17.70
C VAL D 232 20.34 59.28 16.57
N THR D 233 20.17 58.06 16.08
CA THR D 233 19.06 57.73 15.19
C THR D 233 18.08 56.81 15.91
N ALA D 234 16.79 57.15 15.83
CA ALA D 234 15.71 56.33 16.39
C ALA D 234 14.49 56.33 15.47
N LEU D 235 13.91 55.14 15.29
CA LEU D 235 12.70 54.95 14.49
C LEU D 235 11.47 55.26 15.33
N ARG D 236 10.64 56.16 14.83
CA ARG D 236 9.39 56.53 15.50
C ARG D 236 8.23 56.44 14.54
N THR D 237 7.08 56.08 15.08
CA THR D 237 5.91 55.90 14.26
C THR D 237 5.29 57.27 14.00
N VAL D 238 4.53 57.36 12.93
CA VAL D 238 3.73 58.55 12.63
C VAL D 238 2.26 58.11 12.59
N ASP D 239 1.35 59.05 12.84
CA ASP D 239 -0.06 58.80 12.63
C ASP D 239 -0.32 58.80 11.14
N GLU D 240 -1.18 57.89 10.70
CA GLU D 240 -1.61 57.78 9.31
C GLU D 240 -0.47 57.54 8.28
N PRO D 241 0.13 56.33 8.28
CA PRO D 241 1.19 56.03 7.30
C PRO D 241 0.83 56.46 5.87
N ALA D 242 -0.39 56.17 5.43
CA ALA D 242 -0.84 56.50 4.09
C ALA D 242 -0.74 58.01 3.80
N ALA D 243 -1.04 58.82 4.80
CA ALA D 243 -0.88 60.28 4.68
C ALA D 243 0.60 60.67 4.66
N LEU D 244 1.45 59.89 5.35
CA LEU D 244 2.89 60.09 5.15
C LEU D 244 3.29 59.71 3.71
N ALA D 245 2.75 58.60 3.19
CA ALA D 245 3.08 58.14 1.83
C ALA D 245 2.74 59.19 0.78
N GLY D 246 1.54 59.77 0.89
CA GLY D 246 1.08 60.84 -0.01
C GLY D 246 1.92 62.08 0.12
N HIS D 247 2.46 62.31 1.32
CA HIS D 247 3.37 63.43 1.54
C HIS D 247 4.69 63.31 0.76
N LEU D 248 5.35 62.16 0.91
CA LEU D 248 6.60 61.88 0.22
C LEU D 248 6.43 61.74 -1.31
N PHE D 249 5.23 61.35 -1.75
CA PHE D 249 4.94 61.19 -3.18
C PHE D 249 4.69 62.53 -3.84
N GLU D 250 4.21 63.50 -3.05
CA GLU D 250 4.03 64.85 -3.52
C GLU D 250 5.38 65.53 -3.72
N GLU D 251 6.35 65.11 -2.91
CA GLU D 251 7.70 65.63 -2.97
C GLU D 251 8.44 64.98 -4.14
N ALA D 252 8.23 63.68 -4.30
CA ALA D 252 8.79 62.90 -5.42
C ALA D 252 8.21 63.37 -6.75
N LEU D 253 6.91 63.64 -6.77
CA LEU D 253 6.24 64.21 -7.95
C LEU D 253 6.81 65.58 -8.31
N GLU D 254 7.05 66.42 -7.30
CA GLU D 254 7.68 67.73 -7.49
C GLU D 254 9.11 67.59 -8.05
N SER D 255 9.86 66.62 -7.52
CA SER D 255 11.21 66.32 -8.00
C SER D 255 11.25 65.90 -9.46
N ASN D 256 10.16 65.27 -9.93
CA ASN D 256 10.07 64.81 -11.31
C ASN D 256 9.29 65.80 -12.21
N GLY D 257 9.24 67.06 -11.78
CA GLY D 257 8.65 68.13 -12.57
C GLY D 257 7.14 68.09 -12.66
N VAL D 258 6.49 67.57 -11.62
CA VAL D 258 5.03 67.51 -11.57
C VAL D 258 4.53 68.41 -10.45
N THR D 259 3.78 69.44 -10.83
CA THR D 259 3.26 70.40 -9.86
C THR D 259 1.89 69.97 -9.32
N VAL D 260 1.82 69.84 -8.00
CA VAL D 260 0.55 69.56 -7.32
C VAL D 260 0.01 70.88 -6.78
N LYS D 261 -1.07 71.37 -7.38
CA LYS D 261 -1.65 72.67 -7.02
C LYS D 261 -2.57 72.61 -5.81
N GLY D 262 -3.37 71.55 -5.72
CA GLY D 262 -4.30 71.35 -4.60
C GLY D 262 -3.65 70.74 -3.37
N ASP D 263 -4.47 70.13 -2.51
CA ASP D 263 -4.01 69.61 -1.23
C ASP D 263 -3.60 68.14 -1.27
N VAL D 264 -2.94 67.68 -0.19
CA VAL D 264 -2.62 66.27 -0.02
C VAL D 264 -3.41 65.71 1.17
N GLY D 265 -4.14 64.63 0.94
CA GLY D 265 -4.95 64.01 1.99
C GLY D 265 -5.29 62.58 1.67
N LEU D 266 -6.13 61.99 2.52
CA LEU D 266 -6.59 60.62 2.37
C LEU D 266 -7.90 60.54 1.60
N GLY D 267 -7.96 59.63 0.63
CA GLY D 267 -9.18 59.41 -0.13
C GLY D 267 -9.08 58.23 -1.06
N GLY D 268 -10.20 57.53 -1.24
CA GLY D 268 -10.28 56.42 -2.18
C GLY D 268 -10.84 56.85 -3.52
N VAL D 269 -10.39 56.17 -4.58
CA VAL D 269 -10.89 56.38 -5.94
C VAL D 269 -12.43 56.36 -5.95
N PRO D 270 -13.05 57.45 -6.46
CA PRO D 270 -14.48 57.76 -6.27
C PRO D 270 -15.51 56.66 -6.56
N ALA D 271 -15.19 55.74 -7.45
CA ALA D 271 -16.08 54.61 -7.82
C ALA D 271 -16.94 54.91 -9.03
N ASP D 272 -17.26 56.19 -9.24
CA ASP D 272 -17.93 56.66 -10.45
C ASP D 272 -16.94 56.90 -11.60
N TRP D 273 -15.69 56.47 -11.40
CA TRP D 273 -14.68 56.45 -12.46
C TRP D 273 -14.78 55.11 -13.18
N GLN D 274 -15.46 55.09 -14.32
CA GLN D 274 -15.72 53.84 -15.05
C GLN D 274 -14.52 53.32 -15.85
N ASP D 275 -13.91 54.17 -16.67
CA ASP D 275 -12.61 53.83 -17.26
C ASP D 275 -11.49 54.74 -16.73
N ALA D 276 -10.70 54.19 -15.80
CA ALA D 276 -9.65 54.94 -15.12
C ALA D 276 -8.26 54.76 -15.75
N GLU D 277 -7.47 55.81 -15.70
CA GLU D 277 -6.13 55.80 -16.29
C GLU D 277 -5.05 55.54 -15.24
N VAL D 278 -4.38 54.40 -15.37
CA VAL D 278 -3.30 54.02 -14.45
C VAL D 278 -1.99 54.54 -15.04
N LEU D 279 -1.43 55.55 -14.37
CA LEU D 279 -0.28 56.29 -14.89
C LEU D 279 1.07 55.73 -14.45
N ALA D 280 1.07 55.01 -13.33
CA ALA D 280 2.30 54.50 -12.73
C ALA D 280 2.02 53.28 -11.89
N ASP D 281 2.87 52.26 -12.01
CA ASP D 281 2.76 51.05 -11.20
C ASP D 281 4.06 50.78 -10.46
N HIS D 282 3.94 49.97 -9.41
CA HIS D 282 5.05 49.27 -8.82
C HIS D 282 4.56 47.88 -8.42
N THR D 283 5.44 46.89 -8.62
CA THR D 283 5.20 45.55 -8.14
C THR D 283 6.36 45.17 -7.21
N SER D 284 6.03 44.74 -6.00
CA SER D 284 7.04 44.36 -5.02
C SER D 284 7.75 43.05 -5.42
N ALA D 285 8.76 42.68 -4.64
CA ALA D 285 9.35 41.37 -4.72
C ALA D 285 8.29 40.33 -4.32
N GLU D 286 8.49 39.07 -4.70
CA GLU D 286 7.51 38.05 -4.37
C GLU D 286 7.57 37.68 -2.87
N LEU D 287 6.53 37.02 -2.38
CA LEU D 287 6.35 36.78 -0.93
C LEU D 287 7.45 35.95 -0.28
N SER D 288 8.05 35.05 -1.07
CA SER D 288 9.19 34.25 -0.61
C SER D 288 10.34 35.16 -0.15
N GLU D 289 10.52 36.27 -0.86
CA GLU D 289 11.57 37.23 -0.60
C GLU D 289 11.25 38.11 0.61
N ILE D 290 9.98 38.51 0.72
CA ILE D 290 9.53 39.40 1.80
C ILE D 290 9.54 38.63 3.13
N LEU D 291 9.36 37.31 3.07
CA LEU D 291 9.42 36.45 4.26
C LEU D 291 10.75 36.56 5.01
N VAL D 292 11.82 36.82 4.28
CA VAL D 292 13.16 36.95 4.87
C VAL D 292 13.24 38.08 5.92
N PRO D 293 13.14 39.38 5.50
CA PRO D 293 13.23 40.45 6.52
C PRO D 293 12.06 40.49 7.51
N PHE D 294 10.94 39.86 7.12
CA PHE D 294 9.79 39.70 8.00
C PHE D 294 10.13 38.81 9.20
N MET D 295 10.54 37.57 8.92
CA MET D 295 10.77 36.55 9.95
C MET D 295 12.10 36.66 10.68
N LYS D 296 13.13 37.12 9.98
CA LYS D 296 14.46 37.33 10.57
C LYS D 296 14.46 38.38 11.68
N PHE D 297 13.76 39.48 11.43
CA PHE D 297 13.80 40.63 12.31
C PHE D 297 12.55 40.82 13.16
N SER D 298 11.57 39.93 12.94
CA SER D 298 10.33 39.90 13.72
C SER D 298 9.45 41.15 13.50
N ASN D 299 9.21 41.41 12.22
CA ASN D 299 8.49 42.58 11.77
C ASN D 299 6.98 42.46 12.00
N ASN D 300 6.49 43.18 13.01
CA ASN D 300 5.06 43.17 13.38
C ASN D 300 4.13 43.73 12.31
N GLY D 301 4.55 44.81 11.63
CA GLY D 301 3.76 45.39 10.54
C GLY D 301 3.52 44.42 9.40
N HIS D 302 4.59 43.76 8.95
CA HIS D 302 4.53 42.70 7.96
C HIS D 302 3.48 41.65 8.36
N ALA D 303 3.56 41.17 9.60
CA ALA D 303 2.65 40.13 10.07
C ALA D 303 1.19 40.53 9.87
N GLU D 304 0.83 41.71 10.37
CA GLU D 304 -0.53 42.23 10.33
C GLU D 304 -0.99 42.60 8.92
N MET D 305 -0.13 43.22 8.13
CA MET D 305 -0.40 43.39 6.70
C MET D 305 -0.68 42.04 6.01
N LEU D 306 0.11 41.04 6.32
CA LEU D 306 -0.12 39.69 5.77
C LEU D 306 -1.47 39.11 6.16
N VAL D 307 -1.88 39.35 7.42
CA VAL D 307 -3.22 38.95 7.90
C VAL D 307 -4.31 39.61 7.05
N LYS D 308 -4.34 40.94 7.06
CA LYS D 308 -5.30 41.67 6.23
C LYS D 308 -5.27 41.26 4.74
N SER D 309 -4.10 40.89 4.21
CA SER D 309 -4.04 40.38 2.85
C SER D 309 -4.72 39.03 2.69
N ILE D 310 -4.50 38.13 3.66
CA ILE D 310 -5.23 36.88 3.74
C ILE D 310 -6.76 37.18 3.77
N GLY D 311 -7.15 38.16 4.57
CA GLY D 311 -8.53 38.63 4.61
C GLY D 311 -9.10 39.00 3.25
N GLN D 312 -8.37 39.80 2.48
CA GLN D 312 -8.78 40.16 1.11
C GLN D 312 -8.90 38.94 0.20
N GLU D 313 -7.88 38.08 0.21
CA GLU D 313 -7.85 36.93 -0.68
C GLU D 313 -8.95 35.91 -0.39
N THR D 314 -9.19 35.65 0.89
CA THR D 314 -10.17 34.62 1.27
C THR D 314 -11.61 35.13 1.37
N ALA D 315 -11.77 36.41 1.72
CA ALA D 315 -13.09 36.89 2.11
C ALA D 315 -13.37 38.30 1.62
N GLY D 316 -12.42 38.87 0.87
CA GLY D 316 -12.60 40.15 0.18
C GLY D 316 -12.66 41.36 1.08
N ALA D 317 -11.96 41.28 2.22
CA ALA D 317 -11.90 42.37 3.17
C ALA D 317 -10.56 42.39 3.90
N GLY D 318 -9.88 43.53 3.85
CA GLY D 318 -8.63 43.70 4.57
C GLY D 318 -8.90 44.06 6.00
N THR D 319 -9.41 43.10 6.74
CA THR D 319 -9.71 43.25 8.15
C THR D 319 -8.99 42.13 8.94
N TRP D 320 -8.85 42.36 10.24
CA TRP D 320 -8.33 41.35 11.17
C TRP D 320 -9.27 40.17 11.40
N ASP D 321 -10.59 40.43 11.44
CA ASP D 321 -11.60 39.40 11.60
C ASP D 321 -11.57 38.39 10.47
N ALA D 322 -11.50 38.88 9.23
CA ALA D 322 -11.43 38.00 8.07
C ALA D 322 -10.08 37.30 8.00
N GLY D 323 -9.01 38.08 8.17
CA GLY D 323 -7.65 37.58 8.13
C GLY D 323 -7.33 36.45 9.09
N LEU D 324 -7.73 36.57 10.36
CA LEU D 324 -7.50 35.52 11.35
C LEU D 324 -8.36 34.28 11.14
N VAL D 325 -9.56 34.50 10.59
CA VAL D 325 -10.39 33.36 10.18
C VAL D 325 -9.64 32.59 9.08
N GLY D 326 -9.16 33.31 8.06
CA GLY D 326 -8.37 32.75 6.97
C GLY D 326 -7.08 32.07 7.39
N VAL D 327 -6.46 32.61 8.45
CA VAL D 327 -5.27 31.99 9.04
C VAL D 327 -5.58 30.63 9.67
N GLU D 328 -6.64 30.57 10.48
CA GLU D 328 -7.04 29.34 11.13
C GLU D 328 -7.47 28.27 10.13
N GLU D 329 -8.17 28.69 9.05
CA GLU D 329 -8.61 27.75 8.02
C GLU D 329 -7.45 27.19 7.21
N ALA D 330 -6.54 28.08 6.80
CA ALA D 330 -5.29 27.72 6.11
C ALA D 330 -4.45 26.73 6.94
N LEU D 331 -4.42 26.95 8.25
CA LEU D 331 -3.70 26.10 9.18
C LEU D 331 -4.37 24.74 9.32
N SER D 332 -5.70 24.75 9.40
CA SER D 332 -6.46 23.51 9.43
C SER D 332 -6.28 22.72 8.12
N GLY D 333 -6.37 23.42 6.98
CA GLY D 333 -6.16 22.79 5.67
C GLY D 333 -4.74 22.26 5.47
N LEU D 334 -3.79 22.83 6.21
CA LEU D 334 -2.39 22.40 6.18
C LEU D 334 -2.16 21.24 7.15
N GLY D 335 -3.23 20.75 7.76
CA GLY D 335 -3.14 19.56 8.61
C GLY D 335 -2.88 19.82 10.09
N VAL D 336 -2.67 21.09 10.45
CA VAL D 336 -2.43 21.45 11.84
C VAL D 336 -3.74 21.43 12.65
N ASP D 337 -3.65 20.89 13.86
CA ASP D 337 -4.74 20.87 14.83
C ASP D 337 -4.79 22.21 15.56
N THR D 338 -5.90 22.92 15.42
CA THR D 338 -5.95 24.31 15.87
C THR D 338 -6.74 24.48 17.17
N ALA D 339 -7.02 23.37 17.85
CA ALA D 339 -7.84 23.38 19.06
C ALA D 339 -7.32 24.26 20.21
N GLY D 340 -6.00 24.34 20.38
CA GLY D 340 -5.41 25.10 21.49
C GLY D 340 -5.05 26.53 21.14
N LEU D 341 -5.24 26.85 19.87
CA LEU D 341 -4.80 28.10 19.26
C LEU D 341 -5.86 29.19 19.42
N VAL D 342 -5.46 30.36 19.90
CA VAL D 342 -6.35 31.51 19.99
C VAL D 342 -5.69 32.70 19.29
N LEU D 343 -6.34 33.19 18.24
CA LEU D 343 -5.75 34.15 17.32
C LEU D 343 -6.34 35.54 17.51
N ASN D 344 -5.51 36.48 17.92
CA ASN D 344 -5.97 37.83 18.08
C ASN D 344 -5.21 38.78 17.16
N ASP D 345 -4.05 38.32 16.67
CA ASP D 345 -3.26 39.04 15.65
C ASP D 345 -2.27 38.14 14.96
N GLY D 346 -1.61 38.66 13.93
CA GLY D 346 -0.61 37.90 13.19
C GLY D 346 0.80 38.01 13.75
N SER D 347 1.04 39.07 14.52
CA SER D 347 2.40 39.39 14.98
C SER D 347 2.77 38.74 16.32
N GLY D 348 1.78 38.52 17.17
CA GLY D 348 2.07 38.04 18.51
C GLY D 348 2.25 39.16 19.52
N LEU D 349 2.12 40.40 19.08
CA LEU D 349 2.20 41.53 19.98
C LEU D 349 1.05 41.49 20.99
N SER D 350 -0.15 41.19 20.50
CA SER D 350 -1.35 41.09 21.34
C SER D 350 -1.22 40.01 22.41
N ARG D 351 -1.63 40.37 23.63
CA ARG D 351 -1.66 39.47 24.77
C ARG D 351 -2.89 38.55 24.80
N GLY D 352 -3.73 38.65 23.78
CA GLY D 352 -4.90 37.79 23.65
C GLY D 352 -4.67 36.61 22.72
N ASN D 353 -3.43 36.41 22.31
CA ASN D 353 -3.05 35.20 21.58
C ASN D 353 -2.79 34.07 22.55
N LEU D 354 -2.95 32.82 22.09
CA LEU D 354 -2.59 31.62 22.83
C LEU D 354 -2.10 30.53 21.88
N VAL D 355 -1.02 29.87 22.26
CA VAL D 355 -0.61 28.63 21.60
C VAL D 355 -0.43 27.53 22.63
N THR D 356 -0.06 26.34 22.16
CA THR D 356 0.50 25.29 23.00
C THR D 356 1.77 24.86 22.26
N ALA D 357 2.70 24.21 22.97
CA ALA D 357 3.93 23.75 22.32
C ALA D 357 3.69 22.58 21.36
N ASP D 358 2.66 21.77 21.63
CA ASP D 358 2.24 20.73 20.69
C ASP D 358 1.80 21.32 19.37
N THR D 359 1.01 22.40 19.45
CA THR D 359 0.57 23.16 18.27
C THR D 359 1.74 23.69 17.42
N VAL D 360 2.72 24.32 18.06
CA VAL D 360 3.85 24.89 17.33
C VAL D 360 4.64 23.81 16.60
N VAL D 361 4.94 22.73 17.32
CA VAL D 361 5.66 21.59 16.80
C VAL D 361 4.86 20.86 15.71
N ASP D 362 3.55 20.72 15.91
CA ASP D 362 2.68 20.23 14.84
C ASP D 362 2.86 21.10 13.60
N LEU D 363 2.83 22.44 13.77
CA LEU D 363 3.05 23.38 12.67
C LEU D 363 4.43 23.21 12.04
N LEU D 364 5.45 23.02 12.88
CA LEU D 364 6.81 22.78 12.38
C LEU D 364 6.91 21.52 11.50
N GLY D 365 6.12 20.50 11.82
CA GLY D 365 6.02 19.27 11.01
C GLY D 365 5.40 19.51 9.65
N GLN D 366 4.19 20.07 9.65
CA GLN D 366 3.47 20.37 8.41
C GLN D 366 4.20 21.38 7.51
N ALA D 367 4.87 22.36 8.12
CA ALA D 367 5.68 23.29 7.33
C ALA D 367 6.80 22.56 6.57
N GLY D 368 7.43 21.61 7.25
CA GLY D 368 8.54 20.83 6.69
C GLY D 368 8.19 20.03 5.44
N SER D 369 6.97 19.51 5.40
CA SER D 369 6.55 18.63 4.30
C SER D 369 5.85 19.39 3.17
N ALA D 370 5.63 20.69 3.37
CA ALA D 370 4.96 21.58 2.41
C ALA D 370 5.86 21.92 1.22
N PRO D 371 5.26 22.30 0.08
CA PRO D 371 6.02 22.71 -1.12
C PRO D 371 6.85 23.98 -0.90
N TRP D 372 6.47 24.77 0.10
CA TRP D 372 7.15 26.00 0.43
C TRP D 372 8.09 25.85 1.62
N ALA D 373 8.43 24.61 1.95
CA ALA D 373 9.34 24.30 3.06
C ALA D 373 10.65 25.06 2.93
N GLN D 374 11.12 25.22 1.70
CA GLN D 374 12.38 25.90 1.45
C GLN D 374 12.31 27.41 1.66
N THR D 375 11.31 28.09 1.10
CA THR D 375 11.25 29.54 1.30
C THR D 375 10.87 29.89 2.75
N TRP D 376 10.33 28.90 3.46
CA TRP D 376 10.01 28.98 4.90
C TRP D 376 11.27 28.94 5.77
N SER D 377 12.19 28.03 5.50
CA SER D 377 13.42 27.95 6.30
C SER D 377 14.36 29.14 6.02
N ALA D 378 14.46 29.53 4.75
CA ALA D 378 15.20 30.74 4.33
C ALA D 378 14.75 32.01 5.06
N SER D 379 13.60 31.97 5.74
CA SER D 379 13.12 33.11 6.52
C SER D 379 13.53 33.06 8.01
N LEU D 380 13.78 31.85 8.52
CA LEU D 380 14.08 31.63 9.93
C LEU D 380 15.50 32.02 10.30
N PRO D 381 15.65 32.85 11.36
CA PRO D 381 16.96 33.16 11.94
C PRO D 381 17.85 31.93 12.14
N VAL D 382 19.11 32.04 11.71
CA VAL D 382 20.11 31.01 11.96
C VAL D 382 20.97 31.44 13.16
N ALA D 383 21.04 30.59 14.18
CA ALA D 383 21.70 30.93 15.44
C ALA D 383 23.18 31.30 15.31
N GLY D 384 23.54 32.44 15.90
CA GLY D 384 24.94 32.82 16.07
C GLY D 384 25.61 33.48 14.89
N GLU D 385 24.86 33.73 13.83
CA GLU D 385 25.40 34.36 12.62
C GLU D 385 25.43 35.88 12.72
N SER D 386 26.59 36.47 12.43
CA SER D 386 26.83 37.90 12.54
C SER D 386 26.01 38.76 11.57
N ASP D 387 25.90 38.31 10.31
CA ASP D 387 25.15 39.02 9.27
C ASP D 387 23.71 39.12 9.70
N PRO D 388 23.19 40.37 9.85
CA PRO D 388 21.83 40.58 10.36
C PRO D 388 20.76 39.80 9.58
N PHE D 389 20.82 39.85 8.24
CA PHE D 389 19.87 39.14 7.36
C PHE D 389 20.01 37.61 7.38
N VAL D 390 21.04 37.11 8.07
CA VAL D 390 21.23 35.67 8.23
C VAL D 390 20.92 35.25 9.67
N GLY D 391 21.52 35.93 10.64
CA GLY D 391 21.30 35.65 12.05
C GLY D 391 19.97 36.15 12.58
N GLY D 392 19.57 37.35 12.15
CA GLY D 392 18.33 37.98 12.59
C GLY D 392 18.30 38.19 14.09
N THR D 393 17.15 37.91 14.70
CA THR D 393 17.02 38.02 16.16
C THR D 393 17.90 37.00 16.90
N LEU D 394 18.51 36.07 16.15
CA LEU D 394 19.43 35.10 16.73
C LEU D 394 20.92 35.45 16.51
N ALA D 395 21.18 36.58 15.88
CA ALA D 395 22.55 37.00 15.54
C ALA D 395 23.57 36.97 16.68
N ASN D 396 23.16 37.44 17.86
CA ASN D 396 24.09 37.53 19.00
C ASN D 396 23.86 36.46 20.05
N ARG D 397 23.20 35.37 19.65
CA ARG D 397 22.92 34.25 20.56
C ARG D 397 23.51 32.93 20.09
N MET D 398 24.02 32.16 21.04
CA MET D 398 24.57 30.81 20.80
C MET D 398 25.88 30.75 20.00
N ARG D 399 26.57 31.89 19.89
CA ARG D 399 27.87 31.99 19.21
C ARG D 399 28.94 31.09 19.84
N GLY D 400 29.71 30.45 18.98
CA GLY D 400 30.76 29.53 19.41
C GLY D 400 30.24 28.29 20.13
N THR D 401 29.03 27.84 19.79
CA THR D 401 28.51 26.58 20.28
C THR D 401 28.22 25.63 19.12
N ALA D 402 27.82 24.40 19.45
CA ALA D 402 27.36 23.41 18.47
C ALA D 402 26.22 23.94 17.59
N ALA D 403 25.39 24.81 18.15
CA ALA D 403 24.20 25.37 17.50
C ALA D 403 24.47 26.52 16.50
N GLU D 404 25.66 27.12 16.58
CA GLU D 404 26.01 28.23 15.69
C GLU D 404 26.01 27.80 14.20
N GLY D 405 25.15 28.45 13.41
CA GLY D 405 25.03 28.14 11.98
C GLY D 405 24.23 26.88 11.66
N VAL D 406 23.68 26.26 12.71
CA VAL D 406 22.95 24.99 12.61
C VAL D 406 21.44 25.19 12.86
N VAL D 407 21.12 25.73 14.02
CA VAL D 407 19.75 25.95 14.48
C VAL D 407 19.04 27.11 13.75
N GLU D 408 17.88 26.78 13.18
CA GLU D 408 16.97 27.73 12.59
C GLU D 408 15.81 27.80 13.55
N ALA D 409 15.54 28.99 14.08
CA ALA D 409 14.48 29.15 15.07
C ALA D 409 13.84 30.54 15.06
N LYS D 410 12.58 30.62 15.49
CA LYS D 410 11.89 31.90 15.61
C LYS D 410 11.84 32.31 17.06
N THR D 411 12.17 33.58 17.29
CA THR D 411 12.22 34.13 18.64
C THR D 411 10.84 34.65 19.06
N GLY D 412 10.74 35.18 20.27
CA GLY D 412 9.51 35.83 20.70
C GLY D 412 9.54 36.20 22.17
N THR D 413 9.73 37.49 22.46
CA THR D 413 9.83 37.97 23.86
C THR D 413 9.00 39.24 24.10
N MET D 414 8.26 39.25 25.22
CA MET D 414 7.67 40.45 25.84
C MET D 414 7.81 40.27 27.34
N SER D 415 7.21 41.17 28.10
CA SER D 415 7.17 41.08 29.56
C SER D 415 6.56 39.75 30.01
N GLY D 416 7.29 39.02 30.84
CA GLY D 416 6.82 37.72 31.34
C GLY D 416 6.48 36.73 30.24
N VAL D 417 7.02 36.96 29.05
CA VAL D 417 6.80 36.07 27.91
C VAL D 417 8.09 35.97 27.08
N SER D 418 8.49 34.75 26.78
CA SER D 418 9.61 34.46 25.91
C SER D 418 9.38 33.08 25.29
N ALA D 419 9.92 32.87 24.08
CA ALA D 419 9.73 31.63 23.35
C ALA D 419 10.78 31.46 22.26
N LEU D 420 11.14 30.20 22.02
CA LEU D 420 12.04 29.79 20.95
C LEU D 420 11.52 28.51 20.36
N SER D 421 11.33 28.49 19.05
CA SER D 421 10.88 27.29 18.36
C SER D 421 11.52 27.19 16.98
N GLY D 422 11.94 25.99 16.60
CA GLY D 422 12.54 25.77 15.29
C GLY D 422 12.97 24.36 14.92
N TYR D 423 14.09 24.29 14.21
CA TYR D 423 14.59 23.05 13.63
C TYR D 423 16.07 22.82 13.95
N VAL D 424 16.42 21.55 14.15
CA VAL D 424 17.81 21.15 14.37
C VAL D 424 18.16 20.11 13.31
N PRO D 425 18.93 20.50 12.27
CA PRO D 425 19.26 19.53 11.23
C PRO D 425 20.44 18.62 11.59
N GLY D 426 20.21 17.31 11.61
CA GLY D 426 21.28 16.35 11.83
C GLY D 426 21.63 15.58 10.58
N PRO D 427 22.65 14.69 10.65
CA PRO D 427 22.98 13.81 9.53
C PRO D 427 21.81 12.87 9.25
N GLU D 428 21.09 12.52 10.31
CA GLU D 428 19.90 11.67 10.27
C GLU D 428 18.77 12.35 9.49
N GLY D 429 17.90 13.07 10.19
CA GLY D 429 16.84 13.84 9.54
C GLY D 429 16.80 15.26 10.07
N GLU D 430 15.79 15.57 10.86
CA GLU D 430 15.60 16.92 11.40
C GLU D 430 14.77 16.87 12.67
N LEU D 431 15.11 17.72 13.63
CA LEU D 431 14.33 17.85 14.84
C LEU D 431 13.56 19.14 14.81
N ALA D 432 12.34 19.09 15.33
CA ALA D 432 11.49 20.26 15.47
C ALA D 432 11.26 20.43 16.96
N PHE D 433 11.41 21.67 17.43
CA PHE D 433 11.28 21.93 18.86
C PHE D 433 10.49 23.18 19.16
N SER D 434 9.84 23.20 20.33
CA SER D 434 9.19 24.42 20.82
C SER D 434 9.41 24.59 22.32
N ILE D 435 10.04 25.70 22.67
CA ILE D 435 10.17 26.15 24.07
C ILE D 435 9.33 27.41 24.28
N VAL D 436 8.36 27.35 25.19
CA VAL D 436 7.50 28.51 25.50
C VAL D 436 7.35 28.75 27.00
N ASN D 437 7.95 29.83 27.47
CA ASN D 437 7.97 30.22 28.88
C ASN D 437 7.11 31.46 29.10
N ASN D 438 6.24 31.38 30.12
CA ASN D 438 5.33 32.44 30.51
C ASN D 438 5.43 32.62 32.02
N GLY D 439 5.16 33.82 32.51
CA GLY D 439 5.01 34.07 33.96
C GLY D 439 6.28 34.10 34.79
N HIS D 440 7.43 34.07 34.12
CA HIS D 440 8.72 34.28 34.79
C HIS D 440 8.81 35.73 35.24
N SER D 441 9.59 36.01 36.29
CA SER D 441 9.58 37.35 36.89
C SER D 441 10.74 38.27 36.48
N GLY D 442 11.85 37.69 36.06
CA GLY D 442 13.00 38.48 35.61
C GLY D 442 13.12 38.50 34.11
N PRO D 443 14.37 38.55 33.59
CA PRO D 443 14.58 38.58 32.14
C PRO D 443 14.19 37.28 31.47
N ALA D 444 13.73 37.37 30.22
CA ALA D 444 13.42 36.20 29.42
C ALA D 444 14.53 35.17 29.57
N PRO D 445 14.17 33.94 29.97
CA PRO D 445 15.13 32.86 30.17
C PRO D 445 15.79 32.46 28.86
N LEU D 446 16.60 33.36 28.32
CA LEU D 446 17.20 33.17 27.01
C LEU D 446 18.39 32.17 27.05
N ALA D 447 19.09 32.14 28.17
CA ALA D 447 20.20 31.22 28.39
C ALA D 447 19.66 29.80 28.43
N VAL D 448 18.51 29.64 29.08
CA VAL D 448 17.81 28.37 29.23
C VAL D 448 17.40 27.86 27.85
N GLN D 449 16.86 28.76 27.02
CA GLN D 449 16.46 28.41 25.67
C GLN D 449 17.65 28.02 24.79
N ASP D 450 18.75 28.78 24.90
CA ASP D 450 20.01 28.44 24.23
C ASP D 450 20.57 27.11 24.73
N ALA D 451 20.59 26.92 26.05
CA ALA D 451 21.07 25.69 26.66
C ALA D 451 20.42 24.48 26.00
N ILE D 452 19.11 24.55 25.80
CA ILE D 452 18.35 23.47 25.21
C ILE D 452 18.64 23.28 23.71
N ALA D 453 18.72 24.39 22.98
CA ALA D 453 18.96 24.32 21.54
C ALA D 453 20.36 23.76 21.22
N VAL D 454 21.35 24.21 21.98
CA VAL D 454 22.74 23.74 21.87
C VAL D 454 22.83 22.25 22.21
N ARG D 455 22.18 21.85 23.31
CA ARG D 455 22.07 20.45 23.67
C ARG D 455 21.42 19.61 22.56
N LEU D 456 20.35 20.15 21.97
CA LEU D 456 19.67 19.52 20.83
C LEU D 456 20.57 19.41 19.62
N ALA D 457 21.41 20.43 19.40
CA ALA D 457 22.40 20.39 18.33
C ALA D 457 23.49 19.32 18.63
N GLU D 458 23.84 19.19 19.90
CA GLU D 458 24.82 18.20 20.34
C GLU D 458 24.26 16.79 20.11
N TYR D 459 22.97 16.62 20.39
CA TYR D 459 22.26 15.35 20.17
C TYR D 459 22.23 15.00 18.68
N ALA D 460 22.24 16.02 17.82
CA ALA D 460 22.26 15.83 16.37
C ALA D 460 23.69 15.77 15.78
N GLY D 461 24.66 15.35 16.59
CA GLY D 461 26.03 15.15 16.13
C GLY D 461 26.89 16.35 15.78
N HIS D 462 26.49 17.53 16.27
CA HIS D 462 27.26 18.76 16.05
C HIS D 462 28.10 19.09 17.28
N GLN D 463 29.26 19.69 17.06
CA GLN D 463 30.11 20.13 18.16
C GLN D 463 30.39 21.63 18.13
N ALA D 464 30.80 22.16 19.28
CA ALA D 464 31.17 23.57 19.38
C ALA D 464 32.47 23.88 18.64
N PRO D 465 32.46 24.92 17.78
CA PRO D 465 33.68 25.38 17.11
C PRO D 465 34.68 26.00 18.07
N GLU D 466 35.97 25.72 17.84
CA GLU D 466 37.05 26.27 18.66
C GLU D 466 37.88 27.28 17.87
S SO4 E . -28.56 -47.23 -27.01
O1 SO4 E . -28.10 -46.65 -28.28
O2 SO4 E . -28.10 -48.61 -26.88
O3 SO4 E . -30.01 -47.24 -26.98
O4 SO4 E . -28.03 -46.49 -25.88
S SO4 F . -26.43 -44.53 4.27
O1 SO4 F . -25.60 -45.43 3.48
O2 SO4 F . -25.68 -44.11 5.45
O3 SO4 F . -27.63 -45.24 4.66
O4 SO4 F . -26.82 -43.36 3.50
S SO4 G . -33.98 -33.06 -25.53
O1 SO4 G . -33.27 -33.56 -24.36
O2 SO4 G . -35.29 -32.53 -25.15
O3 SO4 G . -34.14 -34.13 -26.53
O4 SO4 G . -33.18 -32.01 -26.15
S SO4 H . -11.62 -32.04 -20.45
O1 SO4 H . -12.85 -32.84 -20.47
O2 SO4 H . -11.15 -31.85 -19.08
O3 SO4 H . -11.94 -30.74 -21.04
O4 SO4 H . -10.61 -32.75 -21.24
S SO4 I . -36.58 -40.41 -14.35
O1 SO4 I . -37.17 -41.30 -15.35
O2 SO4 I . -37.27 -40.56 -13.07
O3 SO4 I . -36.76 -39.00 -14.75
O4 SO4 I . -35.14 -40.69 -14.23
CO CO J . -29.22 -23.59 -6.17
CO CO K . -41.32 -66.56 -26.92
O1 BO8 L . 12.27 -28.73 28.13
C1 BO8 L . 13.04 -28.31 27.27
N BO8 L . 12.71 -27.39 26.37
CA BO8 L . 11.47 -26.88 26.37
B BO8 L . 11.47 -25.39 26.48
OB1 BO8 L . 12.42 -24.81 25.43
OB2 BO8 L . 11.93 -24.90 27.86
CB BO8 L . 10.75 -27.40 25.12
CA1 BO8 L . 14.45 -28.86 27.17
CB1 BO8 L . 14.47 -29.75 25.93
CG1 BO8 L . 15.67 -30.69 25.91
CD1 BO8 L . 15.51 -31.69 24.76
CE1 BO8 L . 16.81 -32.29 24.26
NZ1 BO8 L . 16.46 -33.18 23.18
CZ1 BO8 L . 17.76 -31.25 23.73
O BO8 L . 18.75 -30.92 24.41
OH1 BO8 L . 17.55 -30.76 22.59
S SO4 M . 13.99 -22.72 28.94
O1 SO4 M . 15.05 -21.72 29.10
O2 SO4 M . 14.37 -23.71 27.94
O3 SO4 M . 12.75 -22.08 28.51
O4 SO4 M . 13.78 -23.36 30.25
S SO4 N . -11.29 -29.22 47.25
O1 SO4 N . -11.58 -29.25 45.82
O2 SO4 N . -10.35 -30.26 47.66
O3 SO4 N . -12.55 -29.44 47.94
O4 SO4 N . -10.73 -27.91 47.58
S SO4 O . 18.79 -34.78 36.43
O1 SO4 O . 19.57 -34.17 35.36
O2 SO4 O . 18.31 -33.77 37.37
O3 SO4 O . 19.65 -35.72 37.15
O4 SO4 O . 17.61 -35.43 35.83
S SO4 P . 2.51 -43.48 22.87
O1 SO4 P . 3.23 -42.23 23.02
O2 SO4 P . 2.09 -44.00 24.18
O3 SO4 P . 3.41 -44.42 22.25
O4 SO4 P . 1.30 -43.25 22.10
S SO4 Q . 9.59 -28.09 44.02
O1 SO4 Q . 10.33 -29.35 44.13
O2 SO4 Q . 8.75 -27.94 45.22
O3 SO4 Q . 8.73 -28.10 42.84
O4 SO4 Q . 10.53 -26.97 43.94
O1 BO8 R . 19.17 29.65 -28.41
C1 BO8 R . 19.83 30.43 -29.10
N BO8 R . 19.35 31.58 -29.61
CA BO8 R . 18.10 32.01 -29.43
B BO8 R . 17.98 33.37 -28.82
OB1 BO8 R . 18.85 34.40 -29.53
OB2 BO8 R . 18.39 33.35 -27.35
CB BO8 R . 17.39 32.00 -30.79
CA1 BO8 R . 21.27 30.08 -29.39
CB1 BO8 R . 21.31 29.28 -30.69
CG1 BO8 R . 22.74 28.90 -31.08
CD1 BO8 R . 22.68 27.90 -32.24
CE1 BO8 R . 24.01 27.57 -32.93
NZ1 BO8 R . 23.68 26.78 -34.12
CZ1 BO8 R . 24.78 28.81 -33.36
O BO8 R . 25.51 29.40 -32.52
OH1 BO8 R . 24.69 29.20 -34.55
S SO4 S . 20.45 35.59 -26.18
O1 SO4 S . 20.85 35.31 -27.56
O2 SO4 S . 20.25 34.33 -25.46
O3 SO4 S . 19.19 36.35 -26.22
O4 SO4 S . 21.49 36.38 -25.51
S SO4 T . -3.40 23.34 -9.13
O1 SO4 T . -2.74 24.21 -10.10
O2 SO4 T . -4.81 23.27 -9.51
O3 SO4 T . -3.23 23.91 -7.79
O4 SO4 T . -2.80 22.01 -9.13
S SO4 U . 26.76 23.19 -21.40
O1 SO4 U . 27.51 21.95 -21.49
O2 SO4 U . 25.41 23.02 -21.95
O3 SO4 U . 27.47 24.19 -22.19
O4 SO4 U . 26.65 23.63 -20.01
S SO4 V . 10.68 15.47 -36.10
O1 SO4 V . 9.49 14.92 -35.46
O2 SO4 V . 10.71 16.92 -36.07
O3 SO4 V . 10.66 15.06 -37.50
O4 SO4 V . 11.90 14.97 -35.47
S SO4 W . 17.18 27.26 -12.60
O1 SO4 W . 17.86 25.99 -12.30
O2 SO4 W . 16.34 27.54 -11.43
O3 SO4 W . 16.33 27.19 -13.80
O4 SO4 W . 18.17 28.31 -12.79
S SO4 X . 11.36 38.93 19.04
O1 SO4 X . 10.74 39.05 20.36
O2 SO4 X . 11.03 40.04 18.15
O3 SO4 X . 10.91 37.71 18.38
O4 SO4 X . 12.81 38.89 19.28
S SO4 Y . 8.20 48.22 -11.13
O1 SO4 Y . 9.13 47.25 -10.53
O2 SO4 Y . 6.84 47.67 -11.12
O3 SO4 Y . 8.58 48.50 -12.51
O4 SO4 Y . 8.24 49.50 -10.39
S SO4 Z . 14.92 53.26 20.45
O1 SO4 Z . 16.19 52.58 20.23
O2 SO4 Z . 13.95 52.36 21.08
O3 SO4 Z . 14.40 53.67 19.15
O4 SO4 Z . 15.13 54.42 21.31
S SO4 AA . -7.63 52.50 15.60
O1 SO4 AA . -6.64 51.47 15.90
O2 SO4 AA . -8.90 52.12 16.20
O3 SO4 AA . -7.82 52.69 14.17
O4 SO4 AA . -7.19 53.76 16.20
S SO4 BA . 18.18 49.17 7.98
O1 SO4 BA . 16.79 48.87 7.61
O2 SO4 BA . 18.66 50.31 7.20
O3 SO4 BA . 19.04 48.01 7.72
O4 SO4 BA . 18.26 49.47 9.40
CO CO CA . 9.02 66.17 3.72
CO CO DA . 28.17 22.03 12.86
O1 MES EA . 12.23 24.10 7.65
C2 MES EA . 11.42 23.25 6.85
C3 MES EA . 12.16 22.85 5.58
N4 MES EA . 13.47 22.38 5.99
C5 MES EA . 14.33 23.17 6.88
C6 MES EA . 13.45 23.49 8.10
C7 MES EA . 13.94 21.09 5.50
C8 MES EA . 15.32 21.37 4.91
S MES EA . 16.02 20.04 4.19
O1S MES EA . 15.31 18.80 4.58
O2S MES EA . 15.97 20.20 2.72
O3S MES EA . 17.43 19.98 4.67
#